data_5KC5
# 
_entry.id   5KC5 
# 
_audit_conform.dict_name       mmcif_pdbx.dic 
_audit_conform.dict_version    5.397 
_audit_conform.dict_location   http://mmcif.pdb.org/dictionaries/ascii/mmcif_pdbx.dic 
# 
loop_
_database_2.database_id 
_database_2.database_code 
_database_2.pdbx_database_accession 
_database_2.pdbx_DOI 
PDB   5KC5         pdb_00005kc5 10.2210/pdb5kc5/pdb 
WWPDB D_1000221684 ?            ?                   
# 
loop_
_pdbx_audit_revision_history.ordinal 
_pdbx_audit_revision_history.data_content_type 
_pdbx_audit_revision_history.major_revision 
_pdbx_audit_revision_history.minor_revision 
_pdbx_audit_revision_history.revision_date 
1 'Structure model' 1 0 2016-07-27 
2 'Structure model' 1 1 2020-07-29 
3 'Structure model' 1 2 2024-01-10 
4 'Structure model' 1 3 2024-10-16 
# 
loop_
_pdbx_audit_revision_details.ordinal 
_pdbx_audit_revision_details.revision_ordinal 
_pdbx_audit_revision_details.data_content_type 
_pdbx_audit_revision_details.provider 
_pdbx_audit_revision_details.type 
_pdbx_audit_revision_details.description 
_pdbx_audit_revision_details.details 
1 1 'Structure model' repository 'Initial release' ?                          ? 
2 2 'Structure model' repository Remediation       'Carbohydrate remediation' ? 
# 
loop_
_pdbx_audit_revision_group.ordinal 
_pdbx_audit_revision_group.revision_ordinal 
_pdbx_audit_revision_group.data_content_type 
_pdbx_audit_revision_group.group 
1 2 'Structure model' 'Data collection'        
2 2 'Structure model' 'Derived calculations'   
3 2 'Structure model' 'Structure summary'      
4 3 'Structure model' 'Data collection'        
5 3 'Structure model' 'Database references'    
6 3 'Structure model' 'Refinement description' 
7 3 'Structure model' 'Structure summary'      
8 4 'Structure model' 'Structure summary'      
# 
loop_
_pdbx_audit_revision_category.ordinal 
_pdbx_audit_revision_category.revision_ordinal 
_pdbx_audit_revision_category.data_content_type 
_pdbx_audit_revision_category.category 
1  2 'Structure model' chem_comp                     
2  2 'Structure model' entity                        
3  2 'Structure model' pdbx_chem_comp_identifier     
4  2 'Structure model' pdbx_entity_nonpoly           
5  2 'Structure model' struct_conn                   
6  2 'Structure model' struct_site                   
7  2 'Structure model' struct_site_gen               
8  3 'Structure model' chem_comp                     
9  3 'Structure model' chem_comp_atom                
10 3 'Structure model' chem_comp_bond                
11 3 'Structure model' database_2                    
12 3 'Structure model' pdbx_initial_refinement_model 
13 4 'Structure model' pdbx_entry_details            
14 4 'Structure model' pdbx_modification_feature     
# 
loop_
_pdbx_audit_revision_item.ordinal 
_pdbx_audit_revision_item.revision_ordinal 
_pdbx_audit_revision_item.data_content_type 
_pdbx_audit_revision_item.item 
1 2 'Structure model' '_chem_comp.name'                     
2 2 'Structure model' '_chem_comp.type'                     
3 2 'Structure model' '_entity.pdbx_description'            
4 2 'Structure model' '_pdbx_entity_nonpoly.name'           
5 2 'Structure model' '_struct_conn.pdbx_role'              
6 3 'Structure model' '_chem_comp.pdbx_synonyms'            
7 3 'Structure model' '_database_2.pdbx_DOI'                
8 3 'Structure model' '_database_2.pdbx_database_accession' 
# 
_pdbx_database_status.status_code                     REL 
_pdbx_database_status.status_code_sf                  REL 
_pdbx_database_status.status_code_mr                  ? 
_pdbx_database_status.entry_id                        5KC5 
_pdbx_database_status.recvd_initial_deposition_date   2016-06-05 
_pdbx_database_status.SG_entry                        N 
_pdbx_database_status.deposit_site                    RCSB 
_pdbx_database_status.process_site                    PDBE 
_pdbx_database_status.status_code_cs                  ? 
_pdbx_database_status.methods_development_category    ? 
_pdbx_database_status.pdb_format_compatible           Y 
_pdbx_database_status.status_code_nmr_data            ? 
# 
loop_
_audit_author.name 
_audit_author.pdbx_ordinal 
'Elegheert, J.'  1 
'Clay, J.E.'     2 
'Siebold, C.'    3 
'Aricescu, A.R.' 4 
# 
_citation.abstract                  ? 
_citation.abstract_id_CAS           ? 
_citation.book_id_ISBN              ? 
_citation.book_publisher            ? 
_citation.book_publisher_city       ? 
_citation.book_title                ? 
_citation.coordinate_linkage        ? 
_citation.country                   US 
_citation.database_id_Medline       ? 
_citation.details                   ? 
_citation.id                        primary 
_citation.journal_abbrev            Science 
_citation.journal_id_ASTM           SCIEAS 
_citation.journal_id_CSD            0038 
_citation.journal_id_ISSN           1095-9203 
_citation.journal_full              ? 
_citation.journal_issue             ? 
_citation.journal_volume            353 
_citation.language                  ? 
_citation.page_first                295 
_citation.page_last                 299 
_citation.title                     'Structural basis for integration of GluD receptors within synaptic organizer complexes.' 
_citation.year                      2016 
_citation.database_id_CSD           ? 
_citation.pdbx_database_id_DOI      10.1126/science.aae0104 
_citation.pdbx_database_id_PubMed   27418511 
_citation.unpublished_flag          ? 
# 
loop_
_citation_author.citation_id 
_citation_author.name 
_citation_author.ordinal 
_citation_author.identifier_ORCID 
primary 'Elegheert, J.'  1  ? 
primary 'Kakegawa, W.'   2  ? 
primary 'Clay, J.E.'     3  ? 
primary 'Shanks, N.F.'   4  ? 
primary 'Behiels, E.'    5  ? 
primary 'Matsuda, K.'    6  ? 
primary 'Kohda, K.'      7  ? 
primary 'Miura, E.'      8  ? 
primary 'Rossmann, M.'   9  ? 
primary 'Mitakidis, N.'  10 ? 
primary 'Motohashi, J.'  11 ? 
primary 'Chang, V.T.'    12 ? 
primary 'Siebold, C.'    13 ? 
primary 'Greger, I.H.'   14 ? 
primary 'Nakagawa, T.'   15 ? 
primary 'Yuzaki, M.'     16 ? 
primary 'Aricescu, A.R.' 17 ? 
# 
loop_
_entity.id 
_entity.type 
_entity.src_method 
_entity.pdbx_description 
_entity.formula_weight 
_entity.pdbx_number_of_molecules 
_entity.pdbx_ec 
_entity.pdbx_mutation 
_entity.pdbx_fragment 
_entity.details 
1 polymer     man Cerebellin-1                             16642.820 1  ? ? ? ? 
2 non-polymer man 2-acetamido-2-deoxy-beta-D-glucopyranose 221.208   1  ? ? ? ? 
3 water       nat water                                    18.015    55 ? ? ? ? 
# 
_entity_name_com.entity_id   1 
_entity_name_com.name        Precerebellin 
# 
_entity_poly.entity_id                      1 
_entity_poly.type                           'polypeptide(L)' 
_entity_poly.nstd_linkage                   no 
_entity_poly.nstd_monomer                   no 
_entity_poly.pdbx_seq_one_letter_code       
;ETGSAKVAFSAIRSTNHEPSEMSNRTMIIYFDQVLVNIGNNFDSERSTFIAPRKGIYSFNFHVVKVYNRQTIQVSLMLNG
WPVISAFAGDQDVTREAASNGVLIQMEKGDRAYLKLERGNLMGGWKYSTFSGFLVFPLGTKHHHHHH
;
_entity_poly.pdbx_seq_one_letter_code_can   
;ETGSAKVAFSAIRSTNHEPSEMSNRTMIIYFDQVLVNIGNNFDSERSTFIAPRKGIYSFNFHVVKVYNRQTIQVSLMLNG
WPVISAFAGDQDVTREAASNGVLIQMEKGDRAYLKLERGNLMGGWKYSTFSGFLVFPLGTKHHHHHH
;
_entity_poly.pdbx_strand_id                 A 
_entity_poly.pdbx_target_identifier         ? 
# 
loop_
_pdbx_entity_nonpoly.entity_id 
_pdbx_entity_nonpoly.name 
_pdbx_entity_nonpoly.comp_id 
2 2-acetamido-2-deoxy-beta-D-glucopyranose NAG 
3 water                                    HOH 
# 
loop_
_entity_poly_seq.entity_id 
_entity_poly_seq.num 
_entity_poly_seq.mon_id 
_entity_poly_seq.hetero 
1 1   GLU n 
1 2   THR n 
1 3   GLY n 
1 4   SER n 
1 5   ALA n 
1 6   LYS n 
1 7   VAL n 
1 8   ALA n 
1 9   PHE n 
1 10  SER n 
1 11  ALA n 
1 12  ILE n 
1 13  ARG n 
1 14  SER n 
1 15  THR n 
1 16  ASN n 
1 17  HIS n 
1 18  GLU n 
1 19  PRO n 
1 20  SER n 
1 21  GLU n 
1 22  MET n 
1 23  SER n 
1 24  ASN n 
1 25  ARG n 
1 26  THR n 
1 27  MET n 
1 28  ILE n 
1 29  ILE n 
1 30  TYR n 
1 31  PHE n 
1 32  ASP n 
1 33  GLN n 
1 34  VAL n 
1 35  LEU n 
1 36  VAL n 
1 37  ASN n 
1 38  ILE n 
1 39  GLY n 
1 40  ASN n 
1 41  ASN n 
1 42  PHE n 
1 43  ASP n 
1 44  SER n 
1 45  GLU n 
1 46  ARG n 
1 47  SER n 
1 48  THR n 
1 49  PHE n 
1 50  ILE n 
1 51  ALA n 
1 52  PRO n 
1 53  ARG n 
1 54  LYS n 
1 55  GLY n 
1 56  ILE n 
1 57  TYR n 
1 58  SER n 
1 59  PHE n 
1 60  ASN n 
1 61  PHE n 
1 62  HIS n 
1 63  VAL n 
1 64  VAL n 
1 65  LYS n 
1 66  VAL n 
1 67  TYR n 
1 68  ASN n 
1 69  ARG n 
1 70  GLN n 
1 71  THR n 
1 72  ILE n 
1 73  GLN n 
1 74  VAL n 
1 75  SER n 
1 76  LEU n 
1 77  MET n 
1 78  LEU n 
1 79  ASN n 
1 80  GLY n 
1 81  TRP n 
1 82  PRO n 
1 83  VAL n 
1 84  ILE n 
1 85  SER n 
1 86  ALA n 
1 87  PHE n 
1 88  ALA n 
1 89  GLY n 
1 90  ASP n 
1 91  GLN n 
1 92  ASP n 
1 93  VAL n 
1 94  THR n 
1 95  ARG n 
1 96  GLU n 
1 97  ALA n 
1 98  ALA n 
1 99  SER n 
1 100 ASN n 
1 101 GLY n 
1 102 VAL n 
1 103 LEU n 
1 104 ILE n 
1 105 GLN n 
1 106 MET n 
1 107 GLU n 
1 108 LYS n 
1 109 GLY n 
1 110 ASP n 
1 111 ARG n 
1 112 ALA n 
1 113 TYR n 
1 114 LEU n 
1 115 LYS n 
1 116 LEU n 
1 117 GLU n 
1 118 ARG n 
1 119 GLY n 
1 120 ASN n 
1 121 LEU n 
1 122 MET n 
1 123 GLY n 
1 124 GLY n 
1 125 TRP n 
1 126 LYS n 
1 127 TYR n 
1 128 SER n 
1 129 THR n 
1 130 PHE n 
1 131 SER n 
1 132 GLY n 
1 133 PHE n 
1 134 LEU n 
1 135 VAL n 
1 136 PHE n 
1 137 PRO n 
1 138 LEU n 
1 139 GLY n 
1 140 THR n 
1 141 LYS n 
1 142 HIS n 
1 143 HIS n 
1 144 HIS n 
1 145 HIS n 
1 146 HIS n 
1 147 HIS n 
# 
_entity_src_gen.entity_id                          1 
_entity_src_gen.pdbx_src_id                        1 
_entity_src_gen.pdbx_alt_source_flag               sample 
_entity_src_gen.pdbx_seq_type                      'Biological sequence' 
_entity_src_gen.pdbx_beg_seq_num                   1 
_entity_src_gen.pdbx_end_seq_num                   147 
_entity_src_gen.gene_src_common_name               Human 
_entity_src_gen.gene_src_genus                     ? 
_entity_src_gen.pdbx_gene_src_gene                 CBLN1 
_entity_src_gen.gene_src_species                   ? 
_entity_src_gen.gene_src_strain                    ? 
_entity_src_gen.gene_src_tissue                    ? 
_entity_src_gen.gene_src_tissue_fraction           ? 
_entity_src_gen.gene_src_details                   ? 
_entity_src_gen.pdbx_gene_src_fragment             ? 
_entity_src_gen.pdbx_gene_src_scientific_name      'Homo sapiens' 
_entity_src_gen.pdbx_gene_src_ncbi_taxonomy_id     9606 
_entity_src_gen.pdbx_gene_src_variant              ? 
_entity_src_gen.pdbx_gene_src_cell_line            ? 
_entity_src_gen.pdbx_gene_src_atcc                 ? 
_entity_src_gen.pdbx_gene_src_organ                ? 
_entity_src_gen.pdbx_gene_src_organelle            ? 
_entity_src_gen.pdbx_gene_src_cell                 ? 
_entity_src_gen.pdbx_gene_src_cellular_location    ? 
_entity_src_gen.host_org_common_name               Human 
_entity_src_gen.pdbx_host_org_scientific_name      'Homo sapiens' 
_entity_src_gen.pdbx_host_org_ncbi_taxonomy_id     9606 
_entity_src_gen.host_org_genus                     ? 
_entity_src_gen.pdbx_host_org_gene                 ? 
_entity_src_gen.pdbx_host_org_organ                ? 
_entity_src_gen.host_org_species                   ? 
_entity_src_gen.pdbx_host_org_tissue               ? 
_entity_src_gen.pdbx_host_org_tissue_fraction      ? 
_entity_src_gen.pdbx_host_org_strain               ? 
_entity_src_gen.pdbx_host_org_variant              ? 
_entity_src_gen.pdbx_host_org_cell_line            HEK293S 
_entity_src_gen.pdbx_host_org_atcc                 ? 
_entity_src_gen.pdbx_host_org_culture_collection   ? 
_entity_src_gen.pdbx_host_org_cell                 ? 
_entity_src_gen.pdbx_host_org_organelle            ? 
_entity_src_gen.pdbx_host_org_cellular_location    ? 
_entity_src_gen.pdbx_host_org_vector_type          Plasmid 
_entity_src_gen.pdbx_host_org_vector               ? 
_entity_src_gen.host_org_details                   ? 
_entity_src_gen.expression_system_id               ? 
_entity_src_gen.plasmid_name                       pHLsec 
_entity_src_gen.plasmid_details                    ? 
_entity_src_gen.pdbx_description                   ? 
# 
loop_
_chem_comp.id 
_chem_comp.type 
_chem_comp.mon_nstd_flag 
_chem_comp.name 
_chem_comp.pdbx_synonyms 
_chem_comp.formula 
_chem_comp.formula_weight 
ALA 'L-peptide linking'          y ALANINE                                  ? 'C3 H7 N O2'     89.093  
ARG 'L-peptide linking'          y ARGININE                                 ? 'C6 H15 N4 O2 1' 175.209 
ASN 'L-peptide linking'          y ASPARAGINE                               ? 'C4 H8 N2 O3'    132.118 
ASP 'L-peptide linking'          y 'ASPARTIC ACID'                          ? 'C4 H7 N O4'     133.103 
GLN 'L-peptide linking'          y GLUTAMINE                                ? 'C5 H10 N2 O3'   146.144 
GLU 'L-peptide linking'          y 'GLUTAMIC ACID'                          ? 'C5 H9 N O4'     147.129 
GLY 'peptide linking'            y GLYCINE                                  ? 'C2 H5 N O2'     75.067  
HIS 'L-peptide linking'          y HISTIDINE                                ? 'C6 H10 N3 O2 1' 156.162 
HOH non-polymer                  . WATER                                    ? 'H2 O'           18.015  
ILE 'L-peptide linking'          y ISOLEUCINE                               ? 'C6 H13 N O2'    131.173 
LEU 'L-peptide linking'          y LEUCINE                                  ? 'C6 H13 N O2'    131.173 
LYS 'L-peptide linking'          y LYSINE                                   ? 'C6 H15 N2 O2 1' 147.195 
MET 'L-peptide linking'          y METHIONINE                               ? 'C5 H11 N O2 S'  149.211 
NAG 'D-saccharide, beta linking' . 2-acetamido-2-deoxy-beta-D-glucopyranose 
;N-acetyl-beta-D-glucosamine; 2-acetamido-2-deoxy-beta-D-glucose; 2-acetamido-2-deoxy-D-glucose; 2-acetamido-2-deoxy-glucose; N-ACETYL-D-GLUCOSAMINE
;
'C8 H15 N O6'    221.208 
PHE 'L-peptide linking'          y PHENYLALANINE                            ? 'C9 H11 N O2'    165.189 
PRO 'L-peptide linking'          y PROLINE                                  ? 'C5 H9 N O2'     115.130 
SER 'L-peptide linking'          y SERINE                                   ? 'C3 H7 N O3'     105.093 
THR 'L-peptide linking'          y THREONINE                                ? 'C4 H9 N O3'     119.119 
TRP 'L-peptide linking'          y TRYPTOPHAN                               ? 'C11 H12 N2 O2'  204.225 
TYR 'L-peptide linking'          y TYROSINE                                 ? 'C9 H11 N O3'    181.189 
VAL 'L-peptide linking'          y VALINE                                   ? 'C5 H11 N O2'    117.146 
# 
loop_
_pdbx_chem_comp_identifier.comp_id 
_pdbx_chem_comp_identifier.type 
_pdbx_chem_comp_identifier.program 
_pdbx_chem_comp_identifier.program_version 
_pdbx_chem_comp_identifier.identifier 
NAG 'CONDENSED IUPAC CARBOHYDRATE SYMBOL' GMML     1.0 DGlcpNAcb                      
NAG 'COMMON NAME'                         GMML     1.0 N-acetyl-b-D-glucopyranosamine 
NAG 'IUPAC CARBOHYDRATE SYMBOL'           PDB-CARE 1.0 b-D-GlcpNAc                    
NAG 'SNFG CARBOHYDRATE SYMBOL'            GMML     1.0 GlcNAc                         
# 
loop_
_pdbx_poly_seq_scheme.asym_id 
_pdbx_poly_seq_scheme.entity_id 
_pdbx_poly_seq_scheme.seq_id 
_pdbx_poly_seq_scheme.mon_id 
_pdbx_poly_seq_scheme.ndb_seq_num 
_pdbx_poly_seq_scheme.pdb_seq_num 
_pdbx_poly_seq_scheme.auth_seq_num 
_pdbx_poly_seq_scheme.pdb_mon_id 
_pdbx_poly_seq_scheme.auth_mon_id 
_pdbx_poly_seq_scheme.pdb_strand_id 
_pdbx_poly_seq_scheme.pdb_ins_code 
_pdbx_poly_seq_scheme.hetero 
A 1 1   GLU 1   56  ?   ?   ?   A . n 
A 1 2   THR 2   57  ?   ?   ?   A . n 
A 1 3   GLY 3   58  58  GLY GLY A . n 
A 1 4   SER 4   59  59  SER SER A . n 
A 1 5   ALA 5   60  60  ALA ALA A . n 
A 1 6   LYS 6   61  61  LYS LYS A . n 
A 1 7   VAL 7   62  62  VAL VAL A . n 
A 1 8   ALA 8   63  63  ALA ALA A . n 
A 1 9   PHE 9   64  64  PHE PHE A . n 
A 1 10  SER 10  65  65  SER SER A . n 
A 1 11  ALA 11  66  66  ALA ALA A . n 
A 1 12  ILE 12  67  67  ILE ILE A . n 
A 1 13  ARG 13  68  68  ARG ARG A . n 
A 1 14  SER 14  69  69  SER SER A . n 
A 1 15  THR 15  70  70  THR THR A . n 
A 1 16  ASN 16  71  71  ASN ASN A . n 
A 1 17  HIS 17  72  72  HIS HIS A . n 
A 1 18  GLU 18  73  73  GLU GLU A . n 
A 1 19  PRO 19  74  74  PRO PRO A . n 
A 1 20  SER 20  75  75  SER SER A . n 
A 1 21  GLU 21  76  76  GLU GLU A . n 
A 1 22  MET 22  77  77  MET MET A . n 
A 1 23  SER 23  78  78  SER SER A . n 
A 1 24  ASN 24  79  79  ASN ASN A . n 
A 1 25  ARG 25  80  80  ARG ARG A . n 
A 1 26  THR 26  81  81  THR THR A . n 
A 1 27  MET 27  82  82  MET MET A . n 
A 1 28  ILE 28  83  83  ILE ILE A . n 
A 1 29  ILE 29  84  84  ILE ILE A . n 
A 1 30  TYR 30  85  85  TYR TYR A . n 
A 1 31  PHE 31  86  86  PHE PHE A . n 
A 1 32  ASP 32  87  87  ASP ASP A . n 
A 1 33  GLN 33  88  88  GLN GLN A . n 
A 1 34  VAL 34  89  89  VAL VAL A . n 
A 1 35  LEU 35  90  90  LEU LEU A . n 
A 1 36  VAL 36  91  91  VAL VAL A . n 
A 1 37  ASN 37  92  92  ASN ASN A . n 
A 1 38  ILE 38  93  93  ILE ILE A . n 
A 1 39  GLY 39  94  94  GLY GLY A . n 
A 1 40  ASN 40  95  95  ASN ASN A . n 
A 1 41  ASN 41  96  96  ASN ASN A . n 
A 1 42  PHE 42  97  97  PHE PHE A . n 
A 1 43  ASP 43  98  98  ASP ASP A . n 
A 1 44  SER 44  99  99  SER SER A . n 
A 1 45  GLU 45  100 100 GLU GLU A . n 
A 1 46  ARG 46  101 101 ARG ARG A . n 
A 1 47  SER 47  102 102 SER SER A . n 
A 1 48  THR 48  103 103 THR THR A . n 
A 1 49  PHE 49  104 104 PHE PHE A . n 
A 1 50  ILE 50  105 105 ILE ILE A . n 
A 1 51  ALA 51  106 106 ALA ALA A . n 
A 1 52  PRO 52  107 107 PRO PRO A . n 
A 1 53  ARG 53  108 108 ARG ARG A . n 
A 1 54  LYS 54  109 109 LYS LYS A . n 
A 1 55  GLY 55  110 110 GLY GLY A . n 
A 1 56  ILE 56  111 111 ILE ILE A . n 
A 1 57  TYR 57  112 112 TYR TYR A . n 
A 1 58  SER 58  113 113 SER SER A . n 
A 1 59  PHE 59  114 114 PHE PHE A . n 
A 1 60  ASN 60  115 115 ASN ASN A . n 
A 1 61  PHE 61  116 116 PHE PHE A . n 
A 1 62  HIS 62  117 117 HIS HIS A . n 
A 1 63  VAL 63  118 118 VAL VAL A . n 
A 1 64  VAL 64  119 119 VAL VAL A . n 
A 1 65  LYS 65  120 120 LYS LYS A . n 
A 1 66  VAL 66  121 121 VAL VAL A . n 
A 1 67  TYR 67  122 122 TYR TYR A . n 
A 1 68  ASN 68  123 123 ASN ASN A . n 
A 1 69  ARG 69  124 124 ARG ARG A . n 
A 1 70  GLN 70  125 125 GLN GLN A . n 
A 1 71  THR 71  126 126 THR THR A . n 
A 1 72  ILE 72  127 127 ILE ILE A . n 
A 1 73  GLN 73  128 128 GLN GLN A . n 
A 1 74  VAL 74  129 129 VAL VAL A . n 
A 1 75  SER 75  130 130 SER SER A . n 
A 1 76  LEU 76  131 131 LEU LEU A . n 
A 1 77  MET 77  132 132 MET MET A . n 
A 1 78  LEU 78  133 133 LEU LEU A . n 
A 1 79  ASN 79  134 134 ASN ASN A . n 
A 1 80  GLY 80  135 135 GLY GLY A . n 
A 1 81  TRP 81  136 136 TRP TRP A . n 
A 1 82  PRO 82  137 137 PRO PRO A . n 
A 1 83  VAL 83  138 138 VAL VAL A . n 
A 1 84  ILE 84  139 139 ILE ILE A . n 
A 1 85  SER 85  140 140 SER SER A . n 
A 1 86  ALA 86  141 141 ALA ALA A . n 
A 1 87  PHE 87  142 142 PHE PHE A . n 
A 1 88  ALA 88  143 143 ALA ALA A . n 
A 1 89  GLY 89  144 144 GLY GLY A . n 
A 1 90  ASP 90  145 145 ASP ASP A . n 
A 1 91  GLN 91  146 146 GLN GLN A . n 
A 1 92  ASP 92  147 147 ASP ASP A . n 
A 1 93  VAL 93  148 148 VAL VAL A . n 
A 1 94  THR 94  149 149 THR THR A . n 
A 1 95  ARG 95  150 150 ARG ARG A . n 
A 1 96  GLU 96  151 151 GLU GLU A . n 
A 1 97  ALA 97  152 152 ALA ALA A . n 
A 1 98  ALA 98  153 153 ALA ALA A . n 
A 1 99  SER 99  154 154 SER SER A . n 
A 1 100 ASN 100 155 155 ASN ASN A . n 
A 1 101 GLY 101 156 156 GLY GLY A . n 
A 1 102 VAL 102 157 157 VAL VAL A . n 
A 1 103 LEU 103 158 158 LEU LEU A . n 
A 1 104 ILE 104 159 159 ILE ILE A . n 
A 1 105 GLN 105 160 160 GLN GLN A . n 
A 1 106 MET 106 161 161 MET MET A . n 
A 1 107 GLU 107 162 162 GLU GLU A . n 
A 1 108 LYS 108 163 163 LYS LYS A . n 
A 1 109 GLY 109 164 164 GLY GLY A . n 
A 1 110 ASP 110 165 165 ASP ASP A . n 
A 1 111 ARG 111 166 166 ARG ARG A . n 
A 1 112 ALA 112 167 167 ALA ALA A . n 
A 1 113 TYR 113 168 168 TYR TYR A . n 
A 1 114 LEU 114 169 169 LEU LEU A . n 
A 1 115 LYS 115 170 170 LYS LYS A . n 
A 1 116 LEU 116 171 171 LEU LEU A . n 
A 1 117 GLU 117 172 172 GLU GLU A . n 
A 1 118 ARG 118 173 173 ARG ARG A . n 
A 1 119 GLY 119 174 174 GLY GLY A . n 
A 1 120 ASN 120 175 175 ASN ASN A . n 
A 1 121 LEU 121 176 176 LEU LEU A . n 
A 1 122 MET 122 177 177 MET MET A . n 
A 1 123 GLY 123 178 178 GLY GLY A . n 
A 1 124 GLY 124 179 179 GLY GLY A . n 
A 1 125 TRP 125 180 180 TRP TRP A . n 
A 1 126 LYS 126 181 181 LYS LYS A . n 
A 1 127 TYR 127 182 182 TYR TYR A . n 
A 1 128 SER 128 183 183 SER SER A . n 
A 1 129 THR 129 184 184 THR THR A . n 
A 1 130 PHE 130 185 185 PHE PHE A . n 
A 1 131 SER 131 186 186 SER SER A . n 
A 1 132 GLY 132 187 187 GLY GLY A . n 
A 1 133 PHE 133 188 188 PHE PHE A . n 
A 1 134 LEU 134 189 189 LEU LEU A . n 
A 1 135 VAL 135 190 190 VAL VAL A . n 
A 1 136 PHE 136 191 191 PHE PHE A . n 
A 1 137 PRO 137 192 192 PRO PRO A . n 
A 1 138 LEU 138 193 193 LEU LEU A . n 
A 1 139 GLY 139 194 194 GLY GLY A . n 
A 1 140 THR 140 195 ?   ?   ?   A . n 
A 1 141 LYS 141 196 ?   ?   ?   A . n 
A 1 142 HIS 142 197 ?   ?   ?   A . n 
A 1 143 HIS 143 198 ?   ?   ?   A . n 
A 1 144 HIS 144 199 ?   ?   ?   A . n 
A 1 145 HIS 145 200 ?   ?   ?   A . n 
A 1 146 HIS 146 201 ?   ?   ?   A . n 
A 1 147 HIS 147 202 ?   ?   ?   A . n 
# 
loop_
_pdbx_nonpoly_scheme.asym_id 
_pdbx_nonpoly_scheme.entity_id 
_pdbx_nonpoly_scheme.mon_id 
_pdbx_nonpoly_scheme.ndb_seq_num 
_pdbx_nonpoly_scheme.pdb_seq_num 
_pdbx_nonpoly_scheme.auth_seq_num 
_pdbx_nonpoly_scheme.pdb_mon_id 
_pdbx_nonpoly_scheme.auth_mon_id 
_pdbx_nonpoly_scheme.pdb_strand_id 
_pdbx_nonpoly_scheme.pdb_ins_code 
B 2 NAG 1  301 195 NAG NAG A . 
C 3 HOH 1  401 210 HOH HOH A . 
C 3 HOH 2  402 250 HOH HOH A . 
C 3 HOH 3  403 232 HOH HOH A . 
C 3 HOH 4  404 233 HOH HOH A . 
C 3 HOH 5  405 199 HOH HOH A . 
C 3 HOH 6  406 197 HOH HOH A . 
C 3 HOH 7  407 225 HOH HOH A . 
C 3 HOH 8  408 205 HOH HOH A . 
C 3 HOH 9  409 203 HOH HOH A . 
C 3 HOH 10 410 211 HOH HOH A . 
C 3 HOH 11 411 207 HOH HOH A . 
C 3 HOH 12 412 220 HOH HOH A . 
C 3 HOH 13 413 231 HOH HOH A . 
C 3 HOH 14 414 209 HOH HOH A . 
C 3 HOH 15 415 218 HOH HOH A . 
C 3 HOH 16 416 238 HOH HOH A . 
C 3 HOH 17 417 196 HOH HOH A . 
C 3 HOH 18 418 243 HOH HOH A . 
C 3 HOH 19 419 241 HOH HOH A . 
C 3 HOH 20 420 200 HOH HOH A . 
C 3 HOH 21 421 214 HOH HOH A . 
C 3 HOH 22 422 226 HOH HOH A . 
C 3 HOH 23 423 201 HOH HOH A . 
C 3 HOH 24 424 246 HOH HOH A . 
C 3 HOH 25 425 227 HOH HOH A . 
C 3 HOH 26 426 198 HOH HOH A . 
C 3 HOH 27 427 202 HOH HOH A . 
C 3 HOH 28 428 204 HOH HOH A . 
C 3 HOH 29 429 216 HOH HOH A . 
C 3 HOH 30 430 208 HOH HOH A . 
C 3 HOH 31 431 249 HOH HOH A . 
C 3 HOH 32 432 212 HOH HOH A . 
C 3 HOH 33 433 229 HOH HOH A . 
C 3 HOH 34 434 239 HOH HOH A . 
C 3 HOH 35 435 228 HOH HOH A . 
C 3 HOH 36 436 219 HOH HOH A . 
C 3 HOH 37 437 242 HOH HOH A . 
C 3 HOH 38 438 248 HOH HOH A . 
C 3 HOH 39 439 240 HOH HOH A . 
C 3 HOH 40 440 224 HOH HOH A . 
C 3 HOH 41 441 221 HOH HOH A . 
C 3 HOH 42 442 217 HOH HOH A . 
C 3 HOH 43 443 235 HOH HOH A . 
C 3 HOH 44 444 206 HOH HOH A . 
C 3 HOH 45 445 236 HOH HOH A . 
C 3 HOH 46 446 230 HOH HOH A . 
C 3 HOH 47 447 244 HOH HOH A . 
C 3 HOH 48 448 223 HOH HOH A . 
C 3 HOH 49 449 234 HOH HOH A . 
C 3 HOH 50 450 213 HOH HOH A . 
C 3 HOH 51 451 215 HOH HOH A . 
C 3 HOH 52 452 245 HOH HOH A . 
C 3 HOH 53 453 237 HOH HOH A . 
C 3 HOH 54 454 222 HOH HOH A . 
C 3 HOH 55 455 247 HOH HOH A . 
# 
loop_
_software.citation_id 
_software.classification 
_software.compiler_name 
_software.compiler_version 
_software.contact_author 
_software.contact_author_email 
_software.date 
_software.description 
_software.dependencies 
_software.hardware 
_software.language 
_software.location 
_software.mods 
_software.name 
_software.os 
_software.os_version 
_software.type 
_software.version 
_software.pdbx_ordinal 
? refinement       ? ? ? ? ? ? ? ? ? ? ? PHENIX  ? ? ? dev_1772 1 
? 'data reduction' ? ? ? ? ? ? ? ? ? ? ? XDS     ? ? ? .        2 
? 'data scaling'   ? ? ? ? ? ? ? ? ? ? ? Aimless ? ? ? .        3 
? phasing          ? ? ? ? ? ? ? ? ? ? ? PHASER  ? ? ? .        4 
# 
_cell.angle_alpha                  90.00 
_cell.angle_alpha_esd              ? 
_cell.angle_beta                   90.00 
_cell.angle_beta_esd               ? 
_cell.angle_gamma                  120.00 
_cell.angle_gamma_esd              ? 
_cell.entry_id                     5KC5 
_cell.details                      ? 
_cell.formula_units_Z              ? 
_cell.length_a                     83.420 
_cell.length_a_esd                 ? 
_cell.length_b                     83.420 
_cell.length_b_esd                 ? 
_cell.length_c                     50.570 
_cell.length_c_esd                 ? 
_cell.volume                       ? 
_cell.volume_esd                   ? 
_cell.Z_PDB                        6 
_cell.reciprocal_angle_alpha       ? 
_cell.reciprocal_angle_beta        ? 
_cell.reciprocal_angle_gamma       ? 
_cell.reciprocal_angle_alpha_esd   ? 
_cell.reciprocal_angle_beta_esd    ? 
_cell.reciprocal_angle_gamma_esd   ? 
_cell.reciprocal_length_a          ? 
_cell.reciprocal_length_b          ? 
_cell.reciprocal_length_c          ? 
_cell.reciprocal_length_a_esd      ? 
_cell.reciprocal_length_b_esd      ? 
_cell.reciprocal_length_c_esd      ? 
_cell.pdbx_unique_axis             ? 
# 
_symmetry.entry_id                         5KC5 
_symmetry.cell_setting                     ? 
_symmetry.Int_Tables_number                168 
_symmetry.space_group_name_Hall            ? 
_symmetry.space_group_name_H-M             'P 6' 
_symmetry.pdbx_full_space_group_name_H-M   ? 
# 
_exptl.absorpt_coefficient_mu     ? 
_exptl.absorpt_correction_T_max   ? 
_exptl.absorpt_correction_T_min   ? 
_exptl.absorpt_correction_type    ? 
_exptl.absorpt_process_details    ? 
_exptl.entry_id                   5KC5 
_exptl.crystals_number            1 
_exptl.details                    ? 
_exptl.method                     'X-RAY DIFFRACTION' 
_exptl.method_details             ? 
# 
_exptl_crystal.colour                      ? 
_exptl_crystal.density_diffrn              ? 
_exptl_crystal.density_Matthews            3.05 
_exptl_crystal.density_method              ? 
_exptl_crystal.density_percent_sol         59.71 
_exptl_crystal.description                 ? 
_exptl_crystal.F_000                       ? 
_exptl_crystal.id                          1 
_exptl_crystal.preparation                 ? 
_exptl_crystal.size_max                    ? 
_exptl_crystal.size_mid                    ? 
_exptl_crystal.size_min                    ? 
_exptl_crystal.size_rad                    ? 
_exptl_crystal.colour_lustre               ? 
_exptl_crystal.colour_modifier             ? 
_exptl_crystal.colour_primary              ? 
_exptl_crystal.density_meas                ? 
_exptl_crystal.density_meas_esd            ? 
_exptl_crystal.density_meas_gt             ? 
_exptl_crystal.density_meas_lt             ? 
_exptl_crystal.density_meas_temp           ? 
_exptl_crystal.density_meas_temp_esd       ? 
_exptl_crystal.density_meas_temp_gt        ? 
_exptl_crystal.density_meas_temp_lt        ? 
_exptl_crystal.pdbx_crystal_image_url      ? 
_exptl_crystal.pdbx_crystal_image_format   ? 
_exptl_crystal.pdbx_mosaicity              ? 
_exptl_crystal.pdbx_mosaicity_esd          ? 
# 
_exptl_crystal_grow.apparatus       ? 
_exptl_crystal_grow.atmosphere      ? 
_exptl_crystal_grow.crystal_id      1 
_exptl_crystal_grow.details         ? 
_exptl_crystal_grow.method          'VAPOR DIFFUSION, SITTING DROP' 
_exptl_crystal_grow.method_ref      ? 
_exptl_crystal_grow.pH              ? 
_exptl_crystal_grow.pressure        ? 
_exptl_crystal_grow.pressure_esd    ? 
_exptl_crystal_grow.seeding         ? 
_exptl_crystal_grow.seeding_ref     ? 
_exptl_crystal_grow.temp            293 
_exptl_crystal_grow.temp_details    ? 
_exptl_crystal_grow.temp_esd        ? 
_exptl_crystal_grow.time            ? 
_exptl_crystal_grow.pdbx_details    '0.2 M sodium malonate pH 7.0, 20% (w/v) polyethylene glycol 3350' 
_exptl_crystal_grow.pdbx_pH_range   ? 
# 
_diffrn.ambient_environment    ? 
_diffrn.ambient_temp           100 
_diffrn.ambient_temp_details   ? 
_diffrn.ambient_temp_esd       ? 
_diffrn.crystal_id             1 
_diffrn.crystal_support        ? 
_diffrn.crystal_treatment      ? 
_diffrn.details                ? 
_diffrn.id                     1 
_diffrn.ambient_pressure       ? 
_diffrn.ambient_pressure_esd   ? 
_diffrn.ambient_pressure_gt    ? 
_diffrn.ambient_pressure_lt    ? 
_diffrn.ambient_temp_gt        ? 
_diffrn.ambient_temp_lt        ? 
# 
_diffrn_detector.details                      ? 
_diffrn_detector.detector                     CCD 
_diffrn_detector.diffrn_id                    1 
_diffrn_detector.type                         'ADSC QUANTUM 315' 
_diffrn_detector.area_resol_mean              ? 
_diffrn_detector.dtime                        ? 
_diffrn_detector.pdbx_frames_total            ? 
_diffrn_detector.pdbx_collection_time_total   ? 
_diffrn_detector.pdbx_collection_date         2010-08-06 
# 
_diffrn_radiation.collimation                      ? 
_diffrn_radiation.diffrn_id                        1 
_diffrn_radiation.filter_edge                      ? 
_diffrn_radiation.inhomogeneity                    ? 
_diffrn_radiation.monochromator                    ? 
_diffrn_radiation.polarisn_norm                    ? 
_diffrn_radiation.polarisn_ratio                   ? 
_diffrn_radiation.probe                            ? 
_diffrn_radiation.type                             ? 
_diffrn_radiation.xray_symbol                      ? 
_diffrn_radiation.wavelength_id                    1 
_diffrn_radiation.pdbx_monochromatic_or_laue_m_l   M 
_diffrn_radiation.pdbx_wavelength_list             ? 
_diffrn_radiation.pdbx_wavelength                  ? 
_diffrn_radiation.pdbx_diffrn_protocol             'SINGLE WAVELENGTH' 
_diffrn_radiation.pdbx_analyzer                    ? 
_diffrn_radiation.pdbx_scattering_type             x-ray 
# 
_diffrn_radiation_wavelength.id           1 
_diffrn_radiation_wavelength.wavelength   1.07300 
_diffrn_radiation_wavelength.wt           1.0 
# 
_diffrn_source.current                     ? 
_diffrn_source.details                     ? 
_diffrn_source.diffrn_id                   1 
_diffrn_source.power                       ? 
_diffrn_source.size                        ? 
_diffrn_source.source                      SYNCHROTRON 
_diffrn_source.target                      ? 
_diffrn_source.type                        'DIAMOND BEAMLINE I04' 
_diffrn_source.voltage                     ? 
_diffrn_source.take-off_angle              ? 
_diffrn_source.pdbx_wavelength_list        1.07300 
_diffrn_source.pdbx_wavelength             ? 
_diffrn_source.pdbx_synchrotron_beamline   I04 
_diffrn_source.pdbx_synchrotron_site       Diamond 
# 
_reflns.B_iso_Wilson_estimate            40.9 
_reflns.entry_id                         5KC5 
_reflns.data_reduction_details           ? 
_reflns.data_reduction_method            ? 
_reflns.d_resolution_high                2.35 
_reflns.d_resolution_low                 50.57 
_reflns.details                          ? 
_reflns.limit_h_max                      ? 
_reflns.limit_h_min                      ? 
_reflns.limit_k_max                      ? 
_reflns.limit_k_min                      ? 
_reflns.limit_l_max                      ? 
_reflns.limit_l_min                      ? 
_reflns.number_all                       ? 
_reflns.number_obs                       8497 
_reflns.observed_criterion               ? 
_reflns.observed_criterion_F_max         ? 
_reflns.observed_criterion_F_min         ? 
_reflns.observed_criterion_I_max         ? 
_reflns.observed_criterion_I_min         ? 
_reflns.observed_criterion_sigma_F       ? 
_reflns.observed_criterion_sigma_I       ? 
_reflns.percent_possible_obs             100.0 
_reflns.R_free_details                   ? 
_reflns.Rmerge_F_all                     ? 
_reflns.Rmerge_F_obs                     ? 
_reflns.Friedel_coverage                 ? 
_reflns.number_gt                        ? 
_reflns.threshold_expression             ? 
_reflns.pdbx_redundancy                  8.1 
_reflns.pdbx_Rmerge_I_obs                0.126 
_reflns.pdbx_Rmerge_I_all                ? 
_reflns.pdbx_Rsym_value                  ? 
_reflns.pdbx_netI_over_av_sigmaI         ? 
_reflns.pdbx_netI_over_sigmaI            15.2 
_reflns.pdbx_res_netI_over_av_sigmaI_2   ? 
_reflns.pdbx_res_netI_over_sigmaI_2      ? 
_reflns.pdbx_chi_squared                 ? 
_reflns.pdbx_scaling_rejects             ? 
_reflns.pdbx_d_res_high_opt              ? 
_reflns.pdbx_d_res_low_opt               ? 
_reflns.pdbx_d_res_opt_method            ? 
_reflns.phase_calculation_details        ? 
_reflns.pdbx_Rrim_I_all                  ? 
_reflns.pdbx_Rpim_I_all                  ? 
_reflns.pdbx_d_opt                       ? 
_reflns.pdbx_number_measured_all         ? 
_reflns.pdbx_diffrn_id                   1 
_reflns.pdbx_ordinal                     1 
_reflns.pdbx_CC_half                     0.998 
_reflns.pdbx_R_split                     ? 
# 
_reflns_shell.d_res_high                  2.35 
_reflns_shell.d_res_low                   2.41 
_reflns_shell.meanI_over_sigI_all         ? 
_reflns_shell.meanI_over_sigI_obs         1.8 
_reflns_shell.number_measured_all         ? 
_reflns_shell.number_measured_obs         ? 
_reflns_shell.number_possible             ? 
_reflns_shell.number_unique_all           ? 
_reflns_shell.number_unique_obs           ? 
_reflns_shell.percent_possible_all        100.0 
_reflns_shell.percent_possible_obs        ? 
_reflns_shell.Rmerge_F_all                ? 
_reflns_shell.Rmerge_F_obs                ? 
_reflns_shell.Rmerge_I_all                ? 
_reflns_shell.Rmerge_I_obs                1.263 
_reflns_shell.meanI_over_sigI_gt          ? 
_reflns_shell.meanI_over_uI_all           ? 
_reflns_shell.meanI_over_uI_gt            ? 
_reflns_shell.number_measured_gt          ? 
_reflns_shell.number_unique_gt            ? 
_reflns_shell.percent_possible_gt         ? 
_reflns_shell.Rmerge_F_gt                 ? 
_reflns_shell.Rmerge_I_gt                 ? 
_reflns_shell.pdbx_redundancy             8.1 
_reflns_shell.pdbx_Rsym_value             ? 
_reflns_shell.pdbx_chi_squared            ? 
_reflns_shell.pdbx_netI_over_sigmaI_all   ? 
_reflns_shell.pdbx_netI_over_sigmaI_obs   ? 
_reflns_shell.pdbx_Rrim_I_all             ? 
_reflns_shell.pdbx_Rpim_I_all             ? 
_reflns_shell.pdbx_rejects                ? 
_reflns_shell.pdbx_ordinal                1 
_reflns_shell.pdbx_diffrn_id              1 
_reflns_shell.pdbx_CC_half                ? 
_reflns_shell.pdbx_R_split                ? 
# 
_refine.aniso_B[1][1]                            ? 
_refine.aniso_B[1][2]                            ? 
_refine.aniso_B[1][3]                            ? 
_refine.aniso_B[2][2]                            ? 
_refine.aniso_B[2][3]                            ? 
_refine.aniso_B[3][3]                            ? 
_refine.B_iso_max                                ? 
_refine.B_iso_mean                               45.3 
_refine.B_iso_min                                ? 
_refine.correlation_coeff_Fo_to_Fc               ? 
_refine.correlation_coeff_Fo_to_Fc_free          ? 
_refine.details                                  
'Refined with twin operator h, -h-k, -l to account for higher P622 metric symmetry' 
_refine.diff_density_max                         ? 
_refine.diff_density_max_esd                     ? 
_refine.diff_density_min                         ? 
_refine.diff_density_min_esd                     ? 
_refine.diff_density_rms                         ? 
_refine.diff_density_rms_esd                     ? 
_refine.entry_id                                 5KC5 
_refine.pdbx_refine_id                           'X-RAY DIFFRACTION' 
_refine.ls_abs_structure_details                 ? 
_refine.ls_abs_structure_Flack                   ? 
_refine.ls_abs_structure_Flack_esd               ? 
_refine.ls_abs_structure_Rogers                  ? 
_refine.ls_abs_structure_Rogers_esd              ? 
_refine.ls_d_res_high                            2.351 
_refine.ls_d_res_low                             50.550 
_refine.ls_extinction_coef                       ? 
_refine.ls_extinction_coef_esd                   ? 
_refine.ls_extinction_expression                 ? 
_refine.ls_extinction_method                     ? 
_refine.ls_goodness_of_fit_all                   ? 
_refine.ls_goodness_of_fit_all_esd               ? 
_refine.ls_goodness_of_fit_obs                   ? 
_refine.ls_goodness_of_fit_obs_esd               ? 
_refine.ls_hydrogen_treatment                    ? 
_refine.ls_matrix_type                           ? 
_refine.ls_number_constraints                    ? 
_refine.ls_number_parameters                     ? 
_refine.ls_number_reflns_all                     ? 
_refine.ls_number_reflns_obs                     8497 
_refine.ls_number_reflns_R_free                  407 
_refine.ls_number_reflns_R_work                  ? 
_refine.ls_number_restraints                     ? 
_refine.ls_percent_reflns_obs                    99.98 
_refine.ls_percent_reflns_R_free                 4.79 
_refine.ls_R_factor_all                          ? 
_refine.ls_R_factor_obs                          0.1814 
_refine.ls_R_factor_R_free                       0.1970 
_refine.ls_R_factor_R_free_error                 ? 
_refine.ls_R_factor_R_free_error_details         ? 
_refine.ls_R_factor_R_work                       0.1774 
_refine.ls_R_Fsqd_factor_obs                     ? 
_refine.ls_R_I_factor_obs                        ? 
_refine.ls_redundancy_reflns_all                 ? 
_refine.ls_redundancy_reflns_obs                 ? 
_refine.ls_restrained_S_all                      ? 
_refine.ls_restrained_S_obs                      ? 
_refine.ls_shift_over_esd_max                    ? 
_refine.ls_shift_over_esd_mean                   ? 
_refine.ls_structure_factor_coef                 ? 
_refine.ls_weighting_details                     ? 
_refine.ls_weighting_scheme                      ? 
_refine.ls_wR_factor_all                         ? 
_refine.ls_wR_factor_obs                         ? 
_refine.ls_wR_factor_R_free                      ? 
_refine.ls_wR_factor_R_work                      ? 
_refine.occupancy_max                            ? 
_refine.occupancy_min                            ? 
_refine.solvent_model_details                    'FLAT BULK SOLVENT MODEL' 
_refine.solvent_model_param_bsol                 ? 
_refine.solvent_model_param_ksol                 ? 
_refine.ls_R_factor_gt                           ? 
_refine.ls_goodness_of_fit_gt                    ? 
_refine.ls_goodness_of_fit_ref                   ? 
_refine.ls_shift_over_su_max                     ? 
_refine.ls_shift_over_su_max_lt                  ? 
_refine.ls_shift_over_su_mean                    ? 
_refine.ls_shift_over_su_mean_lt                 ? 
_refine.pdbx_ls_sigma_I                          ? 
_refine.pdbx_ls_sigma_F                          1.36 
_refine.pdbx_ls_sigma_Fsqd                       ? 
_refine.pdbx_data_cutoff_high_absF               ? 
_refine.pdbx_data_cutoff_high_rms_absF           ? 
_refine.pdbx_data_cutoff_low_absF                ? 
_refine.pdbx_isotropic_thermal_model             ? 
_refine.pdbx_ls_cross_valid_method               'FREE R-VALUE' 
_refine.pdbx_method_to_determine_struct          'MOLECULAR REPLACEMENT' 
_refine.pdbx_starting_model                      1GR3 
_refine.pdbx_stereochemistry_target_values       TWIN_LSQ_F 
_refine.pdbx_R_Free_selection_details            ? 
_refine.pdbx_stereochem_target_val_spec_case     ? 
_refine.pdbx_overall_ESU_R                       ? 
_refine.pdbx_overall_ESU_R_Free                  ? 
_refine.pdbx_solvent_vdw_probe_radii             1.11 
_refine.pdbx_solvent_ion_probe_radii             ? 
_refine.pdbx_solvent_shrinkage_radii             0.90 
_refine.pdbx_real_space_R                        ? 
_refine.pdbx_density_correlation                 ? 
_refine.pdbx_pd_number_of_powder_patterns        ? 
_refine.pdbx_pd_number_of_points                 ? 
_refine.pdbx_pd_meas_number_of_points            ? 
_refine.pdbx_pd_proc_ls_prof_R_factor            ? 
_refine.pdbx_pd_proc_ls_prof_wR_factor           ? 
_refine.pdbx_pd_Marquardt_correlation_coeff      ? 
_refine.pdbx_pd_Fsqrd_R_factor                   ? 
_refine.pdbx_pd_ls_matrix_band_width             ? 
_refine.pdbx_overall_phase_error                 25.81 
_refine.pdbx_overall_SU_R_free_Cruickshank_DPI   ? 
_refine.pdbx_overall_SU_R_free_Blow_DPI          ? 
_refine.pdbx_overall_SU_R_Blow_DPI               ? 
_refine.pdbx_TLS_residual_ADP_flag               ? 
_refine.pdbx_diffrn_id                           1 
_refine.overall_SU_B                             ? 
_refine.overall_SU_ML                            ? 
_refine.overall_SU_R_Cruickshank_DPI             ? 
_refine.overall_SU_R_free                        ? 
_refine.overall_FOM_free_R_set                   ? 
_refine.overall_FOM_work_R_set                   ? 
_refine.pdbx_average_fsc_overall                 ? 
_refine.pdbx_average_fsc_work                    ? 
_refine.pdbx_average_fsc_free                    ? 
# 
_refine_hist.pdbx_refine_id                   'X-RAY DIFFRACTION' 
_refine_hist.cycle_id                         LAST 
_refine_hist.pdbx_number_atoms_protein        1081 
_refine_hist.pdbx_number_atoms_nucleic_acid   0 
_refine_hist.pdbx_number_atoms_ligand         14 
_refine_hist.number_atoms_solvent             55 
_refine_hist.number_atoms_total               1150 
_refine_hist.d_res_high                       2.351 
_refine_hist.d_res_low                        50.550 
# 
loop_
_refine_ls_restr.pdbx_refine_id 
_refine_ls_restr.criterion 
_refine_ls_restr.dev_ideal 
_refine_ls_restr.dev_ideal_target 
_refine_ls_restr.number 
_refine_ls_restr.rejects 
_refine_ls_restr.type 
_refine_ls_restr.weight 
_refine_ls_restr.pdbx_restraint_function 
'X-RAY DIFFRACTION' ? 0.002  ? 1120 ? f_bond_d           ? ? 
'X-RAY DIFFRACTION' ? 0.559  ? 1513 ? f_angle_d          ? ? 
'X-RAY DIFFRACTION' ? 11.089 ? 405  ? f_dihedral_angle_d ? ? 
'X-RAY DIFFRACTION' ? 0.027  ? 165  ? f_chiral_restr     ? ? 
'X-RAY DIFFRACTION' ? 0.002  ? 195  ? f_plane_restr      ? ? 
# 
loop_
_refine_ls_shell.pdbx_refine_id 
_refine_ls_shell.d_res_high 
_refine_ls_shell.d_res_low 
_refine_ls_shell.number_reflns_all 
_refine_ls_shell.number_reflns_obs 
_refine_ls_shell.number_reflns_R_free 
_refine_ls_shell.number_reflns_R_work 
_refine_ls_shell.percent_reflns_obs 
_refine_ls_shell.percent_reflns_R_free 
_refine_ls_shell.R_factor_all 
_refine_ls_shell.R_factor_obs 
_refine_ls_shell.R_factor_R_free 
_refine_ls_shell.R_factor_R_free_error 
_refine_ls_shell.R_factor_R_work 
_refine_ls_shell.redundancy_reflns_all 
_refine_ls_shell.redundancy_reflns_obs 
_refine_ls_shell.wR_factor_all 
_refine_ls_shell.wR_factor_obs 
_refine_ls_shell.wR_factor_R_free 
_refine_ls_shell.wR_factor_R_work 
_refine_ls_shell.pdbx_total_number_of_bins_used 
_refine_ls_shell.pdbx_phase_error 
_refine_ls_shell.pdbx_fsc_work 
_refine_ls_shell.pdbx_fsc_free 
'X-RAY DIFFRACTION' 2.3519 2.6916  . . 144 2656 95.00 . . . 0.2961 . 0.2530 . . . . . . . . . . 
'X-RAY DIFFRACTION' 2.6916 3.3891  . . 130 2672 95.00 . . . 0.2323 . 0.2011 . . . . . . . . . . 
'X-RAY DIFFRACTION' 3.3891 21.7477 . . 133 2737 95.00 . . . 0.1704 . 0.1514 . . . . . . . . . . 
# 
_struct.entry_id                     5KC5 
_struct.title                        'Crystal structure of the Cbln1 C1q domain trimer' 
_struct.pdbx_model_details           ? 
_struct.pdbx_formula_weight          ? 
_struct.pdbx_formula_weight_method   ? 
_struct.pdbx_model_type_details      ? 
_struct.pdbx_CASP_flag               N 
# 
_struct_keywords.entry_id        5KC5 
_struct_keywords.text            'Cerebellin, C1q, neurotransmission, Signaling protein' 
_struct_keywords.pdbx_keywords   'SIGNALING PROTEIN' 
# 
loop_
_struct_asym.id 
_struct_asym.pdbx_blank_PDB_chainid_flag 
_struct_asym.pdbx_modified 
_struct_asym.entity_id 
_struct_asym.details 
A N N 1 ? 
B N N 2 ? 
C N N 3 ? 
# 
_struct_ref.id                         1 
_struct_ref.db_name                    UNP 
_struct_ref.db_code                    CBLN1_HUMAN 
_struct_ref.pdbx_db_accession          P23435 
_struct_ref.pdbx_db_isoform            ? 
_struct_ref.entity_id                  1 
_struct_ref.pdbx_seq_one_letter_code   
;GSAKVAFSAIRSTNHEPSEMSNRTMIIYFDQVLVNIGNNFDSERSTFIAPRKGIYSFNFHVVKVYNRQTIQVSLMLNGWP
VISAFAGDQDVTREAASNGVLIQMEKGDRAYLKLERGNLMGGWKYSTFSGFLVFPL
;
_struct_ref.pdbx_align_begin           58 
# 
_struct_ref_seq.align_id                      1 
_struct_ref_seq.ref_id                        1 
_struct_ref_seq.pdbx_PDB_id_code              5KC5 
_struct_ref_seq.pdbx_strand_id                A 
_struct_ref_seq.seq_align_beg                 3 
_struct_ref_seq.pdbx_seq_align_beg_ins_code   ? 
_struct_ref_seq.seq_align_end                 138 
_struct_ref_seq.pdbx_seq_align_end_ins_code   ? 
_struct_ref_seq.pdbx_db_accession             P23435 
_struct_ref_seq.db_align_beg                  58 
_struct_ref_seq.pdbx_db_align_beg_ins_code    ? 
_struct_ref_seq.db_align_end                  193 
_struct_ref_seq.pdbx_db_align_end_ins_code    ? 
_struct_ref_seq.pdbx_auth_seq_align_beg       58 
_struct_ref_seq.pdbx_auth_seq_align_end       193 
# 
loop_
_struct_ref_seq_dif.align_id 
_struct_ref_seq_dif.pdbx_pdb_id_code 
_struct_ref_seq_dif.mon_id 
_struct_ref_seq_dif.pdbx_pdb_strand_id 
_struct_ref_seq_dif.seq_num 
_struct_ref_seq_dif.pdbx_pdb_ins_code 
_struct_ref_seq_dif.pdbx_seq_db_name 
_struct_ref_seq_dif.pdbx_seq_db_accession_code 
_struct_ref_seq_dif.db_mon_id 
_struct_ref_seq_dif.pdbx_seq_db_seq_num 
_struct_ref_seq_dif.details 
_struct_ref_seq_dif.pdbx_auth_seq_num 
_struct_ref_seq_dif.pdbx_ordinal 
1 5KC5 GLU A 1   ? UNP P23435 ? ? 'expression tag' 56  1  
1 5KC5 THR A 2   ? UNP P23435 ? ? 'expression tag' 57  2  
1 5KC5 GLY A 139 ? UNP P23435 ? ? 'expression tag' 194 3  
1 5KC5 THR A 140 ? UNP P23435 ? ? 'expression tag' 195 4  
1 5KC5 LYS A 141 ? UNP P23435 ? ? 'expression tag' 196 5  
1 5KC5 HIS A 142 ? UNP P23435 ? ? 'expression tag' 197 6  
1 5KC5 HIS A 143 ? UNP P23435 ? ? 'expression tag' 198 7  
1 5KC5 HIS A 144 ? UNP P23435 ? ? 'expression tag' 199 8  
1 5KC5 HIS A 145 ? UNP P23435 ? ? 'expression tag' 200 9  
1 5KC5 HIS A 146 ? UNP P23435 ? ? 'expression tag' 201 10 
1 5KC5 HIS A 147 ? UNP P23435 ? ? 'expression tag' 202 11 
# 
_pdbx_struct_assembly.id                   1 
_pdbx_struct_assembly.details              author_and_software_defined_assembly 
_pdbx_struct_assembly.method_details       PISA 
_pdbx_struct_assembly.oligomeric_details   trimeric 
_pdbx_struct_assembly.oligomeric_count     3 
# 
loop_
_pdbx_struct_assembly_prop.biol_id 
_pdbx_struct_assembly_prop.type 
_pdbx_struct_assembly_prop.value 
_pdbx_struct_assembly_prop.details 
1 'ABSA (A^2)' 5680  ? 
1 MORE         -31   ? 
1 'SSA (A^2)'  17150 ? 
# 
_pdbx_struct_assembly_gen.assembly_id       1 
_pdbx_struct_assembly_gen.oper_expression   1,2,3 
_pdbx_struct_assembly_gen.asym_id_list      A,B,C 
# 
loop_
_pdbx_struct_oper_list.id 
_pdbx_struct_oper_list.type 
_pdbx_struct_oper_list.name 
_pdbx_struct_oper_list.symmetry_operation 
_pdbx_struct_oper_list.matrix[1][1] 
_pdbx_struct_oper_list.matrix[1][2] 
_pdbx_struct_oper_list.matrix[1][3] 
_pdbx_struct_oper_list.vector[1] 
_pdbx_struct_oper_list.matrix[2][1] 
_pdbx_struct_oper_list.matrix[2][2] 
_pdbx_struct_oper_list.matrix[2][3] 
_pdbx_struct_oper_list.vector[2] 
_pdbx_struct_oper_list.matrix[3][1] 
_pdbx_struct_oper_list.matrix[3][2] 
_pdbx_struct_oper_list.matrix[3][3] 
_pdbx_struct_oper_list.vector[3] 
1 'identity operation'         1_555 x,y,z       1.0000000000  0.0000000000  0.0000000000  0.0000000000   0.0000000000  1.0000000000 0.0000000000 0.0000000000  0.0000000000  0.0000000000 1.0000000000 0.0000000000   
2 'crystal symmetry operation' 2_565 -y,x-y+1,z  -0.4126760856 -0.8597023281 0.3010155402  7.2800891481   0.3898726408  0.1319572842 0.9113652392 17.0952847798 -0.8232240110 0.4934563630 0.2807188014 -12.9458270352 
3 'crystal symmetry operation' 3_455 -x+y-1,-x,z -0.4126760856 0.3898726408  -0.8232240110 -14.3179807860 -0.8597023281 0.1319572842 0.4934563630 10.3910629617 0.3010155402  0.9113652392 0.2807188014 -14.1373312203 
# 
_struct_conf.conf_type_id            HELX_P 
_struct_conf.id                      HELX_P1 
_struct_conf.pdbx_PDB_helix_id       AA1 
_struct_conf.beg_label_comp_id       MET 
_struct_conf.beg_label_asym_id       A 
_struct_conf.beg_label_seq_id        22 
_struct_conf.pdbx_beg_PDB_ins_code   ? 
_struct_conf.end_label_comp_id       MET 
_struct_conf.end_label_asym_id       A 
_struct_conf.end_label_seq_id        27 
_struct_conf.pdbx_end_PDB_ins_code   ? 
_struct_conf.beg_auth_comp_id        MET 
_struct_conf.beg_auth_asym_id        A 
_struct_conf.beg_auth_seq_id         77 
_struct_conf.end_auth_comp_id        MET 
_struct_conf.end_auth_asym_id        A 
_struct_conf.end_auth_seq_id         82 
_struct_conf.pdbx_PDB_helix_class    1 
_struct_conf.details                 ? 
_struct_conf.pdbx_PDB_helix_length   6 
# 
_struct_conf_type.id          HELX_P 
_struct_conf_type.criteria    ? 
_struct_conf_type.reference   ? 
# 
_struct_conn.id                            covale1 
_struct_conn.conn_type_id                  covale 
_struct_conn.pdbx_leaving_atom_flag        one 
_struct_conn.pdbx_PDB_id                   ? 
_struct_conn.ptnr1_label_asym_id           A 
_struct_conn.ptnr1_label_comp_id           ASN 
_struct_conn.ptnr1_label_seq_id            24 
_struct_conn.ptnr1_label_atom_id           ND2 
_struct_conn.pdbx_ptnr1_label_alt_id       ? 
_struct_conn.pdbx_ptnr1_PDB_ins_code       ? 
_struct_conn.pdbx_ptnr1_standard_comp_id   ? 
_struct_conn.ptnr1_symmetry                1_555 
_struct_conn.ptnr2_label_asym_id           B 
_struct_conn.ptnr2_label_comp_id           NAG 
_struct_conn.ptnr2_label_seq_id            . 
_struct_conn.ptnr2_label_atom_id           C1 
_struct_conn.pdbx_ptnr2_label_alt_id       ? 
_struct_conn.pdbx_ptnr2_PDB_ins_code       ? 
_struct_conn.ptnr1_auth_asym_id            A 
_struct_conn.ptnr1_auth_comp_id            ASN 
_struct_conn.ptnr1_auth_seq_id             79 
_struct_conn.ptnr2_auth_asym_id            A 
_struct_conn.ptnr2_auth_comp_id            NAG 
_struct_conn.ptnr2_auth_seq_id             301 
_struct_conn.ptnr2_symmetry                1_555 
_struct_conn.pdbx_ptnr3_label_atom_id      ? 
_struct_conn.pdbx_ptnr3_label_seq_id       ? 
_struct_conn.pdbx_ptnr3_label_comp_id      ? 
_struct_conn.pdbx_ptnr3_label_asym_id      ? 
_struct_conn.pdbx_ptnr3_label_alt_id       ? 
_struct_conn.pdbx_ptnr3_PDB_ins_code       ? 
_struct_conn.details                       ? 
_struct_conn.pdbx_dist_value               1.440 
_struct_conn.pdbx_value_order              ? 
_struct_conn.pdbx_role                     N-Glycosylation 
# 
_struct_conn_type.id          covale 
_struct_conn_type.criteria    ? 
_struct_conn_type.reference   ? 
# 
_pdbx_modification_feature.ordinal                            1 
_pdbx_modification_feature.label_comp_id                      NAG 
_pdbx_modification_feature.label_asym_id                      B 
_pdbx_modification_feature.label_seq_id                       . 
_pdbx_modification_feature.label_alt_id                       ? 
_pdbx_modification_feature.modified_residue_label_comp_id     ASN 
_pdbx_modification_feature.modified_residue_label_asym_id     A 
_pdbx_modification_feature.modified_residue_label_seq_id      24 
_pdbx_modification_feature.modified_residue_label_alt_id      ? 
_pdbx_modification_feature.auth_comp_id                       NAG 
_pdbx_modification_feature.auth_asym_id                       A 
_pdbx_modification_feature.auth_seq_id                        301 
_pdbx_modification_feature.PDB_ins_code                       ? 
_pdbx_modification_feature.symmetry                           1_555 
_pdbx_modification_feature.modified_residue_auth_comp_id      ASN 
_pdbx_modification_feature.modified_residue_auth_asym_id      A 
_pdbx_modification_feature.modified_residue_auth_seq_id       79 
_pdbx_modification_feature.modified_residue_PDB_ins_code      ? 
_pdbx_modification_feature.modified_residue_symmetry          1_555 
_pdbx_modification_feature.comp_id_linking_atom               C1 
_pdbx_modification_feature.modified_residue_id_linking_atom   ND2 
_pdbx_modification_feature.modified_residue_id                ASN 
_pdbx_modification_feature.ref_pcm_id                         1 
_pdbx_modification_feature.ref_comp_id                        NAG 
_pdbx_modification_feature.type                               N-Glycosylation 
_pdbx_modification_feature.category                           Carbohydrate 
# 
loop_
_struct_sheet.id 
_struct_sheet.type 
_struct_sheet.number_strands 
_struct_sheet.details 
AA1 ? 5 ? 
AA2 ? 5 ? 
# 
loop_
_struct_sheet_order.sheet_id 
_struct_sheet_order.range_id_1 
_struct_sheet_order.range_id_2 
_struct_sheet_order.offset 
_struct_sheet_order.sense 
AA1 1 2 ? anti-parallel 
AA1 2 3 ? anti-parallel 
AA1 3 4 ? anti-parallel 
AA1 4 5 ? anti-parallel 
AA2 1 2 ? anti-parallel 
AA2 2 3 ? anti-parallel 
AA2 3 4 ? anti-parallel 
AA2 4 5 ? anti-parallel 
# 
loop_
_struct_sheet_range.sheet_id 
_struct_sheet_range.id 
_struct_sheet_range.beg_label_comp_id 
_struct_sheet_range.beg_label_asym_id 
_struct_sheet_range.beg_label_seq_id 
_struct_sheet_range.pdbx_beg_PDB_ins_code 
_struct_sheet_range.end_label_comp_id 
_struct_sheet_range.end_label_asym_id 
_struct_sheet_range.end_label_seq_id 
_struct_sheet_range.pdbx_end_PDB_ins_code 
_struct_sheet_range.beg_auth_comp_id 
_struct_sheet_range.beg_auth_asym_id 
_struct_sheet_range.beg_auth_seq_id 
_struct_sheet_range.end_auth_comp_id 
_struct_sheet_range.end_auth_asym_id 
_struct_sheet_range.end_auth_seq_id 
AA1 1 GLN A 33  ? ILE A 38  ? GLN A 88  ILE A 93  
AA1 2 ALA A 8   ? ILE A 12  ? ALA A 63  ILE A 67  
AA1 3 THR A 129 ? PRO A 137 ? THR A 184 PRO A 192 
AA1 4 GLY A 55  ? LYS A 65  ? GLY A 110 LYS A 120 
AA1 5 GLU A 96  ? MET A 106 ? GLU A 151 MET A 161 
AA2 1 PHE A 42  ? ASP A 43  ? PHE A 97  ASP A 98  
AA2 2 THR A 48  ? ILE A 50  ? THR A 103 ILE A 105 
AA2 3 ARG A 111 ? ARG A 118 ? ARG A 166 ARG A 173 
AA2 4 ILE A 72  ? LEU A 78  ? ILE A 127 LEU A 133 
AA2 5 TRP A 81  ? ALA A 88  ? TRP A 136 ALA A 143 
# 
loop_
_pdbx_struct_sheet_hbond.sheet_id 
_pdbx_struct_sheet_hbond.range_id_1 
_pdbx_struct_sheet_hbond.range_id_2 
_pdbx_struct_sheet_hbond.range_1_label_atom_id 
_pdbx_struct_sheet_hbond.range_1_label_comp_id 
_pdbx_struct_sheet_hbond.range_1_label_asym_id 
_pdbx_struct_sheet_hbond.range_1_label_seq_id 
_pdbx_struct_sheet_hbond.range_1_PDB_ins_code 
_pdbx_struct_sheet_hbond.range_1_auth_atom_id 
_pdbx_struct_sheet_hbond.range_1_auth_comp_id 
_pdbx_struct_sheet_hbond.range_1_auth_asym_id 
_pdbx_struct_sheet_hbond.range_1_auth_seq_id 
_pdbx_struct_sheet_hbond.range_2_label_atom_id 
_pdbx_struct_sheet_hbond.range_2_label_comp_id 
_pdbx_struct_sheet_hbond.range_2_label_asym_id 
_pdbx_struct_sheet_hbond.range_2_label_seq_id 
_pdbx_struct_sheet_hbond.range_2_PDB_ins_code 
_pdbx_struct_sheet_hbond.range_2_auth_atom_id 
_pdbx_struct_sheet_hbond.range_2_auth_comp_id 
_pdbx_struct_sheet_hbond.range_2_auth_asym_id 
_pdbx_struct_sheet_hbond.range_2_auth_seq_id 
AA1 1 2 O GLN A 33  ? O GLN A 88  N ILE A 12  ? N ILE A 67  
AA1 2 3 N PHE A 9   ? N PHE A 64  O GLY A 132 ? O GLY A 187 
AA1 3 4 O PHE A 133 ? O PHE A 188 N SER A 58  ? N SER A 113 
AA1 4 5 N TYR A 57  ? N TYR A 112 O ILE A 104 ? O ILE A 159 
AA2 1 2 N ASP A 43  ? N ASP A 98  O THR A 48  ? O THR A 103 
AA2 2 3 N PHE A 49  ? N PHE A 104 O ALA A 112 ? O ALA A 167 
AA2 3 4 O TYR A 113 ? O TYR A 168 N MET A 77  ? N MET A 132 
AA2 4 5 N LEU A 78  ? N LEU A 133 O TRP A 81  ? O TRP A 136 
# 
_pdbx_entry_details.entry_id                   5KC5 
_pdbx_entry_details.compound_details           ? 
_pdbx_entry_details.source_details             ? 
_pdbx_entry_details.nonpolymer_details         ? 
_pdbx_entry_details.sequence_details           ? 
_pdbx_entry_details.has_ligand_of_interest     ? 
_pdbx_entry_details.has_protein_modification   Y 
# 
loop_
_pdbx_validate_torsion.id 
_pdbx_validate_torsion.PDB_model_num 
_pdbx_validate_torsion.auth_comp_id 
_pdbx_validate_torsion.auth_asym_id 
_pdbx_validate_torsion.auth_seq_id 
_pdbx_validate_torsion.PDB_ins_code 
_pdbx_validate_torsion.label_alt_id 
_pdbx_validate_torsion.phi 
_pdbx_validate_torsion.psi 
1 1 ASN A 92  ? ? -164.55 55.93  
2 1 ASN A 123 ? ? -159.01 31.79  
3 1 ASP A 145 ? ? -163.31 119.53 
# 
_pdbx_point_symmetry.entry_id             5KC5 
_pdbx_point_symmetry.Schoenflies_symbol   C 
_pdbx_point_symmetry.circular_symmetry    3 
_pdbx_point_symmetry.H-M_notation         ? 
# 
loop_
_pdbx_unobs_or_zero_occ_residues.id 
_pdbx_unobs_or_zero_occ_residues.PDB_model_num 
_pdbx_unobs_or_zero_occ_residues.polymer_flag 
_pdbx_unobs_or_zero_occ_residues.occupancy_flag 
_pdbx_unobs_or_zero_occ_residues.auth_asym_id 
_pdbx_unobs_or_zero_occ_residues.auth_comp_id 
_pdbx_unobs_or_zero_occ_residues.auth_seq_id 
_pdbx_unobs_or_zero_occ_residues.PDB_ins_code 
_pdbx_unobs_or_zero_occ_residues.label_asym_id 
_pdbx_unobs_or_zero_occ_residues.label_comp_id 
_pdbx_unobs_or_zero_occ_residues.label_seq_id 
1  1 Y 1 A GLU 56  ? A GLU 1   
2  1 Y 1 A THR 57  ? A THR 2   
3  1 Y 1 A THR 195 ? A THR 140 
4  1 Y 1 A LYS 196 ? A LYS 141 
5  1 Y 1 A HIS 197 ? A HIS 142 
6  1 Y 1 A HIS 198 ? A HIS 143 
7  1 Y 1 A HIS 199 ? A HIS 144 
8  1 Y 1 A HIS 200 ? A HIS 145 
9  1 Y 1 A HIS 201 ? A HIS 146 
10 1 Y 1 A HIS 202 ? A HIS 147 
# 
loop_
_chem_comp_atom.comp_id 
_chem_comp_atom.atom_id 
_chem_comp_atom.type_symbol 
_chem_comp_atom.pdbx_aromatic_flag 
_chem_comp_atom.pdbx_stereo_config 
_chem_comp_atom.pdbx_ordinal 
ALA N    N N N 1   
ALA CA   C N S 2   
ALA C    C N N 3   
ALA O    O N N 4   
ALA CB   C N N 5   
ALA OXT  O N N 6   
ALA H    H N N 7   
ALA H2   H N N 8   
ALA HA   H N N 9   
ALA HB1  H N N 10  
ALA HB2  H N N 11  
ALA HB3  H N N 12  
ALA HXT  H N N 13  
ARG N    N N N 14  
ARG CA   C N S 15  
ARG C    C N N 16  
ARG O    O N N 17  
ARG CB   C N N 18  
ARG CG   C N N 19  
ARG CD   C N N 20  
ARG NE   N N N 21  
ARG CZ   C N N 22  
ARG NH1  N N N 23  
ARG NH2  N N N 24  
ARG OXT  O N N 25  
ARG H    H N N 26  
ARG H2   H N N 27  
ARG HA   H N N 28  
ARG HB2  H N N 29  
ARG HB3  H N N 30  
ARG HG2  H N N 31  
ARG HG3  H N N 32  
ARG HD2  H N N 33  
ARG HD3  H N N 34  
ARG HE   H N N 35  
ARG HH11 H N N 36  
ARG HH12 H N N 37  
ARG HH21 H N N 38  
ARG HH22 H N N 39  
ARG HXT  H N N 40  
ASN N    N N N 41  
ASN CA   C N S 42  
ASN C    C N N 43  
ASN O    O N N 44  
ASN CB   C N N 45  
ASN CG   C N N 46  
ASN OD1  O N N 47  
ASN ND2  N N N 48  
ASN OXT  O N N 49  
ASN H    H N N 50  
ASN H2   H N N 51  
ASN HA   H N N 52  
ASN HB2  H N N 53  
ASN HB3  H N N 54  
ASN HD21 H N N 55  
ASN HD22 H N N 56  
ASN HXT  H N N 57  
ASP N    N N N 58  
ASP CA   C N S 59  
ASP C    C N N 60  
ASP O    O N N 61  
ASP CB   C N N 62  
ASP CG   C N N 63  
ASP OD1  O N N 64  
ASP OD2  O N N 65  
ASP OXT  O N N 66  
ASP H    H N N 67  
ASP H2   H N N 68  
ASP HA   H N N 69  
ASP HB2  H N N 70  
ASP HB3  H N N 71  
ASP HD2  H N N 72  
ASP HXT  H N N 73  
GLN N    N N N 74  
GLN CA   C N S 75  
GLN C    C N N 76  
GLN O    O N N 77  
GLN CB   C N N 78  
GLN CG   C N N 79  
GLN CD   C N N 80  
GLN OE1  O N N 81  
GLN NE2  N N N 82  
GLN OXT  O N N 83  
GLN H    H N N 84  
GLN H2   H N N 85  
GLN HA   H N N 86  
GLN HB2  H N N 87  
GLN HB3  H N N 88  
GLN HG2  H N N 89  
GLN HG3  H N N 90  
GLN HE21 H N N 91  
GLN HE22 H N N 92  
GLN HXT  H N N 93  
GLU N    N N N 94  
GLU CA   C N S 95  
GLU C    C N N 96  
GLU O    O N N 97  
GLU CB   C N N 98  
GLU CG   C N N 99  
GLU CD   C N N 100 
GLU OE1  O N N 101 
GLU OE2  O N N 102 
GLU OXT  O N N 103 
GLU H    H N N 104 
GLU H2   H N N 105 
GLU HA   H N N 106 
GLU HB2  H N N 107 
GLU HB3  H N N 108 
GLU HG2  H N N 109 
GLU HG3  H N N 110 
GLU HE2  H N N 111 
GLU HXT  H N N 112 
GLY N    N N N 113 
GLY CA   C N N 114 
GLY C    C N N 115 
GLY O    O N N 116 
GLY OXT  O N N 117 
GLY H    H N N 118 
GLY H2   H N N 119 
GLY HA2  H N N 120 
GLY HA3  H N N 121 
GLY HXT  H N N 122 
HIS N    N N N 123 
HIS CA   C N S 124 
HIS C    C N N 125 
HIS O    O N N 126 
HIS CB   C N N 127 
HIS CG   C Y N 128 
HIS ND1  N Y N 129 
HIS CD2  C Y N 130 
HIS CE1  C Y N 131 
HIS NE2  N Y N 132 
HIS OXT  O N N 133 
HIS H    H N N 134 
HIS H2   H N N 135 
HIS HA   H N N 136 
HIS HB2  H N N 137 
HIS HB3  H N N 138 
HIS HD1  H N N 139 
HIS HD2  H N N 140 
HIS HE1  H N N 141 
HIS HE2  H N N 142 
HIS HXT  H N N 143 
HOH O    O N N 144 
HOH H1   H N N 145 
HOH H2   H N N 146 
ILE N    N N N 147 
ILE CA   C N S 148 
ILE C    C N N 149 
ILE O    O N N 150 
ILE CB   C N S 151 
ILE CG1  C N N 152 
ILE CG2  C N N 153 
ILE CD1  C N N 154 
ILE OXT  O N N 155 
ILE H    H N N 156 
ILE H2   H N N 157 
ILE HA   H N N 158 
ILE HB   H N N 159 
ILE HG12 H N N 160 
ILE HG13 H N N 161 
ILE HG21 H N N 162 
ILE HG22 H N N 163 
ILE HG23 H N N 164 
ILE HD11 H N N 165 
ILE HD12 H N N 166 
ILE HD13 H N N 167 
ILE HXT  H N N 168 
LEU N    N N N 169 
LEU CA   C N S 170 
LEU C    C N N 171 
LEU O    O N N 172 
LEU CB   C N N 173 
LEU CG   C N N 174 
LEU CD1  C N N 175 
LEU CD2  C N N 176 
LEU OXT  O N N 177 
LEU H    H N N 178 
LEU H2   H N N 179 
LEU HA   H N N 180 
LEU HB2  H N N 181 
LEU HB3  H N N 182 
LEU HG   H N N 183 
LEU HD11 H N N 184 
LEU HD12 H N N 185 
LEU HD13 H N N 186 
LEU HD21 H N N 187 
LEU HD22 H N N 188 
LEU HD23 H N N 189 
LEU HXT  H N N 190 
LYS N    N N N 191 
LYS CA   C N S 192 
LYS C    C N N 193 
LYS O    O N N 194 
LYS CB   C N N 195 
LYS CG   C N N 196 
LYS CD   C N N 197 
LYS CE   C N N 198 
LYS NZ   N N N 199 
LYS OXT  O N N 200 
LYS H    H N N 201 
LYS H2   H N N 202 
LYS HA   H N N 203 
LYS HB2  H N N 204 
LYS HB3  H N N 205 
LYS HG2  H N N 206 
LYS HG3  H N N 207 
LYS HD2  H N N 208 
LYS HD3  H N N 209 
LYS HE2  H N N 210 
LYS HE3  H N N 211 
LYS HZ1  H N N 212 
LYS HZ2  H N N 213 
LYS HZ3  H N N 214 
LYS HXT  H N N 215 
MET N    N N N 216 
MET CA   C N S 217 
MET C    C N N 218 
MET O    O N N 219 
MET CB   C N N 220 
MET CG   C N N 221 
MET SD   S N N 222 
MET CE   C N N 223 
MET OXT  O N N 224 
MET H    H N N 225 
MET H2   H N N 226 
MET HA   H N N 227 
MET HB2  H N N 228 
MET HB3  H N N 229 
MET HG2  H N N 230 
MET HG3  H N N 231 
MET HE1  H N N 232 
MET HE2  H N N 233 
MET HE3  H N N 234 
MET HXT  H N N 235 
NAG C1   C N R 236 
NAG C2   C N R 237 
NAG C3   C N R 238 
NAG C4   C N S 239 
NAG C5   C N R 240 
NAG C6   C N N 241 
NAG C7   C N N 242 
NAG C8   C N N 243 
NAG N2   N N N 244 
NAG O1   O N N 245 
NAG O3   O N N 246 
NAG O4   O N N 247 
NAG O5   O N N 248 
NAG O6   O N N 249 
NAG O7   O N N 250 
NAG H1   H N N 251 
NAG H2   H N N 252 
NAG H3   H N N 253 
NAG H4   H N N 254 
NAG H5   H N N 255 
NAG H61  H N N 256 
NAG H62  H N N 257 
NAG H81  H N N 258 
NAG H82  H N N 259 
NAG H83  H N N 260 
NAG HN2  H N N 261 
NAG HO1  H N N 262 
NAG HO3  H N N 263 
NAG HO4  H N N 264 
NAG HO6  H N N 265 
PHE N    N N N 266 
PHE CA   C N S 267 
PHE C    C N N 268 
PHE O    O N N 269 
PHE CB   C N N 270 
PHE CG   C Y N 271 
PHE CD1  C Y N 272 
PHE CD2  C Y N 273 
PHE CE1  C Y N 274 
PHE CE2  C Y N 275 
PHE CZ   C Y N 276 
PHE OXT  O N N 277 
PHE H    H N N 278 
PHE H2   H N N 279 
PHE HA   H N N 280 
PHE HB2  H N N 281 
PHE HB3  H N N 282 
PHE HD1  H N N 283 
PHE HD2  H N N 284 
PHE HE1  H N N 285 
PHE HE2  H N N 286 
PHE HZ   H N N 287 
PHE HXT  H N N 288 
PRO N    N N N 289 
PRO CA   C N S 290 
PRO C    C N N 291 
PRO O    O N N 292 
PRO CB   C N N 293 
PRO CG   C N N 294 
PRO CD   C N N 295 
PRO OXT  O N N 296 
PRO H    H N N 297 
PRO HA   H N N 298 
PRO HB2  H N N 299 
PRO HB3  H N N 300 
PRO HG2  H N N 301 
PRO HG3  H N N 302 
PRO HD2  H N N 303 
PRO HD3  H N N 304 
PRO HXT  H N N 305 
SER N    N N N 306 
SER CA   C N S 307 
SER C    C N N 308 
SER O    O N N 309 
SER CB   C N N 310 
SER OG   O N N 311 
SER OXT  O N N 312 
SER H    H N N 313 
SER H2   H N N 314 
SER HA   H N N 315 
SER HB2  H N N 316 
SER HB3  H N N 317 
SER HG   H N N 318 
SER HXT  H N N 319 
THR N    N N N 320 
THR CA   C N S 321 
THR C    C N N 322 
THR O    O N N 323 
THR CB   C N R 324 
THR OG1  O N N 325 
THR CG2  C N N 326 
THR OXT  O N N 327 
THR H    H N N 328 
THR H2   H N N 329 
THR HA   H N N 330 
THR HB   H N N 331 
THR HG1  H N N 332 
THR HG21 H N N 333 
THR HG22 H N N 334 
THR HG23 H N N 335 
THR HXT  H N N 336 
TRP N    N N N 337 
TRP CA   C N S 338 
TRP C    C N N 339 
TRP O    O N N 340 
TRP CB   C N N 341 
TRP CG   C Y N 342 
TRP CD1  C Y N 343 
TRP CD2  C Y N 344 
TRP NE1  N Y N 345 
TRP CE2  C Y N 346 
TRP CE3  C Y N 347 
TRP CZ2  C Y N 348 
TRP CZ3  C Y N 349 
TRP CH2  C Y N 350 
TRP OXT  O N N 351 
TRP H    H N N 352 
TRP H2   H N N 353 
TRP HA   H N N 354 
TRP HB2  H N N 355 
TRP HB3  H N N 356 
TRP HD1  H N N 357 
TRP HE1  H N N 358 
TRP HE3  H N N 359 
TRP HZ2  H N N 360 
TRP HZ3  H N N 361 
TRP HH2  H N N 362 
TRP HXT  H N N 363 
TYR N    N N N 364 
TYR CA   C N S 365 
TYR C    C N N 366 
TYR O    O N N 367 
TYR CB   C N N 368 
TYR CG   C Y N 369 
TYR CD1  C Y N 370 
TYR CD2  C Y N 371 
TYR CE1  C Y N 372 
TYR CE2  C Y N 373 
TYR CZ   C Y N 374 
TYR OH   O N N 375 
TYR OXT  O N N 376 
TYR H    H N N 377 
TYR H2   H N N 378 
TYR HA   H N N 379 
TYR HB2  H N N 380 
TYR HB3  H N N 381 
TYR HD1  H N N 382 
TYR HD2  H N N 383 
TYR HE1  H N N 384 
TYR HE2  H N N 385 
TYR HH   H N N 386 
TYR HXT  H N N 387 
VAL N    N N N 388 
VAL CA   C N S 389 
VAL C    C N N 390 
VAL O    O N N 391 
VAL CB   C N N 392 
VAL CG1  C N N 393 
VAL CG2  C N N 394 
VAL OXT  O N N 395 
VAL H    H N N 396 
VAL H2   H N N 397 
VAL HA   H N N 398 
VAL HB   H N N 399 
VAL HG11 H N N 400 
VAL HG12 H N N 401 
VAL HG13 H N N 402 
VAL HG21 H N N 403 
VAL HG22 H N N 404 
VAL HG23 H N N 405 
VAL HXT  H N N 406 
# 
loop_
_chem_comp_bond.comp_id 
_chem_comp_bond.atom_id_1 
_chem_comp_bond.atom_id_2 
_chem_comp_bond.value_order 
_chem_comp_bond.pdbx_aromatic_flag 
_chem_comp_bond.pdbx_stereo_config 
_chem_comp_bond.pdbx_ordinal 
ALA N   CA   sing N N 1   
ALA N   H    sing N N 2   
ALA N   H2   sing N N 3   
ALA CA  C    sing N N 4   
ALA CA  CB   sing N N 5   
ALA CA  HA   sing N N 6   
ALA C   O    doub N N 7   
ALA C   OXT  sing N N 8   
ALA CB  HB1  sing N N 9   
ALA CB  HB2  sing N N 10  
ALA CB  HB3  sing N N 11  
ALA OXT HXT  sing N N 12  
ARG N   CA   sing N N 13  
ARG N   H    sing N N 14  
ARG N   H2   sing N N 15  
ARG CA  C    sing N N 16  
ARG CA  CB   sing N N 17  
ARG CA  HA   sing N N 18  
ARG C   O    doub N N 19  
ARG C   OXT  sing N N 20  
ARG CB  CG   sing N N 21  
ARG CB  HB2  sing N N 22  
ARG CB  HB3  sing N N 23  
ARG CG  CD   sing N N 24  
ARG CG  HG2  sing N N 25  
ARG CG  HG3  sing N N 26  
ARG CD  NE   sing N N 27  
ARG CD  HD2  sing N N 28  
ARG CD  HD3  sing N N 29  
ARG NE  CZ   sing N N 30  
ARG NE  HE   sing N N 31  
ARG CZ  NH1  sing N N 32  
ARG CZ  NH2  doub N N 33  
ARG NH1 HH11 sing N N 34  
ARG NH1 HH12 sing N N 35  
ARG NH2 HH21 sing N N 36  
ARG NH2 HH22 sing N N 37  
ARG OXT HXT  sing N N 38  
ASN N   CA   sing N N 39  
ASN N   H    sing N N 40  
ASN N   H2   sing N N 41  
ASN CA  C    sing N N 42  
ASN CA  CB   sing N N 43  
ASN CA  HA   sing N N 44  
ASN C   O    doub N N 45  
ASN C   OXT  sing N N 46  
ASN CB  CG   sing N N 47  
ASN CB  HB2  sing N N 48  
ASN CB  HB3  sing N N 49  
ASN CG  OD1  doub N N 50  
ASN CG  ND2  sing N N 51  
ASN ND2 HD21 sing N N 52  
ASN ND2 HD22 sing N N 53  
ASN OXT HXT  sing N N 54  
ASP N   CA   sing N N 55  
ASP N   H    sing N N 56  
ASP N   H2   sing N N 57  
ASP CA  C    sing N N 58  
ASP CA  CB   sing N N 59  
ASP CA  HA   sing N N 60  
ASP C   O    doub N N 61  
ASP C   OXT  sing N N 62  
ASP CB  CG   sing N N 63  
ASP CB  HB2  sing N N 64  
ASP CB  HB3  sing N N 65  
ASP CG  OD1  doub N N 66  
ASP CG  OD2  sing N N 67  
ASP OD2 HD2  sing N N 68  
ASP OXT HXT  sing N N 69  
GLN N   CA   sing N N 70  
GLN N   H    sing N N 71  
GLN N   H2   sing N N 72  
GLN CA  C    sing N N 73  
GLN CA  CB   sing N N 74  
GLN CA  HA   sing N N 75  
GLN C   O    doub N N 76  
GLN C   OXT  sing N N 77  
GLN CB  CG   sing N N 78  
GLN CB  HB2  sing N N 79  
GLN CB  HB3  sing N N 80  
GLN CG  CD   sing N N 81  
GLN CG  HG2  sing N N 82  
GLN CG  HG3  sing N N 83  
GLN CD  OE1  doub N N 84  
GLN CD  NE2  sing N N 85  
GLN NE2 HE21 sing N N 86  
GLN NE2 HE22 sing N N 87  
GLN OXT HXT  sing N N 88  
GLU N   CA   sing N N 89  
GLU N   H    sing N N 90  
GLU N   H2   sing N N 91  
GLU CA  C    sing N N 92  
GLU CA  CB   sing N N 93  
GLU CA  HA   sing N N 94  
GLU C   O    doub N N 95  
GLU C   OXT  sing N N 96  
GLU CB  CG   sing N N 97  
GLU CB  HB2  sing N N 98  
GLU CB  HB3  sing N N 99  
GLU CG  CD   sing N N 100 
GLU CG  HG2  sing N N 101 
GLU CG  HG3  sing N N 102 
GLU CD  OE1  doub N N 103 
GLU CD  OE2  sing N N 104 
GLU OE2 HE2  sing N N 105 
GLU OXT HXT  sing N N 106 
GLY N   CA   sing N N 107 
GLY N   H    sing N N 108 
GLY N   H2   sing N N 109 
GLY CA  C    sing N N 110 
GLY CA  HA2  sing N N 111 
GLY CA  HA3  sing N N 112 
GLY C   O    doub N N 113 
GLY C   OXT  sing N N 114 
GLY OXT HXT  sing N N 115 
HIS N   CA   sing N N 116 
HIS N   H    sing N N 117 
HIS N   H2   sing N N 118 
HIS CA  C    sing N N 119 
HIS CA  CB   sing N N 120 
HIS CA  HA   sing N N 121 
HIS C   O    doub N N 122 
HIS C   OXT  sing N N 123 
HIS CB  CG   sing N N 124 
HIS CB  HB2  sing N N 125 
HIS CB  HB3  sing N N 126 
HIS CG  ND1  sing Y N 127 
HIS CG  CD2  doub Y N 128 
HIS ND1 CE1  doub Y N 129 
HIS ND1 HD1  sing N N 130 
HIS CD2 NE2  sing Y N 131 
HIS CD2 HD2  sing N N 132 
HIS CE1 NE2  sing Y N 133 
HIS CE1 HE1  sing N N 134 
HIS NE2 HE2  sing N N 135 
HIS OXT HXT  sing N N 136 
HOH O   H1   sing N N 137 
HOH O   H2   sing N N 138 
ILE N   CA   sing N N 139 
ILE N   H    sing N N 140 
ILE N   H2   sing N N 141 
ILE CA  C    sing N N 142 
ILE CA  CB   sing N N 143 
ILE CA  HA   sing N N 144 
ILE C   O    doub N N 145 
ILE C   OXT  sing N N 146 
ILE CB  CG1  sing N N 147 
ILE CB  CG2  sing N N 148 
ILE CB  HB   sing N N 149 
ILE CG1 CD1  sing N N 150 
ILE CG1 HG12 sing N N 151 
ILE CG1 HG13 sing N N 152 
ILE CG2 HG21 sing N N 153 
ILE CG2 HG22 sing N N 154 
ILE CG2 HG23 sing N N 155 
ILE CD1 HD11 sing N N 156 
ILE CD1 HD12 sing N N 157 
ILE CD1 HD13 sing N N 158 
ILE OXT HXT  sing N N 159 
LEU N   CA   sing N N 160 
LEU N   H    sing N N 161 
LEU N   H2   sing N N 162 
LEU CA  C    sing N N 163 
LEU CA  CB   sing N N 164 
LEU CA  HA   sing N N 165 
LEU C   O    doub N N 166 
LEU C   OXT  sing N N 167 
LEU CB  CG   sing N N 168 
LEU CB  HB2  sing N N 169 
LEU CB  HB3  sing N N 170 
LEU CG  CD1  sing N N 171 
LEU CG  CD2  sing N N 172 
LEU CG  HG   sing N N 173 
LEU CD1 HD11 sing N N 174 
LEU CD1 HD12 sing N N 175 
LEU CD1 HD13 sing N N 176 
LEU CD2 HD21 sing N N 177 
LEU CD2 HD22 sing N N 178 
LEU CD2 HD23 sing N N 179 
LEU OXT HXT  sing N N 180 
LYS N   CA   sing N N 181 
LYS N   H    sing N N 182 
LYS N   H2   sing N N 183 
LYS CA  C    sing N N 184 
LYS CA  CB   sing N N 185 
LYS CA  HA   sing N N 186 
LYS C   O    doub N N 187 
LYS C   OXT  sing N N 188 
LYS CB  CG   sing N N 189 
LYS CB  HB2  sing N N 190 
LYS CB  HB3  sing N N 191 
LYS CG  CD   sing N N 192 
LYS CG  HG2  sing N N 193 
LYS CG  HG3  sing N N 194 
LYS CD  CE   sing N N 195 
LYS CD  HD2  sing N N 196 
LYS CD  HD3  sing N N 197 
LYS CE  NZ   sing N N 198 
LYS CE  HE2  sing N N 199 
LYS CE  HE3  sing N N 200 
LYS NZ  HZ1  sing N N 201 
LYS NZ  HZ2  sing N N 202 
LYS NZ  HZ3  sing N N 203 
LYS OXT HXT  sing N N 204 
MET N   CA   sing N N 205 
MET N   H    sing N N 206 
MET N   H2   sing N N 207 
MET CA  C    sing N N 208 
MET CA  CB   sing N N 209 
MET CA  HA   sing N N 210 
MET C   O    doub N N 211 
MET C   OXT  sing N N 212 
MET CB  CG   sing N N 213 
MET CB  HB2  sing N N 214 
MET CB  HB3  sing N N 215 
MET CG  SD   sing N N 216 
MET CG  HG2  sing N N 217 
MET CG  HG3  sing N N 218 
MET SD  CE   sing N N 219 
MET CE  HE1  sing N N 220 
MET CE  HE2  sing N N 221 
MET CE  HE3  sing N N 222 
MET OXT HXT  sing N N 223 
NAG C1  C2   sing N N 224 
NAG C1  O1   sing N N 225 
NAG C1  O5   sing N N 226 
NAG C1  H1   sing N N 227 
NAG C2  C3   sing N N 228 
NAG C2  N2   sing N N 229 
NAG C2  H2   sing N N 230 
NAG C3  C4   sing N N 231 
NAG C3  O3   sing N N 232 
NAG C3  H3   sing N N 233 
NAG C4  C5   sing N N 234 
NAG C4  O4   sing N N 235 
NAG C4  H4   sing N N 236 
NAG C5  C6   sing N N 237 
NAG C5  O5   sing N N 238 
NAG C5  H5   sing N N 239 
NAG C6  O6   sing N N 240 
NAG C6  H61  sing N N 241 
NAG C6  H62  sing N N 242 
NAG C7  C8   sing N N 243 
NAG C7  N2   sing N N 244 
NAG C7  O7   doub N N 245 
NAG C8  H81  sing N N 246 
NAG C8  H82  sing N N 247 
NAG C8  H83  sing N N 248 
NAG N2  HN2  sing N N 249 
NAG O1  HO1  sing N N 250 
NAG O3  HO3  sing N N 251 
NAG O4  HO4  sing N N 252 
NAG O6  HO6  sing N N 253 
PHE N   CA   sing N N 254 
PHE N   H    sing N N 255 
PHE N   H2   sing N N 256 
PHE CA  C    sing N N 257 
PHE CA  CB   sing N N 258 
PHE CA  HA   sing N N 259 
PHE C   O    doub N N 260 
PHE C   OXT  sing N N 261 
PHE CB  CG   sing N N 262 
PHE CB  HB2  sing N N 263 
PHE CB  HB3  sing N N 264 
PHE CG  CD1  doub Y N 265 
PHE CG  CD2  sing Y N 266 
PHE CD1 CE1  sing Y N 267 
PHE CD1 HD1  sing N N 268 
PHE CD2 CE2  doub Y N 269 
PHE CD2 HD2  sing N N 270 
PHE CE1 CZ   doub Y N 271 
PHE CE1 HE1  sing N N 272 
PHE CE2 CZ   sing Y N 273 
PHE CE2 HE2  sing N N 274 
PHE CZ  HZ   sing N N 275 
PHE OXT HXT  sing N N 276 
PRO N   CA   sing N N 277 
PRO N   CD   sing N N 278 
PRO N   H    sing N N 279 
PRO CA  C    sing N N 280 
PRO CA  CB   sing N N 281 
PRO CA  HA   sing N N 282 
PRO C   O    doub N N 283 
PRO C   OXT  sing N N 284 
PRO CB  CG   sing N N 285 
PRO CB  HB2  sing N N 286 
PRO CB  HB3  sing N N 287 
PRO CG  CD   sing N N 288 
PRO CG  HG2  sing N N 289 
PRO CG  HG3  sing N N 290 
PRO CD  HD2  sing N N 291 
PRO CD  HD3  sing N N 292 
PRO OXT HXT  sing N N 293 
SER N   CA   sing N N 294 
SER N   H    sing N N 295 
SER N   H2   sing N N 296 
SER CA  C    sing N N 297 
SER CA  CB   sing N N 298 
SER CA  HA   sing N N 299 
SER C   O    doub N N 300 
SER C   OXT  sing N N 301 
SER CB  OG   sing N N 302 
SER CB  HB2  sing N N 303 
SER CB  HB3  sing N N 304 
SER OG  HG   sing N N 305 
SER OXT HXT  sing N N 306 
THR N   CA   sing N N 307 
THR N   H    sing N N 308 
THR N   H2   sing N N 309 
THR CA  C    sing N N 310 
THR CA  CB   sing N N 311 
THR CA  HA   sing N N 312 
THR C   O    doub N N 313 
THR C   OXT  sing N N 314 
THR CB  OG1  sing N N 315 
THR CB  CG2  sing N N 316 
THR CB  HB   sing N N 317 
THR OG1 HG1  sing N N 318 
THR CG2 HG21 sing N N 319 
THR CG2 HG22 sing N N 320 
THR CG2 HG23 sing N N 321 
THR OXT HXT  sing N N 322 
TRP N   CA   sing N N 323 
TRP N   H    sing N N 324 
TRP N   H2   sing N N 325 
TRP CA  C    sing N N 326 
TRP CA  CB   sing N N 327 
TRP CA  HA   sing N N 328 
TRP C   O    doub N N 329 
TRP C   OXT  sing N N 330 
TRP CB  CG   sing N N 331 
TRP CB  HB2  sing N N 332 
TRP CB  HB3  sing N N 333 
TRP CG  CD1  doub Y N 334 
TRP CG  CD2  sing Y N 335 
TRP CD1 NE1  sing Y N 336 
TRP CD1 HD1  sing N N 337 
TRP CD2 CE2  doub Y N 338 
TRP CD2 CE3  sing Y N 339 
TRP NE1 CE2  sing Y N 340 
TRP NE1 HE1  sing N N 341 
TRP CE2 CZ2  sing Y N 342 
TRP CE3 CZ3  doub Y N 343 
TRP CE3 HE3  sing N N 344 
TRP CZ2 CH2  doub Y N 345 
TRP CZ2 HZ2  sing N N 346 
TRP CZ3 CH2  sing Y N 347 
TRP CZ3 HZ3  sing N N 348 
TRP CH2 HH2  sing N N 349 
TRP OXT HXT  sing N N 350 
TYR N   CA   sing N N 351 
TYR N   H    sing N N 352 
TYR N   H2   sing N N 353 
TYR CA  C    sing N N 354 
TYR CA  CB   sing N N 355 
TYR CA  HA   sing N N 356 
TYR C   O    doub N N 357 
TYR C   OXT  sing N N 358 
TYR CB  CG   sing N N 359 
TYR CB  HB2  sing N N 360 
TYR CB  HB3  sing N N 361 
TYR CG  CD1  doub Y N 362 
TYR CG  CD2  sing Y N 363 
TYR CD1 CE1  sing Y N 364 
TYR CD1 HD1  sing N N 365 
TYR CD2 CE2  doub Y N 366 
TYR CD2 HD2  sing N N 367 
TYR CE1 CZ   doub Y N 368 
TYR CE1 HE1  sing N N 369 
TYR CE2 CZ   sing Y N 370 
TYR CE2 HE2  sing N N 371 
TYR CZ  OH   sing N N 372 
TYR OH  HH   sing N N 373 
TYR OXT HXT  sing N N 374 
VAL N   CA   sing N N 375 
VAL N   H    sing N N 376 
VAL N   H2   sing N N 377 
VAL CA  C    sing N N 378 
VAL CA  CB   sing N N 379 
VAL CA  HA   sing N N 380 
VAL C   O    doub N N 381 
VAL C   OXT  sing N N 382 
VAL CB  CG1  sing N N 383 
VAL CB  CG2  sing N N 384 
VAL CB  HB   sing N N 385 
VAL CG1 HG11 sing N N 386 
VAL CG1 HG12 sing N N 387 
VAL CG1 HG13 sing N N 388 
VAL CG2 HG21 sing N N 389 
VAL CG2 HG22 sing N N 390 
VAL CG2 HG23 sing N N 391 
VAL OXT HXT  sing N N 392 
# 
_pdbx_initial_refinement_model.id               1 
_pdbx_initial_refinement_model.entity_id_list   ? 
_pdbx_initial_refinement_model.type             'experimental model' 
_pdbx_initial_refinement_model.source_name      PDB 
_pdbx_initial_refinement_model.accession_code   1GR3 
_pdbx_initial_refinement_model.details          ? 
# 
_pdbx_reflns_twin.domain_id    1 
_pdbx_reflns_twin.crystal_id   1 
_pdbx_reflns_twin.diffrn_id    1 
_pdbx_reflns_twin.type         ? 
_pdbx_reflns_twin.operator     h,-h-k,-l 
_pdbx_reflns_twin.fraction     0.170 
# 
_atom_sites.entry_id                    5KC5 
_atom_sites.fract_transf_matrix[1][1]   0.00709857 
_atom_sites.fract_transf_matrix[1][2]   -0.00755136 
_atom_sites.fract_transf_matrix[1][3]   0.00916799 
_atom_sites.fract_transf_matrix[2][1]   0.01342073 
_atom_sites.fract_transf_matrix[2][2]   0.00257470 
_atom_sites.fract_transf_matrix[2][3]   0.00217198 
_atom_sites.fract_transf_matrix[3][1]   -0.00477300 
_atom_sites.fract_transf_matrix[3][2]   0.01284010 
_atom_sites.fract_transf_matrix[3][3]   0.01427157 
_atom_sites.fract_transf_vector[1]      -0.164587 
_atom_sites.fract_transf_vector[2]      0.360716 
_atom_sites.fract_transf_vector[3]      -0.457368 
# 
loop_
_atom_type.symbol 
C 
N 
O 
S 
# 
loop_
_atom_site.group_PDB 
_atom_site.id 
_atom_site.type_symbol 
_atom_site.label_atom_id 
_atom_site.label_alt_id 
_atom_site.label_comp_id 
_atom_site.label_asym_id 
_atom_site.label_entity_id 
_atom_site.label_seq_id 
_atom_site.pdbx_PDB_ins_code 
_atom_site.Cartn_x 
_atom_site.Cartn_y 
_atom_site.Cartn_z 
_atom_site.occupancy 
_atom_site.B_iso_or_equiv 
_atom_site.pdbx_formal_charge 
_atom_site.auth_seq_id 
_atom_site.auth_comp_id 
_atom_site.auth_asym_id 
_atom_site.auth_atom_id 
_atom_site.pdbx_PDB_model_num 
ATOM   1    N N   . GLY A 1 3   ? 8.405   -15.225 -16.351 1.00 67.48  ? 58  GLY A N   1 
ATOM   2    C CA  . GLY A 1 3   ? 7.607   -15.927 -17.340 1.00 67.10  ? 58  GLY A CA  1 
ATOM   3    C C   . GLY A 1 3   ? 6.494   -15.064 -17.901 1.00 68.35  ? 58  GLY A C   1 
ATOM   4    O O   . GLY A 1 3   ? 6.620   -14.501 -18.989 1.00 66.44  ? 58  GLY A O   1 
ATOM   5    N N   . SER A 1 4   ? 5.398   -14.963 -17.156 1.00 68.99  ? 59  SER A N   1 
ATOM   6    C CA  . SER A 1 4   ? 4.249   -14.170 -17.580 1.00 68.39  ? 59  SER A CA  1 
ATOM   7    C C   . SER A 1 4   ? 4.574   -12.681 -17.554 1.00 58.66  ? 59  SER A C   1 
ATOM   8    O O   . SER A 1 4   ? 5.144   -12.180 -16.584 1.00 56.02  ? 59  SER A O   1 
ATOM   9    C CB  . SER A 1 4   ? 3.042   -14.451 -16.684 1.00 73.40  ? 59  SER A CB  1 
ATOM   10   O OG  . SER A 1 4   ? 1.881   -13.804 -17.176 1.00 74.14  ? 59  SER A OG  1 
ATOM   11   N N   . ALA A 1 5   ? 4.205   -11.982 -18.624 1.00 51.87  ? 60  ALA A N   1 
ATOM   12   C CA  . ALA A 1 5   ? 4.426   -10.542 -18.721 1.00 49.26  ? 60  ALA A CA  1 
ATOM   13   C C   . ALA A 1 5   ? 3.166   -9.767  -18.341 1.00 45.90  ? 60  ALA A C   1 
ATOM   14   O O   . ALA A 1 5   ? 3.132   -8.539  -18.438 1.00 45.87  ? 60  ALA A O   1 
ATOM   15   C CB  . ALA A 1 5   ? 4.874   -10.171 -20.124 1.00 52.69  ? 60  ALA A CB  1 
ATOM   16   N N   . LYS A 1 6   ? 2.133   -10.491 -17.915 1.00 43.27  ? 61  LYS A N   1 
ATOM   17   C CA  . LYS A 1 6   ? 0.889   -9.880  -17.460 1.00 34.11  ? 61  LYS A CA  1 
ATOM   18   C C   . LYS A 1 6   ? 0.795   -9.963  -15.941 1.00 36.74  ? 61  LYS A C   1 
ATOM   19   O O   . LYS A 1 6   ? 0.445   -11.006 -15.388 1.00 40.73  ? 61  LYS A O   1 
ATOM   20   C CB  . LYS A 1 6   ? -0.317  -10.561 -18.109 1.00 34.07  ? 61  LYS A CB  1 
ATOM   21   C CG  . LYS A 1 6   ? -0.349  -10.437 -19.625 1.00 37.08  ? 61  LYS A CG  1 
ATOM   22   C CD  . LYS A 1 6   ? -1.627  -11.017 -20.206 1.00 41.56  ? 61  LYS A CD  1 
ATOM   23   C CE  . LYS A 1 6   ? -1.704  -10.795 -21.709 1.00 45.70  ? 61  LYS A CE  1 
ATOM   24   N NZ  . LYS A 1 6   ? -2.998  -11.261 -22.282 1.00 51.33  ? 61  LYS A NZ  1 
ATOM   25   N N   . VAL A 1 7   ? 1.115   -8.857  -15.276 1.00 34.36  ? 62  VAL A N   1 
ATOM   26   C CA  . VAL A 1 7   ? 1.157   -8.811  -13.819 1.00 35.36  ? 62  VAL A CA  1 
ATOM   27   C C   . VAL A 1 7   ? 0.531   -7.520  -13.301 1.00 33.59  ? 62  VAL A C   1 
ATOM   28   O O   . VAL A 1 7   ? 0.948   -6.424  -13.674 1.00 34.24  ? 62  VAL A O   1 
ATOM   29   C CB  . VAL A 1 7   ? 2.605   -8.923  -13.296 1.00 38.49  ? 62  VAL A CB  1 
ATOM   30   C CG1 . VAL A 1 7   ? 2.636   -8.911  -11.771 1.00 36.60  ? 62  VAL A CG1 1 
ATOM   31   C CG2 . VAL A 1 7   ? 3.269   -10.185 -13.832 1.00 38.20  ? 62  VAL A CG2 1 
ATOM   32   N N   . ALA A 1 8   ? -0.468  -7.658  -12.436 1.00 28.41  ? 63  ALA A N   1 
ATOM   33   C CA  . ALA A 1 8   ? -1.132  -6.505  -11.844 1.00 32.80  ? 63  ALA A CA  1 
ATOM   34   C C   . ALA A 1 8   ? -1.917  -6.904  -10.601 1.00 34.64  ? 63  ALA A C   1 
ATOM   35   O O   . ALA A 1 8   ? -2.414  -8.026  -10.505 1.00 39.53  ? 63  ALA A O   1 
ATOM   36   C CB  . ALA A 1 8   ? -2.054  -5.847  -12.858 1.00 31.06  ? 63  ALA A CB  1 
ATOM   37   N N   . PHE A 1 9   ? -2.023  -5.979  -9.653  1.00 34.73  ? 64  PHE A N   1 
ATOM   38   C CA  . PHE A 1 9   ? -2.817  -6.204  -8.453  1.00 33.68  ? 64  PHE A CA  1 
ATOM   39   C C   . PHE A 1 9   ? -3.549  -4.929  -8.058  1.00 27.84  ? 64  PHE A C   1 
ATOM   40   O O   . PHE A 1 9   ? -3.144  -3.826  -8.427  1.00 27.85  ? 64  PHE A O   1 
ATOM   41   C CB  . PHE A 1 9   ? -1.937  -6.689  -7.297  1.00 31.54  ? 64  PHE A CB  1 
ATOM   42   C CG  . PHE A 1 9   ? -1.173  -5.593  -6.612  1.00 32.63  ? 64  PHE A CG  1 
ATOM   43   C CD1 . PHE A 1 9   ? 0.086   -5.224  -7.056  1.00 34.07  ? 64  PHE A CD1 1 
ATOM   44   C CD2 . PHE A 1 9   ? -1.711  -4.933  -5.519  1.00 29.16  ? 64  PHE A CD2 1 
ATOM   45   C CE1 . PHE A 1 9   ? 0.790   -4.217  -6.426  1.00 32.76  ? 64  PHE A CE1 1 
ATOM   46   C CE2 . PHE A 1 9   ? -1.013  -3.925  -4.887  1.00 25.05  ? 64  PHE A CE2 1 
ATOM   47   C CZ  . PHE A 1 9   ? 0.239   -3.566  -5.339  1.00 29.31  ? 64  PHE A CZ  1 
ATOM   48   N N   . SER A 1 10  ? -4.632  -5.094  -7.309  1.00 28.18  ? 65  SER A N   1 
ATOM   49   C CA  . SER A 1 10  ? -5.416  -3.966  -6.828  1.00 29.95  ? 65  SER A CA  1 
ATOM   50   C C   . SER A 1 10  ? -6.210  -4.368  -5.590  1.00 27.40  ? 65  SER A C   1 
ATOM   51   O O   . SER A 1 10  ? -6.958  -5.345  -5.614  1.00 32.45  ? 65  SER A O   1 
ATOM   52   C CB  . SER A 1 10  ? -6.357  -3.464  -7.921  1.00 37.15  ? 65  SER A CB  1 
ATOM   53   O OG  . SER A 1 10  ? -7.136  -2.377  -7.458  1.00 45.34  ? 65  SER A OG  1 
ATOM   54   N N   . ALA A 1 11  ? -6.036  -3.610  -4.511  1.00 27.45  ? 66  ALA A N   1 
ATOM   55   C CA  . ALA A 1 11  ? -6.688  -3.913  -3.242  1.00 31.27  ? 66  ALA A CA  1 
ATOM   56   C C   . ALA A 1 11  ? -7.269  -2.652  -2.615  1.00 34.61  ? 66  ALA A C   1 
ATOM   57   O O   . ALA A 1 11  ? -6.751  -1.552  -2.818  1.00 31.21  ? 66  ALA A O   1 
ATOM   58   C CB  . ALA A 1 11  ? -5.705  -4.575  -2.290  1.00 30.44  ? 66  ALA A CB  1 
ATOM   59   N N   . ILE A 1 12  ? -8.346  -2.820  -1.850  1.00 36.15  ? 67  ILE A N   1 
ATOM   60   C CA  . ILE A 1 12  ? -9.014  -1.698  -1.201  1.00 36.01  ? 67  ILE A CA  1 
ATOM   61   C C   . ILE A 1 12  ? -9.391  -2.031  0.240   1.00 32.46  ? 67  ILE A C   1 
ATOM   62   O O   . ILE A 1 12  ? -9.550  -3.199  0.597   1.00 30.28  ? 67  ILE A O   1 
ATOM   63   C CB  . ILE A 1 12  ? -10.288 -1.275  -1.969  1.00 42.41  ? 67  ILE A CB  1 
ATOM   64   C CG1 . ILE A 1 12  ? -11.331 -2.400  -1.961  1.00 51.75  ? 67  ILE A CG1 1 
ATOM   65   C CG2 . ILE A 1 12  ? -9.934  -0.882  -3.398  1.00 41.58  ? 67  ILE A CG2 1 
ATOM   66   C CD1 . ILE A 1 12  ? -12.679 -1.999  -2.530  1.00 58.25  ? 67  ILE A CD1 1 
ATOM   67   N N   . ARG A 1 13  ? -9.528  -0.991  1.056   1.00 28.51  ? 68  ARG A N   1 
ATOM   68   C CA  . ARG A 1 13  ? -10.039 -1.124  2.416   1.00 28.47  ? 68  ARG A CA  1 
ATOM   69   C C   . ARG A 1 13  ? -11.524 -0.782  2.418   1.00 32.67  ? 68  ARG A C   1 
ATOM   70   O O   . ARG A 1 13  ? -11.903 0.358   2.153   1.00 34.84  ? 68  ARG A O   1 
ATOM   71   C CB  . ARG A 1 13  ? -9.275  -0.212  3.377   1.00 32.47  ? 68  ARG A CB  1 
ATOM   72   C CG  . ARG A 1 13  ? -9.733  -0.303  4.825   1.00 33.18  ? 68  ARG A CG  1 
ATOM   73   C CD  . ARG A 1 13  ? -9.500  -1.689  5.398   1.00 37.41  ? 68  ARG A CD  1 
ATOM   74   N NE  . ARG A 1 13  ? -9.731  -1.729  6.839   1.00 46.18  ? 68  ARG A NE  1 
ATOM   75   C CZ  . ARG A 1 13  ? -9.788  -2.846  7.558   1.00 43.12  ? 68  ARG A CZ  1 
ATOM   76   N NH1 . ARG A 1 13  ? -9.640  -4.028  6.975   1.00 39.36  ? 68  ARG A NH1 1 
ATOM   77   N NH2 . ARG A 1 13  ? -10.001 -2.780  8.865   1.00 45.19  ? 68  ARG A NH2 1 
ATOM   78   N N   . SER A 1 14  ? -12.355 -1.773  2.724   1.00 37.04  ? 69  SER A N   1 
ATOM   79   C CA  . SER A 1 14  ? -13.802 -1.636  2.584   1.00 43.49  ? 69  SER A CA  1 
ATOM   80   C C   . SER A 1 14  ? -14.535 -1.523  3.921   1.00 47.79  ? 69  SER A C   1 
ATOM   81   O O   . SER A 1 14  ? -15.734 -1.796  3.993   1.00 51.44  ? 69  SER A O   1 
ATOM   82   C CB  . SER A 1 14  ? -14.358 -2.830  1.806   1.00 44.00  ? 69  SER A CB  1 
ATOM   83   O OG  . SER A 1 14  ? -14.157 -4.037  2.521   1.00 45.86  ? 69  SER A OG  1 
ATOM   84   N N   . THR A 1 15  ? -13.829 -1.122  4.975   1.00 48.60  ? 70  THR A N   1 
ATOM   85   C CA  . THR A 1 15  ? -14.437 -1.045  6.303   1.00 52.17  ? 70  THR A CA  1 
ATOM   86   C C   . THR A 1 15  ? -13.790 0.017   7.191   1.00 49.66  ? 70  THR A C   1 
ATOM   87   O O   . THR A 1 15  ? -12.628 0.381   7.002   1.00 48.37  ? 70  THR A O   1 
ATOM   88   C CB  . THR A 1 15  ? -14.354 -2.404  7.032   1.00 59.26  ? 70  THR A CB  1 
ATOM   89   O OG1 . THR A 1 15  ? -14.506 -3.473  6.090   1.00 62.41  ? 70  THR A OG1 1 
ATOM   90   C CG2 . THR A 1 15  ? -15.439 -2.513  8.090   1.00 67.94  ? 70  THR A CG2 1 
ATOM   91   N N   . ASN A 1 16  ? -14.559 0.507   8.161   1.00 49.60  ? 71  ASN A N   1 
ATOM   92   C CA  . ASN A 1 16  ? -14.068 1.458   9.154   1.00 53.83  ? 71  ASN A CA  1 
ATOM   93   C C   . ASN A 1 16  ? -13.448 0.767   10.367  1.00 48.88  ? 71  ASN A C   1 
ATOM   94   O O   . ASN A 1 16  ? -13.090 1.424   11.345  1.00 49.99  ? 71  ASN A O   1 
ATOM   95   C CB  . ASN A 1 16  ? -15.207 2.371   9.626   1.00 61.47  ? 71  ASN A CB  1 
ATOM   96   C CG  . ASN A 1 16  ? -15.656 3.353   8.560   1.00 70.50  ? 71  ASN A CG  1 
ATOM   97   O OD1 . ASN A 1 16  ? -14.861 3.801   7.734   1.00 72.09  ? 71  ASN A OD1 1 
ATOM   98   N ND2 . ASN A 1 16  ? -16.937 3.702   8.583   1.00 74.09  ? 71  ASN A ND2 1 
ATOM   99   N N   . HIS A 1 17  ? -13.328 -0.557  10.303  1.00 44.77  ? 72  HIS A N   1 
ATOM   100  C CA  . HIS A 1 17  ? -12.828 -1.338  11.432  1.00 49.65  ? 72  HIS A CA  1 
ATOM   101  C C   . HIS A 1 17  ? -11.421 -0.914  11.837  1.00 45.66  ? 72  HIS A C   1 
ATOM   102  O O   . HIS A 1 17  ? -10.634 -0.455  11.010  1.00 46.33  ? 72  HIS A O   1 
ATOM   103  C CB  . HIS A 1 17  ? -12.852 -2.831  11.098  1.00 57.34  ? 72  HIS A CB  1 
ATOM   104  C CG  . HIS A 1 17  ? -14.229 -3.420  11.068  1.00 64.10  ? 72  HIS A CG  1 
ATOM   105  N ND1 . HIS A 1 17  ? -14.476 -4.714  10.670  1.00 66.86  ? 72  HIS A ND1 1 
ATOM   106  C CD2 . HIS A 1 17  ? -15.432 -2.888  11.392  1.00 66.71  ? 72  HIS A CD2 1 
ATOM   107  C CE1 . HIS A 1 17  ? -15.774 -4.957  10.747  1.00 67.67  ? 72  HIS A CE1 1 
ATOM   108  N NE2 . HIS A 1 17  ? -16.375 -3.865  11.181  1.00 66.42  ? 72  HIS A NE2 1 
ATOM   109  N N   . GLU A 1 18  ? -11.115 -1.072  13.120  1.00 42.78  ? 73  GLU A N   1 
ATOM   110  C CA  . GLU A 1 18  ? -9.864  -0.583  13.684  1.00 45.00  ? 73  GLU A CA  1 
ATOM   111  C C   . GLU A 1 18  ? -8.677  -1.460  13.289  1.00 40.52  ? 73  GLU A C   1 
ATOM   112  O O   . GLU A 1 18  ? -8.862  -2.588  12.833  1.00 37.24  ? 73  GLU A O   1 
ATOM   113  C CB  . GLU A 1 18  ? -9.973  -0.509  15.209  1.00 53.79  ? 73  GLU A CB  1 
ATOM   114  C CG  . GLU A 1 18  ? -11.108 0.374   15.705  1.00 60.53  ? 73  GLU A CG  1 
ATOM   115  C CD  . GLU A 1 18  ? -10.938 1.828   15.305  1.00 66.80  ? 73  GLU A CD  1 
ATOM   116  O OE1 . GLU A 1 18  ? -9.823  2.365   15.472  1.00 65.22  ? 73  GLU A OE1 1 
ATOM   117  O OE2 . GLU A 1 18  ? -11.919 2.430   14.819  1.00 71.04  ? 73  GLU A OE2 1 
ATOM   118  N N   . PRO A 1 19  ? -7.450  -0.937  13.458  1.00 39.96  ? 74  PRO A N   1 
ATOM   119  C CA  . PRO A 1 19  ? -6.244  -1.729  13.188  1.00 41.34  ? 74  PRO A CA  1 
ATOM   120  C C   . PRO A 1 19  ? -6.149  -2.968  14.075  1.00 43.44  ? 74  PRO A C   1 
ATOM   121  O O   . PRO A 1 19  ? -6.606  -2.943  15.218  1.00 44.11  ? 74  PRO A O   1 
ATOM   122  C CB  . PRO A 1 19  ? -5.103  -0.753  13.499  1.00 45.06  ? 74  PRO A CB  1 
ATOM   123  C CG  . PRO A 1 19  ? -5.704  0.597   13.381  1.00 45.93  ? 74  PRO A CG  1 
ATOM   124  C CD  . PRO A 1 19  ? -7.121  0.450   13.828  1.00 44.52  ? 74  PRO A CD  1 
ATOM   125  N N   . SER A 1 20  ? -5.561  -4.036  13.547  1.00 45.52  ? 75  SER A N   1 
ATOM   126  C CA  . SER A 1 20  ? -5.390  -5.269  14.306  1.00 49.21  ? 75  SER A CA  1 
ATOM   127  C C   . SER A 1 20  ? -4.236  -5.140  15.292  1.00 52.09  ? 75  SER A C   1 
ATOM   128  O O   . SER A 1 20  ? -3.508  -4.147  15.285  1.00 51.44  ? 75  SER A O   1 
ATOM   129  C CB  . SER A 1 20  ? -5.146  -6.450  13.365  1.00 52.15  ? 75  SER A CB  1 
ATOM   130  O OG  . SER A 1 20  ? -3.925  -6.298  12.662  1.00 53.43  ? 75  SER A OG  1 
ATOM   131  N N   . GLU A 1 21  ? -4.074  -6.150  16.140  1.00 58.01  ? 76  GLU A N   1 
ATOM   132  C CA  . GLU A 1 21  ? -2.995  -6.159  17.119  1.00 58.64  ? 76  GLU A CA  1 
ATOM   133  C C   . GLU A 1 21  ? -1.656  -6.322  16.408  1.00 48.81  ? 76  GLU A C   1 
ATOM   134  O O   . GLU A 1 21  ? -0.662  -5.705  16.790  1.00 45.39  ? 76  GLU A O   1 
ATOM   135  C CB  . GLU A 1 21  ? -3.211  -7.279  18.142  1.00 71.50  ? 76  GLU A CB  1 
ATOM   136  C CG  . GLU A 1 21  ? -2.338  -7.176  19.395  1.00 84.94  ? 76  GLU A CG  1 
ATOM   137  C CD  . GLU A 1 21  ? -0.964  -7.813  19.243  1.00 94.88  ? 76  GLU A CD  1 
ATOM   138  O OE1 . GLU A 1 21  ? -0.695  -8.451  18.202  1.00 97.32  ? 76  GLU A OE1 1 
ATOM   139  O OE2 . GLU A 1 21  ? -0.148  -7.680  20.180  1.00 95.95  ? 76  GLU A OE2 1 
ATOM   140  N N   . MET A 1 22  ? -1.640  -7.149  15.367  1.00 45.20  ? 77  MET A N   1 
ATOM   141  C CA  . MET A 1 22  ? -0.427  -7.388  14.595  1.00 45.86  ? 77  MET A CA  1 
ATOM   142  C C   . MET A 1 22  ? -0.092  -6.176  13.731  1.00 52.06  ? 77  MET A C   1 
ATOM   143  O O   . MET A 1 22  ? 1.079   -5.879  13.492  1.00 47.69  ? 77  MET A O   1 
ATOM   144  C CB  . MET A 1 22  ? -0.586  -8.633  13.720  1.00 49.26  ? 77  MET A CB  1 
ATOM   145  C CG  . MET A 1 22  ? 0.652   -8.996  12.905  1.00 52.08  ? 77  MET A CG  1 
ATOM   146  S SD  . MET A 1 22  ? 2.128   -9.262  13.909  1.00 56.37  ? 77  MET A SD  1 
ATOM   147  C CE  . MET A 1 22  ? 1.639   -10.686 14.881  1.00 121.62 ? 77  MET A CE  1 
ATOM   148  N N   . SER A 1 23  ? -1.123  -5.482  13.261  1.00 58.07  ? 78  SER A N   1 
ATOM   149  C CA  . SER A 1 23  ? -0.929  -4.271  12.474  1.00 57.34  ? 78  SER A CA  1 
ATOM   150  C C   . SER A 1 23  ? -0.361  -3.160  13.350  1.00 54.81  ? 78  SER A C   1 
ATOM   151  O O   . SER A 1 23  ? 0.416   -2.327  12.885  1.00 53.89  ? 78  SER A O   1 
ATOM   152  C CB  . SER A 1 23  ? -2.245  -3.826  11.835  1.00 60.05  ? 78  SER A CB  1 
ATOM   153  O OG  . SER A 1 23  ? -2.676  -4.759  10.858  1.00 62.54  ? 78  SER A OG  1 
ATOM   154  N N   . ASN A 1 24  ? -0.754  -3.157  14.620  1.00 54.43  ? 79  ASN A N   1 
ATOM   155  C CA  . ASN A 1 24  ? -0.217  -2.210  15.590  1.00 56.62  ? 79  ASN A CA  1 
ATOM   156  C C   . ASN A 1 24  ? 1.286   -2.404  15.795  1.00 49.39  ? 79  ASN A C   1 
ATOM   157  O O   . ASN A 1 24  ? 1.983   -1.488  16.231  1.00 52.17  ? 79  ASN A O   1 
ATOM   158  C CB  . ASN A 1 24  ? -0.949  -2.346  16.932  1.00 65.83  ? 79  ASN A CB  1 
ATOM   159  C CG  . ASN A 1 24  ? -2.064  -1.322  17.109  1.00 73.19  ? 79  ASN A CG  1 
ATOM   160  O OD1 . ASN A 1 24  ? -2.563  -0.743  16.142  1.00 70.11  ? 79  ASN A OD1 1 
ATOM   161  N ND2 . ASN A 1 24  ? -2.457  -1.099  18.360  1.00 83.05  ? 79  ASN A ND2 1 
ATOM   162  N N   . ARG A 1 25  ? 1.775   -3.601  15.475  1.00 40.48  ? 80  ARG A N   1 
ATOM   163  C CA  . ARG A 1 25  ? 3.188   -3.933  15.644  1.00 40.09  ? 80  ARG A CA  1 
ATOM   164  C C   . ARG A 1 25  ? 4.008   -3.657  14.385  1.00 40.99  ? 80  ARG A C   1 
ATOM   165  O O   . ARG A 1 25  ? 5.072   -3.040  14.451  1.00 43.14  ? 80  ARG A O   1 
ATOM   166  C CB  . ARG A 1 25  ? 3.348   -5.404  16.033  1.00 42.73  ? 80  ARG A CB  1 
ATOM   167  C CG  . ARG A 1 25  ? 2.838   -5.750  17.422  1.00 47.16  ? 80  ARG A CG  1 
ATOM   168  C CD  . ARG A 1 25  ? 3.260   -7.155  17.823  1.00 46.74  ? 80  ARG A CD  1 
ATOM   169  N NE  . ARG A 1 25  ? 4.706   -7.261  18.003  1.00 42.11  ? 80  ARG A NE  1 
ATOM   170  C CZ  . ARG A 1 25  ? 5.365   -8.407  18.148  1.00 47.24  ? 80  ARG A CZ  1 
ATOM   171  N NH1 . ARG A 1 25  ? 4.716   -9.563  18.127  1.00 46.87  ? 80  ARG A NH1 1 
ATOM   172  N NH2 . ARG A 1 25  ? 6.682   -8.397  18.306  1.00 55.03  ? 80  ARG A NH2 1 
ATOM   173  N N   . THR A 1 26  ? 3.513   -4.126  13.244  1.00 38.83  ? 81  THR A N   1 
ATOM   174  C CA  . THR A 1 26  ? 4.250   -4.034  11.987  1.00 38.65  ? 81  THR A CA  1 
ATOM   175  C C   . THR A 1 26  ? 4.102   -2.670  11.316  1.00 39.13  ? 81  THR A C   1 
ATOM   176  O O   . THR A 1 26  ? 4.912   -2.302  10.467  1.00 36.71  ? 81  THR A O   1 
ATOM   177  C CB  . THR A 1 26  ? 3.790   -5.115  10.991  1.00 39.00  ? 81  THR A CB  1 
ATOM   178  O OG1 . THR A 1 26  ? 2.419   -4.895  10.635  1.00 42.14  ? 81  THR A OG1 1 
ATOM   179  C CG2 . THR A 1 26  ? 3.938   -6.502  11.596  1.00 42.12  ? 81  THR A CG2 1 
ATOM   180  N N   . MET A 1 27  ? 3.060   -1.935  11.698  1.00 40.57  ? 82  MET A N   1 
ATOM   181  C CA  . MET A 1 27  ? 2.739   -0.640  11.096  1.00 42.91  ? 82  MET A CA  1 
ATOM   182  C C   . MET A 1 27  ? 2.455   -0.761  9.597   1.00 39.01  ? 82  MET A C   1 
ATOM   183  O O   . MET A 1 27  ? 2.431   0.240   8.881   1.00 38.94  ? 82  MET A O   1 
ATOM   184  C CB  . MET A 1 27  ? 3.873   0.365   11.331  1.00 49.93  ? 82  MET A CB  1 
ATOM   185  C CG  . MET A 1 27  ? 4.257   0.554   12.794  1.00 54.22  ? 82  MET A CG  1 
ATOM   186  S SD  . MET A 1 27  ? 2.849   0.896   13.872  1.00 145.70 ? 82  MET A SD  1 
ATOM   187  C CE  . MET A 1 27  ? 2.118   2.317   13.061  1.00 61.12  ? 82  MET A CE  1 
ATOM   188  N N   . ILE A 1 28  ? 2.227   -1.986  9.131   1.00 35.89  ? 83  ILE A N   1 
ATOM   189  C CA  . ILE A 1 28  ? 1.911   -2.236  7.730   1.00 37.03  ? 83  ILE A CA  1 
ATOM   190  C C   . ILE A 1 28  ? 0.407   -2.111  7.513   1.00 41.47  ? 83  ILE A C   1 
ATOM   191  O O   . ILE A 1 28  ? -0.389  -2.610  8.309   1.00 41.35  ? 83  ILE A O   1 
ATOM   192  C CB  . ILE A 1 28  ? 2.402   -3.628  7.282   1.00 33.23  ? 83  ILE A CB  1 
ATOM   193  C CG1 . ILE A 1 28  ? 3.932   -3.661  7.283   1.00 37.38  ? 83  ILE A CG1 1 
ATOM   194  C CG2 . ILE A 1 28  ? 1.878   -3.973  5.892   1.00 34.94  ? 83  ILE A CG2 1 
ATOM   195  C CD1 . ILE A 1 28  ? 4.529   -5.045  7.143   1.00 38.85  ? 83  ILE A CD1 1 
ATOM   196  N N   . ILE A 1 29  ? 0.029   -1.446  6.427   1.00 37.34  ? 84  ILE A N   1 
ATOM   197  C CA  . ILE A 1 29  ? -1.371  -1.153  6.150   1.00 33.43  ? 84  ILE A CA  1 
ATOM   198  C C   . ILE A 1 29  ? -2.036  -2.321  5.427   1.00 28.36  ? 84  ILE A C   1 
ATOM   199  O O   . ILE A 1 29  ? -1.560  -2.772  4.385   1.00 27.71  ? 84  ILE A O   1 
ATOM   200  C CB  . ILE A 1 29  ? -1.510  0.134   5.312   1.00 37.80  ? 84  ILE A CB  1 
ATOM   201  C CG1 . ILE A 1 29  ? -0.827  1.300   6.034   1.00 37.35  ? 84  ILE A CG1 1 
ATOM   202  C CG2 . ILE A 1 29  ? -2.981  0.452   5.056   1.00 38.66  ? 84  ILE A CG2 1 
ATOM   203  C CD1 . ILE A 1 29  ? -0.717  2.566   5.213   1.00 41.85  ? 84  ILE A CD1 1 
ATOM   204  N N   . TYR A 1 30  ? -3.144  -2.795  5.991   1.00 26.62  ? 85  TYR A N   1 
ATOM   205  C CA  . TYR A 1 30  ? -3.833  -3.976  5.485   1.00 27.49  ? 85  TYR A CA  1 
ATOM   206  C C   . TYR A 1 30  ? -4.999  -3.615  4.567   1.00 28.86  ? 85  TYR A C   1 
ATOM   207  O O   . TYR A 1 30  ? -5.684  -2.614  4.780   1.00 27.06  ? 85  TYR A O   1 
ATOM   208  C CB  . TYR A 1 30  ? -4.336  -4.828  6.655   1.00 33.75  ? 85  TYR A CB  1 
ATOM   209  C CG  . TYR A 1 30  ? -5.179  -6.014  6.242   1.00 39.79  ? 85  TYR A CG  1 
ATOM   210  C CD1 . TYR A 1 30  ? -4.600  -7.135  5.660   1.00 41.27  ? 85  TYR A CD1 1 
ATOM   211  C CD2 . TYR A 1 30  ? -6.553  -6.017  6.442   1.00 44.56  ? 85  TYR A CD2 1 
ATOM   212  C CE1 . TYR A 1 30  ? -5.367  -8.221  5.283   1.00 47.66  ? 85  TYR A CE1 1 
ATOM   213  C CE2 . TYR A 1 30  ? -7.328  -7.098  6.069   1.00 47.73  ? 85  TYR A CE2 1 
ATOM   214  C CZ  . TYR A 1 30  ? -6.730  -8.198  5.491   1.00 51.20  ? 85  TYR A CZ  1 
ATOM   215  O OH  . TYR A 1 30  ? -7.498  -9.277  5.118   1.00 56.67  ? 85  TYR A OH  1 
ATOM   216  N N   . PHE A 1 31  ? -5.208  -4.441  3.545   1.00 33.89  ? 86  PHE A N   1 
ATOM   217  C CA  . PHE A 1 31  ? -6.315  -4.275  2.607   1.00 37.53  ? 86  PHE A CA  1 
ATOM   218  C C   . PHE A 1 31  ? -7.092  -5.583  2.489   1.00 37.97  ? 86  PHE A C   1 
ATOM   219  O O   . PHE A 1 31  ? -6.582  -6.576  1.970   1.00 43.29  ? 86  PHE A O   1 
ATOM   220  C CB  . PHE A 1 31  ? -5.797  -3.832  1.238   1.00 35.61  ? 86  PHE A CB  1 
ATOM   221  C CG  . PHE A 1 31  ? -5.085  -2.509  1.261   1.00 36.15  ? 86  PHE A CG  1 
ATOM   222  C CD1 . PHE A 1 31  ? -3.743  -2.435  1.598   1.00 37.42  ? 86  PHE A CD1 1 
ATOM   223  C CD2 . PHE A 1 31  ? -5.758  -1.339  0.949   1.00 32.19  ? 86  PHE A CD2 1 
ATOM   224  C CE1 . PHE A 1 31  ? -3.086  -1.217  1.623   1.00 37.00  ? 86  PHE A CE1 1 
ATOM   225  C CE2 . PHE A 1 31  ? -5.106  -0.121  0.972   1.00 28.10  ? 86  PHE A CE2 1 
ATOM   226  C CZ  . PHE A 1 31  ? -3.770  -0.060  1.309   1.00 31.03  ? 86  PHE A CZ  1 
ATOM   227  N N   . ASP A 1 32  ? -8.330  -5.576  2.971   1.00 38.97  ? 87  ASP A N   1 
ATOM   228  C CA  . ASP A 1 32  ? -9.122  -6.797  3.075   1.00 42.29  ? 87  ASP A CA  1 
ATOM   229  C C   . ASP A 1 32  ? -9.654  -7.280  1.727   1.00 44.32  ? 87  ASP A C   1 
ATOM   230  O O   . ASP A 1 32  ? -9.743  -8.486  1.489   1.00 51.54  ? 87  ASP A O   1 
ATOM   231  C CB  . ASP A 1 32  ? -10.290 -6.582  4.038   1.00 40.66  ? 87  ASP A CB  1 
ATOM   232  C CG  . ASP A 1 32  ? -11.255 -5.518  3.555   1.00 42.54  ? 87  ASP A CG  1 
ATOM   233  O OD1 . ASP A 1 32  ? -11.039 -4.331  3.872   1.00 38.59  ? 87  ASP A OD1 1 
ATOM   234  O OD2 . ASP A 1 32  ? -12.229 -5.868  2.856   1.00 52.22  ? 87  ASP A OD2 1 
ATOM   235  N N   . GLN A 1 33  ? -10.005 -6.343  0.850   1.00 40.37  ? 88  GLN A N   1 
ATOM   236  C CA  . GLN A 1 33  ? -10.603 -6.683  -0.437  1.00 41.16  ? 88  GLN A CA  1 
ATOM   237  C C   . GLN A 1 33  ? -9.611  -6.532  -1.585  1.00 36.52  ? 88  GLN A C   1 
ATOM   238  O O   . GLN A 1 33  ? -9.095  -5.443  -1.833  1.00 33.54  ? 88  GLN A O   1 
ATOM   239  C CB  . GLN A 1 33  ? -11.833 -5.811  -0.694  1.00 44.50  ? 88  GLN A CB  1 
ATOM   240  C CG  . GLN A 1 33  ? -12.501 -6.069  -2.036  1.00 52.67  ? 88  GLN A CG  1 
ATOM   241  C CD  . GLN A 1 33  ? -13.859 -5.405  -2.150  1.00 59.39  ? 88  GLN A CD  1 
ATOM   242  O OE1 . GLN A 1 33  ? -14.337 -4.774  -1.207  1.00 60.37  ? 88  GLN A OE1 1 
ATOM   243  N NE2 . GLN A 1 33  ? -14.488 -5.543  -3.312  1.00 65.06  ? 88  GLN A NE2 1 
ATOM   244  N N   . VAL A 1 34  ? -9.358  -7.636  -2.281  1.00 38.96  ? 89  VAL A N   1 
ATOM   245  C CA  . VAL A 1 34  ? -8.454  -7.656  -3.426  1.00 36.63  ? 89  VAL A CA  1 
ATOM   246  C C   . VAL A 1 34  ? -9.251  -7.783  -4.720  1.00 41.98  ? 89  VAL A C   1 
ATOM   247  O O   . VAL A 1 34  ? -9.798  -8.843  -5.021  1.00 47.38  ? 89  VAL A O   1 
ATOM   248  C CB  . VAL A 1 34  ? -7.446  -8.818  -3.325  1.00 37.72  ? 89  VAL A CB  1 
ATOM   249  C CG1 . VAL A 1 34  ? -6.485  -8.810  -4.511  1.00 36.54  ? 89  VAL A CG1 1 
ATOM   250  C CG2 . VAL A 1 34  ? -6.675  -8.736  -2.015  1.00 38.37  ? 89  VAL A CG2 1 
ATOM   251  N N   . LEU A 1 35  ? -9.310  -6.694  -5.480  1.00 39.78  ? 90  LEU A N   1 
ATOM   252  C CA  . LEU A 1 35  ? -10.083 -6.661  -6.717  1.00 40.59  ? 90  LEU A CA  1 
ATOM   253  C C   . LEU A 1 35  ? -9.352  -7.349  -7.866  1.00 41.56  ? 90  LEU A C   1 
ATOM   254  O O   . LEU A 1 35  ? -9.973  -8.011  -8.701  1.00 44.24  ? 90  LEU A O   1 
ATOM   255  C CB  . LEU A 1 35  ? -10.403 -5.215  -7.099  1.00 41.33  ? 90  LEU A CB  1 
ATOM   256  C CG  . LEU A 1 35  ? -11.289 -4.445  -6.118  1.00 44.77  ? 90  LEU A CG  1 
ATOM   257  C CD1 . LEU A 1 35  ? -11.300 -2.965  -6.462  1.00 50.45  ? 90  LEU A CD1 1 
ATOM   258  C CD2 . LEU A 1 35  ? -12.704 -5.002  -6.118  1.00 45.37  ? 90  LEU A CD2 1 
ATOM   259  N N   . VAL A 1 36  ? -8.033  -7.184  -7.903  1.00 37.09  ? 91  VAL A N   1 
ATOM   260  C CA  . VAL A 1 36  ? -7.209  -7.744  -8.969  1.00 37.18  ? 91  VAL A CA  1 
ATOM   261  C C   . VAL A 1 36  ? -5.960  -8.384  -8.380  1.00 33.11  ? 91  VAL A C   1 
ATOM   262  O O   . VAL A 1 36  ? -5.410  -7.896  -7.394  1.00 35.47  ? 91  VAL A O   1 
ATOM   263  C CB  . VAL A 1 36  ? -6.800  -6.660  -9.992  1.00 38.38  ? 91  VAL A CB  1 
ATOM   264  C CG1 . VAL A 1 36  ? -5.961  -7.258  -11.116 1.00 36.23  ? 91  VAL A CG1 1 
ATOM   265  C CG2 . VAL A 1 36  ? -8.033  -5.973  -10.561 1.00 35.86  ? 91  VAL A CG2 1 
ATOM   266  N N   . ASN A 1 37  ? -5.516  -9.480  -8.986  1.00 32.77  ? 92  ASN A N   1 
ATOM   267  C CA  . ASN A 1 37  ? -4.299  -10.149 -8.550  1.00 35.71  ? 92  ASN A CA  1 
ATOM   268  C C   . ASN A 1 37  ? -3.796  -11.132 -9.607  1.00 38.48  ? 92  ASN A C   1 
ATOM   269  O O   . ASN A 1 37  ? -3.611  -12.317 -9.333  1.00 43.89  ? 92  ASN A O   1 
ATOM   270  C CB  . ASN A 1 37  ? -4.535  -10.871 -7.219  1.00 32.80  ? 92  ASN A CB  1 
ATOM   271  C CG  . ASN A 1 37  ? -3.243  -11.213 -6.499  1.00 33.96  ? 92  ASN A CG  1 
ATOM   272  O OD1 . ASN A 1 37  ? -2.156  -10.836 -6.936  1.00 35.31  ? 92  ASN A OD1 1 
ATOM   273  N ND2 . ASN A 1 37  ? -3.359  -11.918 -5.380  1.00 30.18  ? 92  ASN A ND2 1 
ATOM   274  N N   . ILE A 1 38  ? -3.577  -10.625 -10.818 1.00 38.82  ? 93  ILE A N   1 
ATOM   275  C CA  . ILE A 1 38  ? -3.065  -11.441 -11.915 1.00 38.50  ? 93  ILE A CA  1 
ATOM   276  C C   . ILE A 1 38  ? -1.610  -11.816 -11.651 1.00 40.87  ? 93  ILE A C   1 
ATOM   277  O O   . ILE A 1 38  ? -0.767  -10.944 -11.428 1.00 38.30  ? 93  ILE A O   1 
ATOM   278  C CB  . ILE A 1 38  ? -3.166  -10.709 -13.269 1.00 40.97  ? 93  ILE A CB  1 
ATOM   279  C CG1 . ILE A 1 38  ? -4.582  -10.167 -13.489 1.00 43.72  ? 93  ILE A CG1 1 
ATOM   280  C CG2 . ILE A 1 38  ? -2.763  -11.634 -14.414 1.00 44.88  ? 93  ILE A CG2 1 
ATOM   281  C CD1 . ILE A 1 38  ? -5.673  -11.226 -13.460 1.00 43.33  ? 93  ILE A CD1 1 
ATOM   282  N N   . GLY A 1 39  ? -1.323  -13.114 -11.685 1.00 39.90  ? 94  GLY A N   1 
ATOM   283  C CA  . GLY A 1 39  ? -0.001  -13.621 -11.369 1.00 39.53  ? 94  GLY A CA  1 
ATOM   284  C C   . GLY A 1 39  ? 0.071   -14.121 -9.938  1.00 38.84  ? 94  GLY A C   1 
ATOM   285  O O   . GLY A 1 39  ? 0.963   -14.894 -9.586  1.00 39.24  ? 94  GLY A O   1 
ATOM   286  N N   . ASN A 1 40  ? -0.875  -13.674 -9.117  1.00 43.08  ? 95  ASN A N   1 
ATOM   287  C CA  . ASN A 1 40  ? -0.964  -14.102 -7.724  1.00 48.62  ? 95  ASN A CA  1 
ATOM   288  C C   . ASN A 1 40  ? 0.274   -13.688 -6.930  1.00 49.43  ? 95  ASN A C   1 
ATOM   289  O O   . ASN A 1 40  ? 0.668   -14.354 -5.972  1.00 55.03  ? 95  ASN A O   1 
ATOM   290  C CB  . ASN A 1 40  ? -1.168  -15.619 -7.656  1.00 55.34  ? 95  ASN A CB  1 
ATOM   291  C CG  . ASN A 1 40  ? -2.270  -16.015 -6.695  1.00 65.22  ? 95  ASN A CG  1 
ATOM   292  O OD1 . ASN A 1 40  ? -2.021  -16.294 -5.522  1.00 68.63  ? 95  ASN A OD1 1 
ATOM   293  N ND2 . ASN A 1 40  ? -3.502  -16.041 -7.190  1.00 68.74  ? 95  ASN A ND2 1 
ATOM   294  N N   . ASN A 1 41  ? 0.871   -12.568 -7.328  1.00 43.58  ? 96  ASN A N   1 
ATOM   295  C CA  . ASN A 1 41  ? 2.114   -12.099 -6.730  1.00 39.91  ? 96  ASN A CA  1 
ATOM   296  C C   . ASN A 1 41  ? 1.896   -11.164 -5.542  1.00 37.79  ? 96  ASN A C   1 
ATOM   297  O O   . ASN A 1 41  ? 2.855   -10.748 -4.887  1.00 37.27  ? 96  ASN A O   1 
ATOM   298  C CB  . ASN A 1 41  ? 2.962   -11.401 -7.791  1.00 41.86  ? 96  ASN A CB  1 
ATOM   299  C CG  . ASN A 1 41  ? 3.371   -12.336 -8.913  1.00 43.92  ? 96  ASN A CG  1 
ATOM   300  O OD1 . ASN A 1 41  ? 3.026   -12.120 -10.075 1.00 43.49  ? 96  ASN A OD1 1 
ATOM   301  N ND2 . ASN A 1 41  ? 4.105   -13.387 -8.569  1.00 44.13  ? 96  ASN A ND2 1 
ATOM   302  N N   . PHE A 1 42  ? 0.637   -10.840 -5.264  1.00 31.76  ? 97  PHE A N   1 
ATOM   303  C CA  . PHE A 1 42  ? 0.293   -9.999  -4.123  1.00 32.63  ? 97  PHE A CA  1 
ATOM   304  C C   . PHE A 1 42  ? -0.193  -10.856 -2.961  1.00 33.57  ? 97  PHE A C   1 
ATOM   305  O O   . PHE A 1 42  ? -1.206  -11.546 -3.069  1.00 32.73  ? 97  PHE A O   1 
ATOM   306  C CB  . PHE A 1 42  ? -0.776  -8.977  -4.509  1.00 33.91  ? 97  PHE A CB  1 
ATOM   307  C CG  . PHE A 1 42  ? -1.183  -8.073  -3.379  1.00 35.80  ? 97  PHE A CG  1 
ATOM   308  C CD1 . PHE A 1 42  ? -0.353  -7.045  -2.964  1.00 36.26  ? 97  PHE A CD1 1 
ATOM   309  C CD2 . PHE A 1 42  ? -2.396  -8.251  -2.737  1.00 36.34  ? 97  PHE A CD2 1 
ATOM   310  C CE1 . PHE A 1 42  ? -0.726  -6.213  -1.924  1.00 32.94  ? 97  PHE A CE1 1 
ATOM   311  C CE2 . PHE A 1 42  ? -2.775  -7.421  -1.699  1.00 33.45  ? 97  PHE A CE2 1 
ATOM   312  C CZ  . PHE A 1 42  ? -1.938  -6.400  -1.293  1.00 35.18  ? 97  PHE A CZ  1 
ATOM   313  N N   . ASP A 1 43  ? 0.541   -10.812 -1.852  1.00 37.57  ? 98  ASP A N   1 
ATOM   314  C CA  . ASP A 1 43  ? 0.169   -11.551 -0.651  1.00 42.44  ? 98  ASP A CA  1 
ATOM   315  C C   . ASP A 1 43  ? -0.863  -10.753 0.144   1.00 43.36  ? 98  ASP A C   1 
ATOM   316  O O   . ASP A 1 43  ? -0.515  -9.836  0.888   1.00 42.15  ? 98  ASP A O   1 
ATOM   317  C CB  . ASP A 1 43  ? 1.406   -11.844 0.203   1.00 44.95  ? 98  ASP A CB  1 
ATOM   318  C CG  . ASP A 1 43  ? 1.156   -12.912 1.255   1.00 48.03  ? 98  ASP A CG  1 
ATOM   319  O OD1 . ASP A 1 43  ? 0.020   -13.005 1.763   1.00 52.24  ? 98  ASP A OD1 1 
ATOM   320  O OD2 . ASP A 1 43  ? 2.103   -13.661 1.574   1.00 50.01  ? 98  ASP A OD2 1 
ATOM   321  N N   . SER A 1 44  ? -2.133  -11.106 -0.026  1.00 47.62  ? 99  SER A N   1 
ATOM   322  C CA  . SER A 1 44  ? -3.226  -10.394 0.626   1.00 53.73  ? 99  SER A CA  1 
ATOM   323  C C   . SER A 1 44  ? -3.164  -10.531 2.142   1.00 48.98  ? 99  SER A C   1 
ATOM   324  O O   . SER A 1 44  ? -3.609  -9.646  2.873   1.00 47.44  ? 99  SER A O   1 
ATOM   325  C CB  . SER A 1 44  ? -4.572  -10.908 0.113   1.00 62.82  ? 99  SER A CB  1 
ATOM   326  O OG  . SER A 1 44  ? -4.748  -12.277 0.433   1.00 69.83  ? 99  SER A OG  1 
ATOM   327  N N   . GLU A 1 45  ? -2.613  -11.646 2.610   1.00 50.66  ? 100 GLU A N   1 
ATOM   328  C CA  . GLU A 1 45  ? -2.504  -11.901 4.040   1.00 51.61  ? 100 GLU A CA  1 
ATOM   329  C C   . GLU A 1 45  ? -1.512  -10.940 4.688   1.00 47.80  ? 100 GLU A C   1 
ATOM   330  O O   . GLU A 1 45  ? -1.652  -10.588 5.859   1.00 53.79  ? 100 GLU A O   1 
ATOM   331  C CB  . GLU A 1 45  ? -2.077  -13.349 4.293   1.00 60.19  ? 100 GLU A CB  1 
ATOM   332  C CG  . GLU A 1 45  ? -2.152  -13.772 5.752   1.00 71.32  ? 100 GLU A CG  1 
ATOM   333  C CD  . GLU A 1 45  ? -1.736  -15.215 5.968   1.00 80.45  ? 100 GLU A CD  1 
ATOM   334  O OE1 . GLU A 1 45  ? -1.787  -16.003 4.999   1.00 84.82  ? 100 GLU A OE1 1 
ATOM   335  O OE2 . GLU A 1 45  ? -1.355  -15.560 7.106   1.00 79.41  ? 100 GLU A OE2 1 
ATOM   336  N N   . ARG A 1 46  ? -0.516  -10.517 3.914   1.00 42.76  ? 101 ARG A N   1 
ATOM   337  C CA  . ARG A 1 46  ? 0.520   -9.611  4.400   1.00 45.57  ? 101 ARG A CA  1 
ATOM   338  C C   . ARG A 1 46  ? 0.484   -8.267  3.675   1.00 43.31  ? 101 ARG A C   1 
ATOM   339  O O   . ARG A 1 46  ? 1.251   -7.361  4.001   1.00 42.68  ? 101 ARG A O   1 
ATOM   340  C CB  . ARG A 1 46  ? 1.898   -10.256 4.239   1.00 49.57  ? 101 ARG A CB  1 
ATOM   341  C CG  . ARG A 1 46  ? 2.132   -11.432 5.173   1.00 56.66  ? 101 ARG A CG  1 
ATOM   342  C CD  . ARG A 1 46  ? 3.329   -12.260 4.744   1.00 62.37  ? 101 ARG A CD  1 
ATOM   343  N NE  . ARG A 1 46  ? 3.586   -13.361 5.671   1.00 69.47  ? 101 ARG A NE  1 
ATOM   344  C CZ  . ARG A 1 46  ? 4.519   -13.361 6.620   1.00 75.74  ? 101 ARG A CZ  1 
ATOM   345  N NH1 . ARG A 1 46  ? 5.324   -12.319 6.789   1.00 75.46  ? 101 ARG A NH1 1 
ATOM   346  N NH2 . ARG A 1 46  ? 4.657   -14.420 7.407   1.00 79.17  ? 101 ARG A NH2 1 
ATOM   347  N N   . SER A 1 47  ? -0.410  -8.145  2.696   1.00 37.95  ? 102 SER A N   1 
ATOM   348  C CA  . SER A 1 47  ? -0.577  -6.905  1.943   1.00 38.27  ? 102 SER A CA  1 
ATOM   349  C C   . SER A 1 47  ? 0.735   -6.461  1.306   1.00 37.40  ? 102 SER A C   1 
ATOM   350  O O   . SER A 1 47  ? 1.090   -5.281  1.347   1.00 39.17  ? 102 SER A O   1 
ATOM   351  C CB  . SER A 1 47  ? -1.123  -5.800  2.850   1.00 44.66  ? 102 SER A CB  1 
ATOM   352  O OG  . SER A 1 47  ? -2.331  -6.207  3.465   1.00 52.56  ? 102 SER A OG  1 
ATOM   353  N N   . THR A 1 48  ? 1.448   -7.418  0.720   1.00 35.07  ? 103 THR A N   1 
ATOM   354  C CA  . THR A 1 48  ? 2.755   -7.166  0.124   1.00 33.34  ? 103 THR A CA  1 
ATOM   355  C C   . THR A 1 48  ? 2.825   -7.741  -1.287  1.00 32.66  ? 103 THR A C   1 
ATOM   356  O O   . THR A 1 48  ? 2.328   -8.838  -1.546  1.00 30.44  ? 103 THR A O   1 
ATOM   357  C CB  . THR A 1 48  ? 3.885   -7.774  0.984   1.00 33.50  ? 103 THR A CB  1 
ATOM   358  O OG1 . THR A 1 48  ? 3.859   -7.192  2.293   1.00 38.86  ? 103 THR A OG1 1 
ATOM   359  C CG2 . THR A 1 48  ? 5.251   -7.525  0.356   1.00 30.07  ? 103 THR A CG2 1 
ATOM   360  N N   . PHE A 1 49  ? 3.443   -6.986  -2.192  1.00 34.56  ? 104 PHE A N   1 
ATOM   361  C CA  . PHE A 1 49  ? 3.664   -7.439  -3.559  1.00 37.00  ? 104 PHE A CA  1 
ATOM   362  C C   . PHE A 1 49  ? 5.095   -7.924  -3.744  1.00 36.62  ? 104 PHE A C   1 
ATOM   363  O O   . PHE A 1 49  ? 6.046   -7.192  -3.468  1.00 38.01  ? 104 PHE A O   1 
ATOM   364  C CB  . PHE A 1 49  ? 3.369   -6.317  -4.553  1.00 36.41  ? 104 PHE A CB  1 
ATOM   365  C CG  . PHE A 1 49  ? 3.719   -6.662  -5.969  1.00 31.25  ? 104 PHE A CG  1 
ATOM   366  C CD1 . PHE A 1 49  ? 2.826   -7.356  -6.766  1.00 31.35  ? 104 PHE A CD1 1 
ATOM   367  C CD2 . PHE A 1 49  ? 4.940   -6.292  -6.504  1.00 31.42  ? 104 PHE A CD2 1 
ATOM   368  C CE1 . PHE A 1 49  ? 3.143   -7.676  -8.068  1.00 28.86  ? 104 PHE A CE1 1 
ATOM   369  C CE2 . PHE A 1 49  ? 5.265   -6.610  -7.807  1.00 29.57  ? 104 PHE A CE2 1 
ATOM   370  C CZ  . PHE A 1 49  ? 4.366   -7.302  -8.591  1.00 30.97  ? 104 PHE A CZ  1 
ATOM   371  N N   . ILE A 1 50  ? 5.239   -9.157  -4.219  1.00 37.32  ? 105 ILE A N   1 
ATOM   372  C CA  . ILE A 1 50  ? 6.550   -9.735  -4.487  1.00 38.63  ? 105 ILE A CA  1 
ATOM   373  C C   . ILE A 1 50  ? 6.761   -9.845  -5.992  1.00 35.94  ? 105 ILE A C   1 
ATOM   374  O O   . ILE A 1 50  ? 6.040   -10.570 -6.675  1.00 33.75  ? 105 ILE A O   1 
ATOM   375  C CB  . ILE A 1 50  ? 6.709   -11.124 -3.836  1.00 42.80  ? 105 ILE A CB  1 
ATOM   376  C CG1 . ILE A 1 50  ? 6.360   -11.062 -2.346  1.00 39.54  ? 105 ILE A CG1 1 
ATOM   377  C CG2 . ILE A 1 50  ? 8.130   -11.641 -4.018  1.00 42.47  ? 105 ILE A CG2 1 
ATOM   378  C CD1 . ILE A 1 50  ? 4.911   -11.382 -2.036  1.00 43.42  ? 105 ILE A CD1 1 
ATOM   379  N N   . ALA A 1 51  ? 7.750   -9.121  -6.504  1.00 33.07  ? 106 ALA A N   1 
ATOM   380  C CA  . ALA A 1 51  ? 8.032   -9.113  -7.935  1.00 38.16  ? 106 ALA A CA  1 
ATOM   381  C C   . ALA A 1 51  ? 8.433   -10.507 -8.430  1.00 41.35  ? 106 ALA A C   1 
ATOM   382  O O   . ALA A 1 51  ? 9.379   -11.097 -7.909  1.00 49.26  ? 106 ALA A O   1 
ATOM   383  C CB  . ALA A 1 51  ? 9.127   -8.111  -8.245  1.00 35.25  ? 106 ALA A CB  1 
ATOM   384  N N   . PRO A 1 52  ? 7.714   -11.043 -9.435  1.00 37.43  ? 107 PRO A N   1 
ATOM   385  C CA  . PRO A 1 52  ? 8.055   -12.372 -9.955  1.00 39.08  ? 107 PRO A CA  1 
ATOM   386  C C   . PRO A 1 52  ? 9.243   -12.371 -10.914 1.00 42.02  ? 107 PRO A C   1 
ATOM   387  O O   . PRO A 1 52  ? 9.777   -13.437 -11.222 1.00 48.31  ? 107 PRO A O   1 
ATOM   388  C CB  . PRO A 1 52  ? 6.781   -12.791 -10.690 1.00 34.82  ? 107 PRO A CB  1 
ATOM   389  C CG  . PRO A 1 52  ? 6.194   -11.511 -11.152 1.00 34.48  ? 107 PRO A CG  1 
ATOM   390  C CD  . PRO A 1 52  ? 6.495   -10.509 -10.071 1.00 33.34  ? 107 PRO A CD  1 
ATOM   391  N N   . ARG A 1 53  ? 9.647   -11.193 -11.381 1.00 40.25  ? 108 ARG A N   1 
ATOM   392  C CA  . ARG A 1 53  ? 10.721  -11.093 -12.362 1.00 39.43  ? 108 ARG A CA  1 
ATOM   393  C C   . ARG A 1 53  ? 11.275  -9.675  -12.450 1.00 41.34  ? 108 ARG A C   1 
ATOM   394  O O   . ARG A 1 53  ? 10.681  -8.733  -11.925 1.00 45.65  ? 108 ARG A O   1 
ATOM   395  C CB  . ARG A 1 53  ? 10.222  -11.539 -13.738 1.00 38.66  ? 108 ARG A CB  1 
ATOM   396  C CG  . ARG A 1 53  ? 9.066   -10.708 -14.273 1.00 38.30  ? 108 ARG A CG  1 
ATOM   397  C CD  . ARG A 1 53  ? 8.560   -11.238 -15.604 1.00 39.22  ? 108 ARG A CD  1 
ATOM   398  N NE  . ARG A 1 53  ? 9.611   -11.280 -16.617 1.00 43.55  ? 108 ARG A NE  1 
ATOM   399  C CZ  . ARG A 1 53  ? 9.417   -11.627 -17.885 1.00 43.40  ? 108 ARG A CZ  1 
ATOM   400  N NH1 . ARG A 1 53  ? 8.207   -11.963 -18.311 1.00 42.26  ? 108 ARG A NH1 1 
ATOM   401  N NH2 . ARG A 1 53  ? 10.438  -11.635 -18.733 1.00 44.66  ? 108 ARG A NH2 1 
ATOM   402  N N   . LYS A 1 54  ? 12.414  -9.530  -13.119 1.00 43.39  ? 109 LYS A N   1 
ATOM   403  C CA  . LYS A 1 54  ? 13.035  -8.223  -13.298 1.00 40.75  ? 109 LYS A CA  1 
ATOM   404  C C   . LYS A 1 54  ? 12.234  -7.383  -14.286 1.00 38.44  ? 109 LYS A C   1 
ATOM   405  O O   . LYS A 1 54  ? 11.843  -7.863  -15.350 1.00 34.54  ? 109 LYS A O   1 
ATOM   406  C CB  . LYS A 1 54  ? 14.479  -8.373  -13.782 1.00 42.03  ? 109 LYS A CB  1 
ATOM   407  C CG  . LYS A 1 54  ? 15.256  -7.067  -13.820 1.00 42.38  ? 109 LYS A CG  1 
ATOM   408  C CD  . LYS A 1 54  ? 16.636  -7.255  -14.432 1.00 47.61  ? 109 LYS A CD  1 
ATOM   409  C CE  . LYS A 1 54  ? 17.367  -5.929  -14.573 1.00 53.29  ? 109 LYS A CE  1 
ATOM   410  N NZ  . LYS A 1 54  ? 18.672  -6.078  -15.278 1.00 54.46  ? 109 LYS A NZ  1 
ATOM   411  N N   . GLY A 1 55  ? 11.993  -6.126  -13.930 1.00 37.98  ? 110 GLY A N   1 
ATOM   412  C CA  . GLY A 1 55  ? 11.234  -5.226  -14.778 1.00 34.71  ? 110 GLY A CA  1 
ATOM   413  C C   . GLY A 1 55  ? 10.886  -3.930  -14.075 1.00 34.25  ? 110 GLY A C   1 
ATOM   414  O O   . GLY A 1 55  ? 11.217  -3.741  -12.905 1.00 32.85  ? 110 GLY A O   1 
ATOM   415  N N   . ILE A 1 56  ? 10.218  -3.034  -14.796 1.00 35.96  ? 111 ILE A N   1 
ATOM   416  C CA  . ILE A 1 56  ? 9.763   -1.768  -14.233 1.00 32.94  ? 111 ILE A CA  1 
ATOM   417  C C   . ILE A 1 56  ? 8.319   -1.898  -13.769 1.00 31.61  ? 111 ILE A C   1 
ATOM   418  O O   . ILE A 1 56  ? 7.437   -2.259  -14.550 1.00 28.22  ? 111 ILE A O   1 
ATOM   419  C CB  . ILE A 1 56  ? 9.875   -0.620  -15.255 1.00 32.01  ? 111 ILE A CB  1 
ATOM   420  C CG1 . ILE A 1 56  ? 11.320  -0.483  -15.750 1.00 30.58  ? 111 ILE A CG1 1 
ATOM   421  C CG2 . ILE A 1 56  ? 9.388   0.696   -14.651 1.00 28.94  ? 111 ILE A CG2 1 
ATOM   422  C CD1 . ILE A 1 56  ? 12.335  -0.163  -14.662 1.00 26.80  ? 111 ILE A CD1 1 
ATOM   423  N N   . TYR A 1 57  ? 8.088   -1.597  -12.494 1.00 32.37  ? 112 TYR A N   1 
ATOM   424  C CA  . TYR A 1 57  ? 6.767   -1.727  -11.890 1.00 33.75  ? 112 TYR A CA  1 
ATOM   425  C C   . TYR A 1 57  ? 6.199   -0.367  -11.513 1.00 30.78  ? 112 TYR A C   1 
ATOM   426  O O   . TYR A 1 57  ? 6.926   0.512   -11.050 1.00 28.32  ? 112 TYR A O   1 
ATOM   427  C CB  . TYR A 1 57  ? 6.831   -2.622  -10.650 1.00 31.15  ? 112 TYR A CB  1 
ATOM   428  C CG  . TYR A 1 57  ? 7.160   -4.065  -10.957 1.00 30.51  ? 112 TYR A CG  1 
ATOM   429  C CD1 . TYR A 1 57  ? 8.468   -4.464  -11.195 1.00 33.86  ? 112 TYR A CD1 1 
ATOM   430  C CD2 . TYR A 1 57  ? 6.161   -5.028  -11.005 1.00 33.78  ? 112 TYR A CD2 1 
ATOM   431  C CE1 . TYR A 1 57  ? 8.773   -5.782  -11.475 1.00 36.29  ? 112 TYR A CE1 1 
ATOM   432  C CE2 . TYR A 1 57  ? 6.458   -6.350  -11.284 1.00 39.36  ? 112 TYR A CE2 1 
ATOM   433  C CZ  . TYR A 1 57  ? 7.765   -6.721  -11.517 1.00 39.96  ? 112 TYR A CZ  1 
ATOM   434  O OH  . TYR A 1 57  ? 8.065   -8.035  -11.796 1.00 43.71  ? 112 TYR A OH  1 
ATOM   435  N N   . SER A 1 58  ? 4.896   -0.205  -11.717 1.00 30.62  ? 113 SER A N   1 
ATOM   436  C CA  . SER A 1 58  ? 4.187   1.001   -11.310 1.00 27.22  ? 113 SER A CA  1 
ATOM   437  C C   . SER A 1 58  ? 3.434   0.745   -10.010 1.00 31.02  ? 113 SER A C   1 
ATOM   438  O O   . SER A 1 58  ? 2.894   -0.341  -9.804  1.00 30.26  ? 113 SER A O   1 
ATOM   439  C CB  . SER A 1 58  ? 3.218   1.454   -12.402 1.00 35.27  ? 113 SER A CB  1 
ATOM   440  O OG  . SER A 1 58  ? 2.500   2.607   -11.997 1.00 38.56  ? 113 SER A OG  1 
ATOM   441  N N   . PHE A 1 59  ? 3.412   1.746   -9.134  1.00 35.93  ? 114 PHE A N   1 
ATOM   442  C CA  . PHE A 1 59  ? 2.681   1.655   -7.874  1.00 33.22  ? 114 PHE A CA  1 
ATOM   443  C C   . PHE A 1 59  ? 1.936   2.954   -7.591  1.00 33.74  ? 114 PHE A C   1 
ATOM   444  O O   . PHE A 1 59  ? 2.458   4.043   -7.826  1.00 33.55  ? 114 PHE A O   1 
ATOM   445  C CB  . PHE A 1 59  ? 3.629   1.334   -6.715  1.00 35.47  ? 114 PHE A CB  1 
ATOM   446  C CG  . PHE A 1 59  ? 4.292   -0.011  -6.827  1.00 39.80  ? 114 PHE A CG  1 
ATOM   447  C CD1 . PHE A 1 59  ? 3.658   -1.150  -6.361  1.00 41.04  ? 114 PHE A CD1 1 
ATOM   448  C CD2 . PHE A 1 59  ? 5.550   -0.135  -7.392  1.00 37.82  ? 114 PHE A CD2 1 
ATOM   449  C CE1 . PHE A 1 59  ? 4.264   -2.389  -6.461  1.00 35.87  ? 114 PHE A CE1 1 
ATOM   450  C CE2 . PHE A 1 59  ? 6.162   -1.371  -7.494  1.00 34.62  ? 114 PHE A CE2 1 
ATOM   451  C CZ  . PHE A 1 59  ? 5.517   -2.498  -7.026  1.00 34.24  ? 114 PHE A CZ  1 
ATOM   452  N N   . ASN A 1 60  ? 0.711   2.821   -7.097  1.00 34.50  ? 115 ASN A N   1 
ATOM   453  C CA  . ASN A 1 60  ? -0.085  3.964   -6.670  1.00 32.53  ? 115 ASN A CA  1 
ATOM   454  C C   . ASN A 1 60  ? -0.882  3.615   -5.421  1.00 31.74  ? 115 ASN A C   1 
ATOM   455  O O   . ASN A 1 60  ? -1.410  2.509   -5.306  1.00 33.28  ? 115 ASN A O   1 
ATOM   456  C CB  . ASN A 1 60  ? -1.027  4.418   -7.787  1.00 41.86  ? 115 ASN A CB  1 
ATOM   457  C CG  . ASN A 1 60  ? -0.403  5.469   -8.684  1.00 52.39  ? 115 ASN A CG  1 
ATOM   458  O OD1 . ASN A 1 60  ? -0.508  6.667   -8.417  1.00 58.62  ? 115 ASN A OD1 1 
ATOM   459  N ND2 . ASN A 1 60  ? 0.250   5.028   -9.752  1.00 55.18  ? 115 ASN A ND2 1 
ATOM   460  N N   . PHE A 1 61  ? -0.960  4.554   -4.484  1.00 27.48  ? 116 PHE A N   1 
ATOM   461  C CA  . PHE A 1 61  ? -1.723  4.340   -3.262  1.00 30.68  ? 116 PHE A CA  1 
ATOM   462  C C   . PHE A 1 61  ? -2.428  5.613   -2.814  1.00 28.63  ? 116 PHE A C   1 
ATOM   463  O O   . PHE A 1 61  ? -1.943  6.721   -3.040  1.00 27.95  ? 116 PHE A O   1 
ATOM   464  C CB  . PHE A 1 61  ? -0.814  3.822   -2.141  1.00 29.74  ? 116 PHE A CB  1 
ATOM   465  C CG  . PHE A 1 61  ? 0.227   4.809   -1.689  1.00 29.11  ? 116 PHE A CG  1 
ATOM   466  C CD1 . PHE A 1 61  ? -0.070  5.755   -0.722  1.00 30.25  ? 116 PHE A CD1 1 
ATOM   467  C CD2 . PHE A 1 61  ? 1.507   4.779   -2.217  1.00 29.51  ? 116 PHE A CD2 1 
ATOM   468  C CE1 . PHE A 1 61  ? 0.884   6.660   -0.299  1.00 28.61  ? 116 PHE A CE1 1 
ATOM   469  C CE2 . PHE A 1 61  ? 2.467   5.680   -1.797  1.00 28.19  ? 116 PHE A CE2 1 
ATOM   470  C CZ  . PHE A 1 61  ? 2.155   6.622   -0.837  1.00 26.12  ? 116 PHE A CZ  1 
ATOM   471  N N   . HIS A 1 62  ? -3.587  5.433   -2.192  1.00 31.30  ? 117 HIS A N   1 
ATOM   472  C CA  . HIS A 1 62  ? -4.330  6.529   -1.590  1.00 32.06  ? 117 HIS A CA  1 
ATOM   473  C C   . HIS A 1 62  ? -4.879  6.057   -0.250  1.00 28.35  ? 117 HIS A C   1 
ATOM   474  O O   . HIS A 1 62  ? -5.800  5.245   -0.205  1.00 28.47  ? 117 HIS A O   1 
ATOM   475  C CB  . HIS A 1 62  ? -5.465  6.995   -2.507  1.00 41.97  ? 117 HIS A CB  1 
ATOM   476  C CG  . HIS A 1 62  ? -5.016  7.381   -3.882  1.00 49.79  ? 117 HIS A CG  1 
ATOM   477  N ND1 . HIS A 1 62  ? -4.582  6.459   -4.810  1.00 57.07  ? 117 HIS A ND1 1 
ATOM   478  C CD2 . HIS A 1 62  ? -4.938  8.589   -4.489  1.00 49.26  ? 117 HIS A CD2 1 
ATOM   479  C CE1 . HIS A 1 62  ? -4.253  7.083   -5.927  1.00 56.99  ? 117 HIS A CE1 1 
ATOM   480  N NE2 . HIS A 1 62  ? -4.461  8.377   -5.758  1.00 54.29  ? 117 HIS A NE2 1 
ATOM   481  N N   . VAL A 1 63  ? -4.296  6.554   0.837   1.00 30.99  ? 118 VAL A N   1 
ATOM   482  C CA  . VAL A 1 63  ? -4.687  6.140   2.182   1.00 29.29  ? 118 VAL A CA  1 
ATOM   483  C C   . VAL A 1 63  ? -5.585  7.186   2.834   1.00 26.35  ? 118 VAL A C   1 
ATOM   484  O O   . VAL A 1 63  ? -5.124  8.257   3.225   1.00 26.84  ? 118 VAL A O   1 
ATOM   485  C CB  . VAL A 1 63  ? -3.451  5.895   3.069   1.00 31.14  ? 118 VAL A CB  1 
ATOM   486  C CG1 . VAL A 1 63  ? -3.862  5.530   4.494   1.00 34.70  ? 118 VAL A CG1 1 
ATOM   487  C CG2 . VAL A 1 63  ? -2.591  4.794   2.470   1.00 25.58  ? 118 VAL A CG2 1 
ATOM   488  N N   . VAL A 1 64  ? -6.866  6.855   2.957   1.00 31.23  ? 119 VAL A N   1 
ATOM   489  C CA  . VAL A 1 64  ? -7.860  7.771   3.509   1.00 30.50  ? 119 VAL A CA  1 
ATOM   490  C C   . VAL A 1 64  ? -8.004  7.575   5.015   1.00 32.01  ? 119 VAL A C   1 
ATOM   491  O O   . VAL A 1 64  ? -7.925  6.450   5.509   1.00 34.35  ? 119 VAL A O   1 
ATOM   492  C CB  . VAL A 1 64  ? -9.231  7.566   2.839   1.00 29.80  ? 119 VAL A CB  1 
ATOM   493  C CG1 . VAL A 1 64  ? -10.231 8.610   3.317   1.00 36.29  ? 119 VAL A CG1 1 
ATOM   494  C CG2 . VAL A 1 64  ? -9.094  7.616   1.325   1.00 30.35  ? 119 VAL A CG2 1 
ATOM   495  N N   . LYS A 1 65  ? -8.219  8.672   5.741   1.00 37.40  ? 120 LYS A N   1 
ATOM   496  C CA  . LYS A 1 65  ? -8.410  8.609   7.187   1.00 40.41  ? 120 LYS A CA  1 
ATOM   497  C C   . LYS A 1 65  ? -9.517  9.553   7.648   1.00 39.40  ? 120 LYS A C   1 
ATOM   498  O O   . LYS A 1 65  ? -10.049 10.339  6.861   1.00 38.17  ? 120 LYS A O   1 
ATOM   499  C CB  . LYS A 1 65  ? -7.104  8.944   7.921   1.00 42.88  ? 120 LYS A CB  1 
ATOM   500  C CG  . LYS A 1 65  ? -6.766  10.434  7.990   1.00 43.05  ? 120 LYS A CG  1 
ATOM   501  C CD  . LYS A 1 65  ? -5.526  10.684  8.838   1.00 47.42  ? 120 LYS A CD  1 
ATOM   502  C CE  . LYS A 1 65  ? -5.680  11.904  9.734   1.00 50.83  ? 120 LYS A CE  1 
ATOM   503  N NZ  . LYS A 1 65  ? -6.202  11.556  11.086  1.00 56.02  ? 120 LYS A NZ  1 
ATOM   504  N N   . VAL A 1 66  ? -9.851  9.462   8.932   1.00 45.81  ? 121 VAL A N   1 
ATOM   505  C CA  . VAL A 1 66  ? -10.825 10.349  9.557   1.00 44.66  ? 121 VAL A CA  1 
ATOM   506  C C   . VAL A 1 66  ? -10.160 11.135  10.682  1.00 45.48  ? 121 VAL A C   1 
ATOM   507  O O   . VAL A 1 66  ? -8.965  10.985  10.931  1.00 43.51  ? 121 VAL A O   1 
ATOM   508  C CB  . VAL A 1 66  ? -12.030 9.563   10.118  1.00 42.17  ? 121 VAL A CB  1 
ATOM   509  C CG1 . VAL A 1 66  ? -12.760 8.841   8.996   1.00 36.93  ? 121 VAL A CG1 1 
ATOM   510  C CG2 . VAL A 1 66  ? -11.582 8.572   11.187  1.00 42.13  ? 121 VAL A CG2 1 
ATOM   511  N N   . TYR A 1 67  ? -10.937 11.974  11.359  1.00 48.24  ? 122 TYR A N   1 
ATOM   512  C CA  . TYR A 1 67  ? -10.426 12.733  12.492  1.00 53.72  ? 122 TYR A CA  1 
ATOM   513  C C   . TYR A 1 67  ? -10.059 11.800  13.643  1.00 52.52  ? 122 TYR A C   1 
ATOM   514  O O   . TYR A 1 67  ? -10.861 10.955  14.044  1.00 55.41  ? 122 TYR A O   1 
ATOM   515  C CB  . TYR A 1 67  ? -11.456 13.766  12.953  1.00 63.53  ? 122 TYR A CB  1 
ATOM   516  C CG  . TYR A 1 67  ? -11.150 14.372  14.303  1.00 69.98  ? 122 TYR A CG  1 
ATOM   517  C CD1 . TYR A 1 67  ? -10.096 15.261  14.465  1.00 72.74  ? 122 TYR A CD1 1 
ATOM   518  C CD2 . TYR A 1 67  ? -11.917 14.056  15.416  1.00 74.30  ? 122 TYR A CD2 1 
ATOM   519  C CE1 . TYR A 1 67  ? -9.812  15.816  15.699  1.00 75.67  ? 122 TYR A CE1 1 
ATOM   520  C CE2 . TYR A 1 67  ? -11.642 14.606  16.653  1.00 76.14  ? 122 TYR A CE2 1 
ATOM   521  C CZ  . TYR A 1 67  ? -10.590 15.485  16.788  1.00 74.59  ? 122 TYR A CZ  1 
ATOM   522  O OH  . TYR A 1 67  ? -10.315 16.032  18.019  1.00 71.54  ? 122 TYR A OH  1 
ATOM   523  N N   . ASN A 1 68  ? -8.843  11.946  14.161  1.00 48.23  ? 123 ASN A N   1 
ATOM   524  C CA  . ASN A 1 68  ? -8.383  11.124  15.276  1.00 50.14  ? 123 ASN A CA  1 
ATOM   525  C C   . ASN A 1 68  ? -7.219  11.759  16.038  1.00 53.36  ? 123 ASN A C   1 
ATOM   526  O O   . ASN A 1 68  ? -6.358  11.055  16.568  1.00 55.52  ? 123 ASN A O   1 
ATOM   527  C CB  . ASN A 1 68  ? -7.976  9.736   14.771  1.00 54.50  ? 123 ASN A CB  1 
ATOM   528  C CG  . ASN A 1 68  ? -6.866  9.789   13.736  1.00 54.61  ? 123 ASN A CG  1 
ATOM   529  O OD1 . ASN A 1 68  ? -6.378  10.863  13.381  1.00 55.48  ? 123 ASN A OD1 1 
ATOM   530  N ND2 . ASN A 1 68  ? -6.457  8.623   13.252  1.00 51.83  ? 123 ASN A ND2 1 
ATOM   531  N N   . ARG A 1 69  ? -7.200  13.089  16.085  1.00 58.37  ? 124 ARG A N   1 
ATOM   532  C CA  . ARG A 1 69  ? -6.185  13.832  16.830  1.00 64.72  ? 124 ARG A CA  1 
ATOM   533  C C   . ARG A 1 69  ? -4.763  13.490  16.383  1.00 65.50  ? 124 ARG A C   1 
ATOM   534  O O   . ARG A 1 69  ? -3.814  13.644  17.154  1.00 67.81  ? 124 ARG A O   1 
ATOM   535  C CB  . ARG A 1 69  ? -6.325  13.562  18.334  1.00 68.65  ? 124 ARG A CB  1 
ATOM   536  C CG  . ARG A 1 69  ? -7.677  13.931  18.923  1.00 72.33  ? 124 ARG A CG  1 
ATOM   537  C CD  . ARG A 1 69  ? -7.749  13.562  20.399  1.00 76.76  ? 124 ARG A CD  1 
ATOM   538  N NE  . ARG A 1 69  ? -6.735  14.257  21.191  1.00 80.32  ? 124 ARG A NE  1 
ATOM   539  C CZ  . ARG A 1 69  ? -6.908  15.438  21.778  1.00 84.04  ? 124 ARG A CZ  1 
ATOM   540  N NH1 . ARG A 1 69  ? -8.066  16.081  21.678  1.00 85.26  ? 124 ARG A NH1 1 
ATOM   541  N NH2 . ARG A 1 69  ? -5.918  15.982  22.473  1.00 84.87  ? 124 ARG A NH2 1 
ATOM   542  N N   . GLN A 1 70  ? -4.618  13.037  15.139  1.00 60.60  ? 125 GLN A N   1 
ATOM   543  C CA  . GLN A 1 70  ? -3.332  12.549  14.648  1.00 54.28  ? 125 GLN A CA  1 
ATOM   544  C C   . GLN A 1 70  ? -3.091  12.850  13.173  1.00 51.66  ? 125 GLN A C   1 
ATOM   545  O O   . GLN A 1 70  ? -3.958  12.622  12.329  1.00 53.84  ? 125 GLN A O   1 
ATOM   546  C CB  . GLN A 1 70  ? -3.228  11.040  14.874  1.00 53.73  ? 125 GLN A CB  1 
ATOM   547  C CG  . GLN A 1 70  ? -2.680  10.646  16.230  1.00 58.09  ? 125 GLN A CG  1 
ATOM   548  C CD  . GLN A 1 70  ? -1.167  10.728  16.292  1.00 64.02  ? 125 GLN A CD  1 
ATOM   549  O OE1 . GLN A 1 70  ? -0.553  11.575  15.644  1.00 65.59  ? 125 GLN A OE1 1 
ATOM   550  N NE2 . GLN A 1 70  ? -0.559  9.837   17.064  1.00 64.62  ? 125 GLN A NE2 1 
ATOM   551  N N   . THR A 1 71  ? -1.899  13.362  12.878  1.00 47.08  ? 126 THR A N   1 
ATOM   552  C CA  . THR A 1 71  ? -1.422  13.492  11.506  1.00 48.22  ? 126 THR A CA  1 
ATOM   553  C C   . THR A 1 71  ? -0.583  12.263  11.173  1.00 42.46  ? 126 THR A C   1 
ATOM   554  O O   . THR A 1 71  ? 0.054   11.692  12.060  1.00 42.71  ? 126 THR A O   1 
ATOM   555  C CB  . THR A 1 71  ? -0.585  14.767  11.305  1.00 53.24  ? 126 THR A CB  1 
ATOM   556  O OG1 . THR A 1 71  ? 0.578   14.718  12.142  1.00 56.06  ? 126 THR A OG1 1 
ATOM   557  C CG2 . THR A 1 71  ? -1.401  16.007  11.646  1.00 56.36  ? 126 THR A CG2 1 
ATOM   558  N N   . ILE A 1 72  ? -0.579  11.861  9.905   1.00 36.20  ? 127 ILE A N   1 
ATOM   559  C CA  . ILE A 1 72  ? 0.087   10.626  9.498   1.00 43.21  ? 127 ILE A CA  1 
ATOM   560  C C   . ILE A 1 72  ? 1.091   10.822  8.367   1.00 37.98  ? 127 ILE A C   1 
ATOM   561  O O   . ILE A 1 72  ? 1.028   11.799  7.618   1.00 40.85  ? 127 ILE A O   1 
ATOM   562  C CB  . ILE A 1 72  ? -0.937  9.563   9.046   1.00 42.11  ? 127 ILE A CB  1 
ATOM   563  C CG1 . ILE A 1 72  ? -1.764  10.074  7.860   1.00 41.83  ? 127 ILE A CG1 1 
ATOM   564  C CG2 . ILE A 1 72  ? -1.847  9.183   10.206  1.00 41.88  ? 127 ILE A CG2 1 
ATOM   565  C CD1 . ILE A 1 72  ? -2.580  8.998   7.173   1.00 41.54  ? 127 ILE A CD1 1 
ATOM   566  N N   . GLN A 1 73  ? 2.017   9.874   8.260   1.00 30.73  ? 128 GLN A N   1 
ATOM   567  C CA  . GLN A 1 73  ? 2.936   9.791   7.134   1.00 31.43  ? 128 GLN A CA  1 
ATOM   568  C C   . GLN A 1 73  ? 2.996   8.350   6.642   1.00 32.97  ? 128 GLN A C   1 
ATOM   569  O O   . GLN A 1 73  ? 3.375   7.446   7.387   1.00 34.87  ? 128 GLN A O   1 
ATOM   570  C CB  . GLN A 1 73  ? 4.333   10.281  7.521   1.00 30.89  ? 128 GLN A CB  1 
ATOM   571  C CG  . GLN A 1 73  ? 5.384   10.066  6.437   1.00 29.09  ? 128 GLN A CG  1 
ATOM   572  C CD  . GLN A 1 73  ? 6.743   10.622  6.813   1.00 34.28  ? 128 GLN A CD  1 
ATOM   573  O OE1 . GLN A 1 73  ? 6.890   11.307  7.827   1.00 39.55  ? 128 GLN A OE1 1 
ATOM   574  N NE2 . GLN A 1 73  ? 7.747   10.328  5.996   1.00 34.57  ? 128 GLN A NE2 1 
ATOM   575  N N   . VAL A 1 74  ? 2.614   8.146   5.384   1.00 28.21  ? 129 VAL A N   1 
ATOM   576  C CA  . VAL A 1 74  ? 2.624   6.825   4.766   1.00 24.65  ? 129 VAL A CA  1 
ATOM   577  C C   . VAL A 1 74  ? 3.784   6.730   3.786   1.00 26.74  ? 129 VAL A C   1 
ATOM   578  O O   . VAL A 1 74  ? 4.116   7.708   3.122   1.00 28.77  ? 129 VAL A O   1 
ATOM   579  C CB  . VAL A 1 74  ? 1.299   6.539   4.035   1.00 23.63  ? 129 VAL A CB  1 
ATOM   580  C CG1 . VAL A 1 74  ? 1.333   5.173   3.356   1.00 27.30  ? 129 VAL A CG1 1 
ATOM   581  C CG2 . VAL A 1 74  ? 0.131   6.624   5.010   1.00 26.52  ? 129 VAL A CG2 1 
ATOM   582  N N   . SER A 1 75  ? 4.395   5.552   3.697   1.00 29.10  ? 130 SER A N   1 
ATOM   583  C CA  . SER A 1 75  ? 5.533   5.348   2.807   1.00 32.36  ? 130 SER A CA  1 
ATOM   584  C C   . SER A 1 75  ? 5.471   3.994   2.110   1.00 29.43  ? 130 SER A C   1 
ATOM   585  O O   . SER A 1 75  ? 5.110   2.985   2.717   1.00 28.69  ? 130 SER A O   1 
ATOM   586  C CB  . SER A 1 75  ? 6.845   5.470   3.585   1.00 33.51  ? 130 SER A CB  1 
ATOM   587  O OG  . SER A 1 75  ? 6.995   6.765   4.141   1.00 35.53  ? 130 SER A OG  1 
ATOM   588  N N   . LEU A 1 76  ? 5.819   3.989   0.826   1.00 33.00  ? 131 LEU A N   1 
ATOM   589  C CA  . LEU A 1 76  ? 5.958   2.751   0.070   1.00 35.31  ? 131 LEU A CA  1 
ATOM   590  C C   . LEU A 1 76  ? 7.317   2.129   0.365   1.00 36.08  ? 131 LEU A C   1 
ATOM   591  O O   . LEU A 1 76  ? 8.353   2.679   -0.009  1.00 36.87  ? 131 LEU A O   1 
ATOM   592  C CB  . LEU A 1 76  ? 5.806   3.012   -1.433  1.00 34.76  ? 131 LEU A CB  1 
ATOM   593  C CG  . LEU A 1 76  ? 6.062   1.822   -2.364  1.00 36.85  ? 131 LEU A CG  1 
ATOM   594  C CD1 . LEU A 1 76  ? 5.021   0.731   -2.158  1.00 39.85  ? 131 LEU A CD1 1 
ATOM   595  C CD2 . LEU A 1 76  ? 6.088   2.274   -3.817  1.00 41.97  ? 131 LEU A CD2 1 
ATOM   596  N N   . MET A 1 77  ? 7.306   0.984   1.037   1.00 37.05  ? 132 MET A N   1 
ATOM   597  C CA  . MET A 1 77  ? 8.539   0.307   1.419   1.00 35.22  ? 132 MET A CA  1 
ATOM   598  C C   . MET A 1 77  ? 9.000   -0.668  0.344   1.00 35.26  ? 132 MET A C   1 
ATOM   599  O O   . MET A 1 77  ? 8.204   -1.437  -0.189  1.00 34.97  ? 132 MET A O   1 
ATOM   600  C CB  . MET A 1 77  ? 8.349   -0.436  2.742   1.00 36.86  ? 132 MET A CB  1 
ATOM   601  C CG  . MET A 1 77  ? 7.959   0.461   3.903   1.00 36.08  ? 132 MET A CG  1 
ATOM   602  S SD  . MET A 1 77  ? 9.150   1.785   4.173   1.00 42.72  ? 132 MET A SD  1 
ATOM   603  C CE  . MET A 1 77  ? 8.399   2.639   5.551   1.00 108.58 ? 132 MET A CE  1 
ATOM   604  N N   . LEU A 1 78  ? 10.292  -0.618  0.030   1.00 38.17  ? 133 LEU A N   1 
ATOM   605  C CA  . LEU A 1 78  ? 10.918  -1.583  -0.866  1.00 37.82  ? 133 LEU A CA  1 
ATOM   606  C C   . LEU A 1 78  ? 11.996  -2.341  -0.103  1.00 43.04  ? 133 LEU A C   1 
ATOM   607  O O   . LEU A 1 78  ? 13.096  -1.828  0.105   1.00 42.85  ? 133 LEU A O   1 
ATOM   608  C CB  . LEU A 1 78  ? 11.515  -0.890  -2.091  1.00 36.50  ? 133 LEU A CB  1 
ATOM   609  C CG  . LEU A 1 78  ? 12.258  -1.796  -3.079  1.00 44.52  ? 133 LEU A CG  1 
ATOM   610  C CD1 . LEU A 1 78  ? 11.320  -2.823  -3.700  1.00 44.75  ? 133 LEU A CD1 1 
ATOM   611  C CD2 . LEU A 1 78  ? 12.938  -0.969  -4.160  1.00 49.71  ? 133 LEU A CD2 1 
ATOM   612  N N   . ASN A 1 79  ? 11.663  -3.557  0.316   1.00 42.68  ? 134 ASN A N   1 
ATOM   613  C CA  . ASN A 1 79  ? 12.566  -4.382  1.110   1.00 38.72  ? 134 ASN A CA  1 
ATOM   614  C C   . ASN A 1 79  ? 12.999  -3.669  2.390   1.00 37.91  ? 134 ASN A C   1 
ATOM   615  O O   . ASN A 1 79  ? 14.167  -3.719  2.775   1.00 42.70  ? 134 ASN A O   1 
ATOM   616  C CB  . ASN A 1 79  ? 13.796  -4.782  0.287   1.00 36.19  ? 134 ASN A CB  1 
ATOM   617  C CG  . ASN A 1 79  ? 13.437  -5.589  -0.948  1.00 32.73  ? 134 ASN A CG  1 
ATOM   618  O OD1 . ASN A 1 79  ? 12.383  -6.223  -1.006  1.00 35.21  ? 134 ASN A OD1 1 
ATOM   619  N ND2 . ASN A 1 79  ? 14.320  -5.577  -1.940  1.00 35.60  ? 134 ASN A ND2 1 
ATOM   620  N N   . GLY A 1 80  ? 12.049  -2.999  3.039   1.00 37.61  ? 135 GLY A N   1 
ATOM   621  C CA  . GLY A 1 80  ? 12.283  -2.388  4.336   1.00 29.58  ? 135 GLY A CA  1 
ATOM   622  C C   . GLY A 1 80  ? 12.729  -0.938  4.283   1.00 32.29  ? 135 GLY A C   1 
ATOM   623  O O   . GLY A 1 80  ? 12.866  -0.295  5.323   1.00 36.14  ? 135 GLY A O   1 
ATOM   624  N N   . TRP A 1 81  ? 12.953  -0.423  3.076   1.00 36.56  ? 136 TRP A N   1 
ATOM   625  C CA  . TRP A 1 81  ? 13.407  0.955   2.890   1.00 39.94  ? 136 TRP A CA  1 
ATOM   626  C C   . TRP A 1 81  ? 12.343  1.800   2.190   1.00 36.78  ? 136 TRP A C   1 
ATOM   627  O O   . TRP A 1 81  ? 11.733  1.347   1.222   1.00 38.49  ? 136 TRP A O   1 
ATOM   628  C CB  . TRP A 1 81  ? 14.703  0.981   2.081   1.00 45.57  ? 136 TRP A CB  1 
ATOM   629  C CG  . TRP A 1 81  ? 15.916  1.331   2.891   1.00 57.18  ? 136 TRP A CG  1 
ATOM   630  C CD1 . TRP A 1 81  ? 16.630  2.493   2.837   1.00 66.58  ? 136 TRP A CD1 1 
ATOM   631  C CD2 . TRP A 1 81  ? 16.557  0.514   3.879   1.00 60.97  ? 136 TRP A CD2 1 
ATOM   632  N NE1 . TRP A 1 81  ? 17.676  2.450   3.726   1.00 67.76  ? 136 TRP A NE1 1 
ATOM   633  C CE2 . TRP A 1 81  ? 17.652  1.245   4.379   1.00 65.08  ? 136 TRP A CE2 1 
ATOM   634  C CE3 . TRP A 1 81  ? 16.310  -0.764  4.387   1.00 66.79  ? 136 TRP A CE3 1 
ATOM   635  C CZ2 . TRP A 1 81  ? 18.500  0.741   5.363   1.00 67.28  ? 136 TRP A CZ2 1 
ATOM   636  C CZ3 . TRP A 1 81  ? 17.153  -1.264  5.364   1.00 70.22  ? 136 TRP A CZ3 1 
ATOM   637  C CH2 . TRP A 1 81  ? 18.234  -0.513  5.842   1.00 69.14  ? 136 TRP A CH2 1 
ATOM   638  N N   . PRO A 1 82  ? 12.120  3.038   2.668   1.00 34.07  ? 137 PRO A N   1 
ATOM   639  C CA  . PRO A 1 82  ? 11.109  3.899   2.044   1.00 37.19  ? 137 PRO A CA  1 
ATOM   640  C C   . PRO A 1 82  ? 11.573  4.504   0.722   1.00 38.74  ? 137 PRO A C   1 
ATOM   641  O O   . PRO A 1 82  ? 12.675  5.050   0.648   1.00 40.44  ? 137 PRO A O   1 
ATOM   642  C CB  . PRO A 1 82  ? 10.893  4.991   3.091   1.00 31.95  ? 137 PRO A CB  1 
ATOM   643  C CG  . PRO A 1 82  ? 12.205  5.096   3.779   1.00 33.19  ? 137 PRO A CG  1 
ATOM   644  C CD  . PRO A 1 82  ? 12.761  3.699   3.819   1.00 33.43  ? 137 PRO A CD  1 
ATOM   645  N N   . VAL A 1 83  ? 10.732  4.407   -0.303  1.00 36.40  ? 138 VAL A N   1 
ATOM   646  C CA  . VAL A 1 83  ? 11.036  4.966   -1.617  1.00 41.40  ? 138 VAL A CA  1 
ATOM   647  C C   . VAL A 1 83  ? 10.336  6.313   -1.784  1.00 36.27  ? 138 VAL A C   1 
ATOM   648  O O   . VAL A 1 83  ? 10.968  7.313   -2.125  1.00 35.83  ? 138 VAL A O   1 
ATOM   649  C CB  . VAL A 1 83  ? 10.604  4.015   -2.753  1.00 45.62  ? 138 VAL A CB  1 
ATOM   650  C CG1 . VAL A 1 83  ? 11.009  4.576   -4.111  1.00 51.18  ? 138 VAL A CG1 1 
ATOM   651  C CG2 . VAL A 1 83  ? 11.212  2.633   -2.550  1.00 41.16  ? 138 VAL A CG2 1 
ATOM   652  N N   . ILE A 1 84  ? 9.029   6.322   -1.541  1.00 34.73  ? 139 ILE A N   1 
ATOM   653  C CA  . ILE A 1 84  ? 8.228   7.540   -1.607  1.00 34.28  ? 139 ILE A CA  1 
ATOM   654  C C   . ILE A 1 84  ? 7.369   7.662   -0.356  1.00 33.10  ? 139 ILE A C   1 
ATOM   655  O O   . ILE A 1 84  ? 7.161   6.681   0.357   1.00 31.74  ? 139 ILE A O   1 
ATOM   656  C CB  . ILE A 1 84  ? 7.322   7.562   -2.853  1.00 29.42  ? 139 ILE A CB  1 
ATOM   657  C CG1 . ILE A 1 84  ? 6.506   6.269   -2.942  1.00 24.83  ? 139 ILE A CG1 1 
ATOM   658  C CG2 . ILE A 1 84  ? 8.161   7.742   -4.107  1.00 31.75  ? 139 ILE A CG2 1 
ATOM   659  C CD1 . ILE A 1 84  ? 5.378   6.324   -3.943  1.00 23.71  ? 139 ILE A CD1 1 
ATOM   660  N N   . SER A 1 85  ? 6.873   8.869   -0.097  1.00 33.25  ? 140 SER A N   1 
ATOM   661  C CA  . SER A 1 85  ? 6.039   9.119   1.074   1.00 35.83  ? 140 SER A CA  1 
ATOM   662  C C   . SER A 1 85  ? 4.865   10.036  0.745   1.00 32.58  ? 140 SER A C   1 
ATOM   663  O O   . SER A 1 85  ? 4.860   10.712  -0.284  1.00 35.32  ? 140 SER A O   1 
ATOM   664  C CB  . SER A 1 85  ? 6.873   9.728   2.203   1.00 38.63  ? 140 SER A CB  1 
ATOM   665  O OG  . SER A 1 85  ? 7.954   8.883   2.556   1.00 43.53  ? 140 SER A OG  1 
ATOM   666  N N   . ALA A 1 86  ? 3.875   10.047  1.632   1.00 31.08  ? 141 ALA A N   1 
ATOM   667  C CA  . ALA A 1 86  ? 2.694   10.893  1.484   1.00 30.89  ? 141 ALA A CA  1 
ATOM   668  C C   . ALA A 1 86  ? 2.202   11.334  2.860   1.00 32.14  ? 141 ALA A C   1 
ATOM   669  O O   . ALA A 1 86  ? 2.491   10.681  3.863   1.00 30.48  ? 141 ALA A O   1 
ATOM   670  C CB  . ALA A 1 86  ? 1.601   10.154  0.732   1.00 33.30  ? 141 ALA A CB  1 
ATOM   671  N N   . PHE A 1 87  ? 1.456   12.435  2.901   1.00 34.61  ? 142 PHE A N   1 
ATOM   672  C CA  . PHE A 1 87  ? 1.039   13.039  4.167   1.00 37.08  ? 142 PHE A CA  1 
ATOM   673  C C   . PHE A 1 87  ? -0.433  13.441  4.174   1.00 32.45  ? 142 PHE A C   1 
ATOM   674  O O   . PHE A 1 87  ? -1.027  13.705  3.128   1.00 30.31  ? 142 PHE A O   1 
ATOM   675  C CB  . PHE A 1 87  ? 1.903   14.265  4.468   1.00 37.27  ? 142 PHE A CB  1 
ATOM   676  C CG  . PHE A 1 87  ? 3.376   13.982  4.466   1.00 37.95  ? 142 PHE A CG  1 
ATOM   677  C CD1 . PHE A 1 87  ? 4.104   14.040  3.289   1.00 32.03  ? 142 PHE A CD1 1 
ATOM   678  C CD2 . PHE A 1 87  ? 4.034   13.656  5.639   1.00 41.76  ? 142 PHE A CD2 1 
ATOM   679  C CE1 . PHE A 1 87  ? 5.460   13.778  3.282   1.00 32.46  ? 142 PHE A CE1 1 
ATOM   680  C CE2 . PHE A 1 87  ? 5.391   13.393  5.639   1.00 42.30  ? 142 PHE A CE2 1 
ATOM   681  C CZ  . PHE A 1 87  ? 6.104   13.455  4.459   1.00 39.91  ? 142 PHE A CZ  1 
ATOM   682  N N   . ALA A 1 88  ? -1.007  13.485  5.373   1.00 36.30  ? 143 ALA A N   1 
ATOM   683  C CA  . ALA A 1 88  ? -2.385  13.919  5.567   1.00 39.25  ? 143 ALA A CA  1 
ATOM   684  C C   . ALA A 1 88  ? -2.520  14.619  6.914   1.00 40.11  ? 143 ALA A C   1 
ATOM   685  O O   . ALA A 1 88  ? -1.963  14.168  7.914   1.00 34.32  ? 143 ALA A O   1 
ATOM   686  C CB  . ALA A 1 88  ? -3.335  12.737  5.484   1.00 35.13  ? 143 ALA A CB  1 
ATOM   687  N N   . GLY A 1 89  ? -3.257  15.726  6.933   1.00 49.44  ? 144 GLY A N   1 
ATOM   688  C CA  . GLY A 1 89  ? -3.452  16.494  8.152   1.00 54.12  ? 144 GLY A CA  1 
ATOM   689  C C   . GLY A 1 89  ? -4.441  15.838  9.092   1.00 55.64  ? 144 GLY A C   1 
ATOM   690  O O   . GLY A 1 89  ? -4.491  14.615  9.195   1.00 55.68  ? 144 GLY A O   1 
ATOM   691  N N   . ASP A 1 90  ? -5.232  16.655  9.780   1.00 59.69  ? 145 ASP A N   1 
ATOM   692  C CA  . ASP A 1 90  ? -6.252  16.139  10.685  1.00 64.88  ? 145 ASP A CA  1 
ATOM   693  C C   . ASP A 1 90  ? -7.287  17.201  11.044  1.00 67.16  ? 145 ASP A C   1 
ATOM   694  O O   . ASP A 1 90  ? -6.954  18.240  11.613  1.00 66.53  ? 145 ASP A O   1 
ATOM   695  C CB  . ASP A 1 90  ? -5.607  15.597  11.959  1.00 66.96  ? 145 ASP A CB  1 
ATOM   696  C CG  . ASP A 1 90  ? -6.620  14.993  12.909  1.00 71.21  ? 145 ASP A CG  1 
ATOM   697  O OD1 . ASP A 1 90  ? -7.018  13.830  12.691  1.00 70.40  ? 145 ASP A OD1 1 
ATOM   698  O OD2 . ASP A 1 90  ? -7.022  15.682  13.871  1.00 74.17  ? 145 ASP A OD2 1 
ATOM   699  N N   . GLN A 1 91  ? -8.544  16.928  10.703  1.00 71.15  ? 146 GLN A N   1 
ATOM   700  C CA  . GLN A 1 91  ? -9.648  17.818  11.042  1.00 75.32  ? 146 GLN A CA  1 
ATOM   701  C C   . GLN A 1 91  ? -10.979 17.082  10.909  1.00 75.86  ? 146 GLN A C   1 
ATOM   702  O O   . GLN A 1 91  ? -11.074 16.083  10.197  1.00 74.17  ? 146 GLN A O   1 
ATOM   703  C CB  . GLN A 1 91  ? -9.627  19.066  10.154  1.00 76.11  ? 146 GLN A CB  1 
ATOM   704  C CG  . GLN A 1 91  ? -10.218 18.882  8.755   1.00 75.03  ? 146 GLN A CG  1 
ATOM   705  C CD  . GLN A 1 91  ? -9.660  17.679  8.020   1.00 69.48  ? 146 GLN A CD  1 
ATOM   706  O OE1 . GLN A 1 91  ? -8.481  17.644  7.673   1.00 66.80  ? 146 GLN A OE1 1 
ATOM   707  N NE2 . GLN A 1 91  ? -10.510 16.685  7.777   1.00 68.95  ? 146 GLN A NE2 1 
ATOM   708  N N   . ASP A 1 92  ? -12.004 17.587  11.590  1.00 80.93  ? 147 ASP A N   1 
ATOM   709  C CA  . ASP A 1 92  ? -13.296 16.906  11.659  1.00 87.02  ? 147 ASP A CA  1 
ATOM   710  C C   . ASP A 1 92  ? -14.266 17.398  10.584  1.00 83.92  ? 147 ASP A C   1 
ATOM   711  O O   . ASP A 1 92  ? -15.478 17.210  10.691  1.00 81.45  ? 147 ASP A O   1 
ATOM   712  C CB  . ASP A 1 92  ? -13.913 17.087  13.052  1.00 93.68  ? 147 ASP A CB  1 
ATOM   713  C CG  . ASP A 1 92  ? -13.863 18.525  13.534  1.00 98.40  ? 147 ASP A CG  1 
ATOM   714  O OD1 . ASP A 1 92  ? -13.815 19.442  12.687  1.00 98.67  ? 147 ASP A OD1 1 
ATOM   715  O OD2 . ASP A 1 92  ? -13.869 18.739  14.765  1.00 99.35  ? 147 ASP A OD2 1 
ATOM   716  N N   . VAL A 1 93  ? -13.723 18.019  9.543   1.00 85.19  ? 148 VAL A N   1 
ATOM   717  C CA  . VAL A 1 93  ? -14.527 18.529  8.437   1.00 84.98  ? 148 VAL A CA  1 
ATOM   718  C C   . VAL A 1 93  ? -14.830 17.423  7.432   1.00 81.82  ? 148 VAL A C   1 
ATOM   719  O O   . VAL A 1 93  ? -15.984 17.198  7.073   1.00 81.99  ? 148 VAL A O   1 
ATOM   720  C CB  . VAL A 1 93  ? -13.814 19.691  7.709   1.00 87.29  ? 148 VAL A CB  1 
ATOM   721  C CG1 . VAL A 1 93  ? -14.673 20.229  6.561   1.00 88.65  ? 148 VAL A CG1 1 
ATOM   722  C CG2 . VAL A 1 93  ? -13.476 20.804  8.691   1.00 87.16  ? 148 VAL A CG2 1 
ATOM   723  N N   . THR A 1 94  ? -13.785 16.736  6.985   1.00 76.92  ? 149 THR A N   1 
ATOM   724  C CA  . THR A 1 94  ? -13.923 15.727  5.945   1.00 72.44  ? 149 THR A CA  1 
ATOM   725  C C   . THR A 1 94  ? -12.842 14.663  6.050   1.00 67.44  ? 149 THR A C   1 
ATOM   726  O O   . THR A 1 94  ? -11.890 14.803  6.819   1.00 69.02  ? 149 THR A O   1 
ATOM   727  C CB  . THR A 1 94  ? -13.846 16.361  4.545   1.00 69.23  ? 149 THR A CB  1 
ATOM   728  O OG1 . THR A 1 94  ? -14.001 15.346  3.545   1.00 69.07  ? 149 THR A OG1 1 
ATOM   729  C CG2 . THR A 1 94  ? -12.506 17.060  4.349   1.00 65.65  ? 149 THR A CG2 1 
ATOM   730  N N   . ARG A 1 95  ? -12.998 13.600  5.271   1.00 57.41  ? 150 ARG A N   1 
ATOM   731  C CA  . ARG A 1 95  ? -11.931 12.625  5.105   1.00 50.31  ? 150 ARG A CA  1 
ATOM   732  C C   . ARG A 1 95  ? -10.851 13.213  4.203   1.00 49.86  ? 150 ARG A C   1 
ATOM   733  O O   . ARG A 1 95  ? -11.147 13.992  3.295   1.00 46.59  ? 150 ARG A O   1 
ATOM   734  C CB  . ARG A 1 95  ? -12.463 11.321  4.507   1.00 47.87  ? 150 ARG A CB  1 
ATOM   735  C CG  . ARG A 1 95  ? -13.382 10.518  5.417   1.00 46.88  ? 150 ARG A CG  1 
ATOM   736  C CD  . ARG A 1 95  ? -13.946 9.311   4.678   1.00 48.23  ? 150 ARG A CD  1 
ATOM   737  N NE  . ARG A 1 95  ? -14.835 8.502   5.510   1.00 53.52  ? 150 ARG A NE  1 
ATOM   738  C CZ  . ARG A 1 95  ? -14.462 7.435   6.213   1.00 58.62  ? 150 ARG A CZ  1 
ATOM   739  N NH1 . ARG A 1 95  ? -13.199 7.020   6.204   1.00 58.97  ? 150 ARG A NH1 1 
ATOM   740  N NH2 . ARG A 1 95  ? -15.359 6.775   6.932   1.00 58.36  ? 150 ARG A NH2 1 
ATOM   741  N N   . GLU A 1 96  ? -9.602  12.841  4.465   1.00 52.33  ? 151 GLU A N   1 
ATOM   742  C CA  . GLU A 1 96  ? -8.472  13.281  3.652   1.00 57.25  ? 151 GLU A CA  1 
ATOM   743  C C   . GLU A 1 96  ? -7.546  12.106  3.370   1.00 48.01  ? 151 GLU A C   1 
ATOM   744  O O   . GLU A 1 96  ? -7.548  11.119  4.107   1.00 39.59  ? 151 GLU A O   1 
ATOM   745  C CB  . GLU A 1 96  ? -7.712  14.408  4.351   1.00 65.61  ? 151 GLU A CB  1 
ATOM   746  C CG  . GLU A 1 96  ? -7.216  14.049  5.740   1.00 74.36  ? 151 GLU A CG  1 
ATOM   747  C CD  . GLU A 1 96  ? -6.711  15.252  6.507   1.00 83.26  ? 151 GLU A CD  1 
ATOM   748  O OE1 . GLU A 1 96  ? -6.095  16.144  5.886   1.00 85.28  ? 151 GLU A OE1 1 
ATOM   749  O OE2 . GLU A 1 96  ? -6.942  15.307  7.732   1.00 86.18  ? 151 GLU A OE2 1 
ATOM   750  N N   . ALA A 1 97  ? -6.754  12.220  2.306   1.00 45.50  ? 152 ALA A N   1 
ATOM   751  C CA  . ALA A 1 97  ? -5.956  11.100  1.821   1.00 41.44  ? 152 ALA A CA  1 
ATOM   752  C C   . ALA A 1 97  ? -4.485  11.448  1.629   1.00 37.15  ? 152 ALA A C   1 
ATOM   753  O O   . ALA A 1 97  ? -4.144  12.516  1.118   1.00 40.06  ? 152 ALA A O   1 
ATOM   754  C CB  . ALA A 1 97  ? -6.536  10.586  0.513   1.00 44.18  ? 152 ALA A CB  1 
ATOM   755  N N   . ALA A 1 98  ? -3.622  10.527  2.047   1.00 32.33  ? 153 ALA A N   1 
ATOM   756  C CA  . ALA A 1 98  ? -2.198  10.595  1.745   1.00 31.62  ? 153 ALA A CA  1 
ATOM   757  C C   . ALA A 1 98  ? -1.932  9.795   0.475   1.00 31.88  ? 153 ALA A C   1 
ATOM   758  O O   . ALA A 1 98  ? -2.006  8.566   0.486   1.00 36.15  ? 153 ALA A O   1 
ATOM   759  C CB  . ALA A 1 98  ? -1.376  10.061  2.903   1.00 31.97  ? 153 ALA A CB  1 
ATOM   760  N N   . SER A 1 99  ? -1.624  10.495  -0.614  1.00 34.63  ? 154 SER A N   1 
ATOM   761  C CA  . SER A 1 99  ? -1.529  9.871   -1.930  1.00 34.30  ? 154 SER A CA  1 
ATOM   762  C C   . SER A 1 99  ? -0.182  10.107  -2.604  1.00 35.15  ? 154 SER A C   1 
ATOM   763  O O   . SER A 1 99  ? 0.415   11.175  -2.474  1.00 29.97  ? 154 SER A O   1 
ATOM   764  C CB  . SER A 1 99  ? -2.645  10.395  -2.833  1.00 38.59  ? 154 SER A CB  1 
ATOM   765  O OG  . SER A 1 99  ? -3.905  10.262  -2.202  1.00 49.70  ? 154 SER A OG  1 
ATOM   766  N N   . ASN A 1 100 ? 0.283   9.094   -3.329  1.00 35.69  ? 155 ASN A N   1 
ATOM   767  C CA  . ASN A 1 100 ? 1.503   9.198   -4.118  1.00 30.44  ? 155 ASN A CA  1 
ATOM   768  C C   . ASN A 1 100 ? 1.642   7.996   -5.047  1.00 31.52  ? 155 ASN A C   1 
ATOM   769  O O   . ASN A 1 100 ? 0.926   7.005   -4.901  1.00 35.53  ? 155 ASN A O   1 
ATOM   770  C CB  . ASN A 1 100 ? 2.731   9.308   -3.212  1.00 27.90  ? 155 ASN A CB  1 
ATOM   771  C CG  . ASN A 1 100 ? 3.857   10.101  -3.849  1.00 28.89  ? 155 ASN A CG  1 
ATOM   772  O OD1 . ASN A 1 100 ? 3.961   10.183  -5.073  1.00 28.97  ? 155 ASN A OD1 1 
ATOM   773  N ND2 . ASN A 1 100 ? 4.707   10.693  -3.017  1.00 28.85  ? 155 ASN A ND2 1 
ATOM   774  N N   . GLY A 1 101 ? 2.560   8.092   -6.002  1.00 32.90  ? 156 GLY A N   1 
ATOM   775  C CA  . GLY A 1 101 ? 2.802   7.013   -6.944  1.00 30.53  ? 156 GLY A CA  1 
ATOM   776  C C   . GLY A 1 101 ? 4.214   7.081   -7.492  1.00 30.16  ? 156 GLY A C   1 
ATOM   777  O O   . GLY A 1 101 ? 4.868   8.120   -7.400  1.00 28.44  ? 156 GLY A O   1 
ATOM   778  N N   . VAL A 1 102 ? 4.690   5.978   -8.063  1.00 30.13  ? 157 VAL A N   1 
ATOM   779  C CA  . VAL A 1 102 ? 6.060   5.919   -8.555  1.00 34.34  ? 157 VAL A CA  1 
ATOM   780  C C   . VAL A 1 102 ? 6.308   4.702   -9.443  1.00 34.13  ? 157 VAL A C   1 
ATOM   781  O O   . VAL A 1 102 ? 5.647   3.672   -9.301  1.00 36.07  ? 157 VAL A O   1 
ATOM   782  C CB  . VAL A 1 102 ? 7.066   5.895   -7.375  1.00 36.60  ? 157 VAL A CB  1 
ATOM   783  C CG1 . VAL A 1 102 ? 7.020   4.553   -6.640  1.00 32.72  ? 157 VAL A CG1 1 
ATOM   784  C CG2 . VAL A 1 102 ? 8.475   6.198   -7.855  1.00 38.40  ? 157 VAL A CG2 1 
ATOM   785  N N   . LEU A 1 103 ? 7.261   4.839   -10.362 1.00 32.71  ? 158 LEU A N   1 
ATOM   786  C CA  . LEU A 1 103 ? 7.789   3.708   -11.118 1.00 32.23  ? 158 LEU A CA  1 
ATOM   787  C C   . LEU A 1 103 ? 9.140   3.312   -10.533 1.00 29.68  ? 158 LEU A C   1 
ATOM   788  O O   . LEU A 1 103 ? 9.988   4.172   -10.290 1.00 34.44  ? 158 LEU A O   1 
ATOM   789  C CB  . LEU A 1 103 ? 7.939   4.055   -12.601 1.00 30.10  ? 158 LEU A CB  1 
ATOM   790  C CG  . LEU A 1 103 ? 6.727   4.654   -13.314 1.00 28.95  ? 158 LEU A CG  1 
ATOM   791  C CD1 . LEU A 1 103 ? 7.090   5.008   -14.746 1.00 33.42  ? 158 LEU A CD1 1 
ATOM   792  C CD2 . LEU A 1 103 ? 5.551   3.697   -13.282 1.00 37.19  ? 158 LEU A CD2 1 
ATOM   793  N N   . ILE A 1 104 ? 9.342   2.017   -10.302 1.00 26.56  ? 159 ILE A N   1 
ATOM   794  C CA  . ILE A 1 104 ? 10.604  1.527   -9.753  1.00 34.90  ? 159 ILE A CA  1 
ATOM   795  C C   . ILE A 1 104 ? 11.030  0.213   -10.397 1.00 29.51  ? 159 ILE A C   1 
ATOM   796  O O   . ILE A 1 104 ? 10.199  -0.550  -10.891 1.00 30.69  ? 159 ILE A O   1 
ATOM   797  C CB  . ILE A 1 104 ? 10.517  1.323   -8.225  1.00 44.02  ? 159 ILE A CB  1 
ATOM   798  C CG1 . ILE A 1 104 ? 9.353   0.393   -7.871  1.00 50.20  ? 159 ILE A CG1 1 
ATOM   799  C CG2 . ILE A 1 104 ? 10.359  2.664   -7.520  1.00 44.46  ? 159 ILE A CG2 1 
ATOM   800  C CD1 . ILE A 1 104 ? 9.369   -0.085  -6.436  1.00 54.31  ? 159 ILE A CD1 1 
ATOM   801  N N   . GLN A 1 105 ? 12.336  -0.037  -10.391 1.00 27.75  ? 160 GLN A N   1 
ATOM   802  C CA  . GLN A 1 105 ? 12.879  -1.303  -10.863 1.00 37.91  ? 160 GLN A CA  1 
ATOM   803  C C   . GLN A 1 105 ? 12.939  -2.300  -9.713  1.00 40.17  ? 160 GLN A C   1 
ATOM   804  O O   . GLN A 1 105 ? 13.537  -2.024  -8.671  1.00 43.71  ? 160 GLN A O   1 
ATOM   805  C CB  . GLN A 1 105 ? 14.270  -1.106  -11.466 1.00 45.21  ? 160 GLN A CB  1 
ATOM   806  C CG  . GLN A 1 105 ? 14.915  -2.394  -11.962 1.00 52.54  ? 160 GLN A CG  1 
ATOM   807  C CD  . GLN A 1 105 ? 16.237  -2.155  -12.666 1.00 56.37  ? 160 GLN A CD  1 
ATOM   808  O OE1 . GLN A 1 105 ? 16.285  -1.532  -13.726 1.00 55.91  ? 160 GLN A OE1 1 
ATOM   809  N NE2 . GLN A 1 105 ? 17.319  -2.647  -12.074 1.00 55.31  ? 160 GLN A NE2 1 
ATOM   810  N N   . MET A 1 106 ? 12.311  -3.455  -9.911  1.00 40.09  ? 161 MET A N   1 
ATOM   811  C CA  . MET A 1 106 ? 12.315  -4.524  -8.920  1.00 40.78  ? 161 MET A CA  1 
ATOM   812  C C   . MET A 1 106 ? 12.933  -5.789  -9.500  1.00 47.69  ? 161 MET A C   1 
ATOM   813  O O   . MET A 1 106 ? 12.667  -6.148  -10.646 1.00 48.01  ? 161 MET A O   1 
ATOM   814  C CB  . MET A 1 106 ? 10.894  -4.824  -8.440  1.00 37.42  ? 161 MET A CB  1 
ATOM   815  C CG  . MET A 1 106 ? 10.175  -3.640  -7.821  1.00 35.66  ? 161 MET A CG  1 
ATOM   816  S SD  . MET A 1 106 ? 8.548   -4.093  -7.187  1.00 39.44  ? 161 MET A SD  1 
ATOM   817  C CE  . MET A 1 106 ? 8.990   -5.121  -5.787  1.00 34.56  ? 161 MET A CE  1 
ATOM   818  N N   . GLU A 1 107 ? 13.759  -6.456  -8.701  1.00 53.76  ? 162 GLU A N   1 
ATOM   819  C CA  . GLU A 1 107 ? 14.302  -7.758  -9.066  1.00 53.62  ? 162 GLU A CA  1 
ATOM   820  C C   . GLU A 1 107 ? 13.355  -8.845  -8.576  1.00 49.65  ? 162 GLU A C   1 
ATOM   821  O O   . GLU A 1 107 ? 12.479  -8.585  -7.750  1.00 44.86  ? 162 GLU A O   1 
ATOM   822  C CB  . GLU A 1 107 ? 15.698  -7.952  -8.470  1.00 58.92  ? 162 GLU A CB  1 
ATOM   823  C CG  . GLU A 1 107 ? 16.731  -6.944  -8.959  1.00 65.68  ? 162 GLU A CG  1 
ATOM   824  C CD  . GLU A 1 107 ? 17.059  -7.101  -10.433 1.00 71.96  ? 162 GLU A CD  1 
ATOM   825  O OE1 . GLU A 1 107 ? 16.878  -8.213  -10.975 1.00 77.44  ? 162 GLU A OE1 1 
ATOM   826  O OE2 . GLU A 1 107 ? 17.500  -6.109  -11.052 1.00 69.40  ? 162 GLU A OE2 1 
ATOM   827  N N   . LYS A 1 108 ? 13.525  -10.059 -9.089  1.00 46.94  ? 163 LYS A N   1 
ATOM   828  C CA  . LYS A 1 108 ? 12.692  -11.179 -8.675  1.00 46.61  ? 163 LYS A CA  1 
ATOM   829  C C   . LYS A 1 108 ? 12.860  -11.440 -7.181  1.00 48.67  ? 163 LYS A C   1 
ATOM   830  O O   . LYS A 1 108 ? 13.949  -11.790 -6.726  1.00 54.33  ? 163 LYS A O   1 
ATOM   831  C CB  . LYS A 1 108 ? 13.039  -12.435 -9.477  1.00 49.89  ? 163 LYS A CB  1 
ATOM   832  C CG  . LYS A 1 108 ? 12.214  -13.656 -9.105  1.00 56.83  ? 163 LYS A CG  1 
ATOM   833  C CD  . LYS A 1 108 ? 12.432  -14.793 -10.092 1.00 66.53  ? 163 LYS A CD  1 
ATOM   834  C CE  . LYS A 1 108 ? 11.665  -16.040 -9.684  1.00 74.84  ? 163 LYS A CE  1 
ATOM   835  N NZ  . LYS A 1 108 ? 12.212  -16.657 -8.444  1.00 79.82  ? 163 LYS A NZ  1 
ATOM   836  N N   . GLY A 1 109 ? 11.779  -11.255 -6.428  1.00 46.36  ? 164 GLY A N   1 
ATOM   837  C CA  . GLY A 1 109 ? 11.786  -11.481 -4.992  1.00 45.16  ? 164 GLY A CA  1 
ATOM   838  C C   . GLY A 1 109 ? 11.663  -10.206 -4.180  1.00 47.55  ? 164 GLY A C   1 
ATOM   839  O O   . GLY A 1 109 ? 11.404  -10.256 -2.976  1.00 51.46  ? 164 GLY A O   1 
ATOM   840  N N   . ASP A 1 110 ? 11.851  -9.061  -4.830  1.00 43.90  ? 165 ASP A N   1 
ATOM   841  C CA  . ASP A 1 110 ? 11.723  -7.770  -4.159  1.00 42.46  ? 165 ASP A CA  1 
ATOM   842  C C   . ASP A 1 110 ? 10.309  -7.572  -3.627  1.00 38.14  ? 165 ASP A C   1 
ATOM   843  O O   . ASP A 1 110 ? 9.335   -7.888  -4.307  1.00 32.44  ? 165 ASP A O   1 
ATOM   844  C CB  . ASP A 1 110 ? 12.090  -6.631  -5.111  1.00 45.27  ? 165 ASP A CB  1 
ATOM   845  C CG  . ASP A 1 110 ? 13.587  -6.494  -5.305  1.00 50.49  ? 165 ASP A CG  1 
ATOM   846  O OD1 . ASP A 1 110 ? 14.318  -7.462  -5.004  1.00 56.80  ? 165 ASP A OD1 1 
ATOM   847  O OD2 . ASP A 1 110 ? 14.032  -5.420  -5.761  1.00 45.56  ? 165 ASP A OD2 1 
ATOM   848  N N   . ARG A 1 111 ? 10.211  -7.039  -2.412  1.00 42.88  ? 166 ARG A N   1 
ATOM   849  C CA  . ARG A 1 111 ? 8.932   -6.901  -1.722  1.00 54.87  ? 166 ARG A CA  1 
ATOM   850  C C   . ARG A 1 111 ? 8.493   -5.444  -1.602  1.00 45.32  ? 166 ARG A C   1 
ATOM   851  O O   . ARG A 1 111 ? 9.270   -4.586  -1.180  1.00 41.26  ? 166 ARG A O   1 
ATOM   852  C CB  . ARG A 1 111 ? 9.021   -7.534  -0.333  1.00 80.35  ? 166 ARG A CB  1 
ATOM   853  C CG  . ARG A 1 111 ? 9.307   -9.025  -0.363  1.00 81.36  ? 166 ARG A CG  1 
ATOM   854  C CD  . ARG A 1 111 ? 9.371   -9.623  1.031   1.00 80.24  ? 166 ARG A CD  1 
ATOM   855  N NE  . ARG A 1 111 ? 9.031   -11.045 1.017   1.00 81.79  ? 166 ARG A NE  1 
ATOM   856  C CZ  . ARG A 1 111 ? 7.840   -11.549 1.333   1.00 82.87  ? 166 ARG A CZ  1 
ATOM   857  N NH1 . ARG A 1 111 ? 6.842   -10.758 1.711   1.00 82.05  ? 166 ARG A NH1 1 
ATOM   858  N NH2 . ARG A 1 111 ? 7.645   -12.859 1.279   1.00 93.34  ? 166 ARG A NH2 1 
ATOM   859  N N   . ALA A 1 112 ? 7.241   -5.181  -1.970  1.00 40.12  ? 167 ALA A N   1 
ATOM   860  C CA  . ALA A 1 112 ? 6.673   -3.836  -1.913  1.00 34.39  ? 167 ALA A CA  1 
ATOM   861  C C   . ALA A 1 112 ? 5.412   -3.805  -1.055  1.00 32.78  ? 167 ALA A C   1 
ATOM   862  O O   . ALA A 1 112 ? 4.510   -4.625  -1.228  1.00 33.57  ? 167 ALA A O   1 
ATOM   863  C CB  . ALA A 1 112 ? 6.367   -3.331  -3.310  1.00 37.68  ? 167 ALA A CB  1 
ATOM   864  N N   . TYR A 1 113 ? 5.350   -2.847  -0.136  1.00 31.64  ? 168 TYR A N   1 
ATOM   865  C CA  . TYR A 1 113 ? 4.201   -2.706  0.751   1.00 32.71  ? 168 TYR A CA  1 
ATOM   866  C C   . TYR A 1 113 ? 4.135   -1.299  1.339   1.00 31.90  ? 168 TYR A C   1 
ATOM   867  O O   . TYR A 1 113 ? 5.091   -0.529  1.234   1.00 30.11  ? 168 TYR A O   1 
ATOM   868  C CB  . TYR A 1 113 ? 4.265   -3.745  1.872   1.00 34.87  ? 168 TYR A CB  1 
ATOM   869  C CG  . TYR A 1 113 ? 5.521   -3.659  2.709   1.00 38.73  ? 168 TYR A CG  1 
ATOM   870  C CD1 . TYR A 1 113 ? 6.682   -4.318  2.325   1.00 40.26  ? 168 TYR A CD1 1 
ATOM   871  C CD2 . TYR A 1 113 ? 5.547   -2.917  3.882   1.00 38.74  ? 168 TYR A CD2 1 
ATOM   872  C CE1 . TYR A 1 113 ? 7.832   -4.240  3.087   1.00 43.22  ? 168 TYR A CE1 1 
ATOM   873  C CE2 . TYR A 1 113 ? 6.691   -2.834  4.651   1.00 38.88  ? 168 TYR A CE2 1 
ATOM   874  C CZ  . TYR A 1 113 ? 7.830   -3.497  4.249   1.00 43.52  ? 168 TYR A CZ  1 
ATOM   875  O OH  . TYR A 1 113 ? 8.973   -3.415  5.013   1.00 50.26  ? 168 TYR A OH  1 
ATOM   876  N N   . LEU A 1 114 ? 3.002   -0.973  1.955   1.00 28.76  ? 169 LEU A N   1 
ATOM   877  C CA  . LEU A 1 114 ? 2.795   0.338   2.564   1.00 31.91  ? 169 LEU A CA  1 
ATOM   878  C C   . LEU A 1 114 ? 2.924   0.272   4.080   1.00 32.37  ? 169 LEU A C   1 
ATOM   879  O O   . LEU A 1 114 ? 2.329   -0.592  4.724   1.00 29.84  ? 169 LEU A O   1 
ATOM   880  C CB  . LEU A 1 114 ? 1.418   0.889   2.191   1.00 32.60  ? 169 LEU A CB  1 
ATOM   881  C CG  . LEU A 1 114 ? 1.144   1.086   0.699   1.00 34.51  ? 169 LEU A CG  1 
ATOM   882  C CD1 . LEU A 1 114 ? -0.277  1.587   0.490   1.00 30.19  ? 169 LEU A CD1 1 
ATOM   883  C CD2 . LEU A 1 114 ? 2.149   2.045   0.073   1.00 32.79  ? 169 LEU A CD2 1 
ATOM   884  N N   . LYS A 1 115 ? 3.699   1.197   4.640   1.00 33.39  ? 170 LYS A N   1 
ATOM   885  C CA  . LYS A 1 115 ? 3.897   1.267   6.083   1.00 41.71  ? 170 LYS A CA  1 
ATOM   886  C C   . LYS A 1 115 ? 3.513   2.643   6.615   1.00 43.76  ? 170 LYS A C   1 
ATOM   887  O O   . LYS A 1 115 ? 3.745   3.660   5.960   1.00 43.92  ? 170 LYS A O   1 
ATOM   888  C CB  . LYS A 1 115 ? 5.350   0.958   6.445   1.00 46.26  ? 170 LYS A CB  1 
ATOM   889  C CG  . LYS A 1 115 ? 5.532   0.479   7.878   1.00 55.11  ? 170 LYS A CG  1 
ATOM   890  C CD  . LYS A 1 115 ? 6.966   0.641   8.356   1.00 64.85  ? 170 LYS A CD  1 
ATOM   891  C CE  . LYS A 1 115 ? 7.260   2.080   8.762   1.00 70.83  ? 170 LYS A CE  1 
ATOM   892  N NZ  . LYS A 1 115 ? 8.689   2.281   9.132   1.00 71.32  ? 170 LYS A NZ  1 
ATOM   893  N N   . LEU A 1 116 ? 2.926   2.661   7.807   1.00 41.95  ? 171 LEU A N   1 
ATOM   894  C CA  . LEU A 1 116 ? 2.549   3.906   8.467   1.00 40.52  ? 171 LEU A CA  1 
ATOM   895  C C   . LEU A 1 116 ? 3.714   4.398   9.322   1.00 39.82  ? 171 LEU A C   1 
ATOM   896  O O   . LEU A 1 116 ? 3.943   3.899   10.425  1.00 40.75  ? 171 LEU A O   1 
ATOM   897  C CB  . LEU A 1 116 ? 1.293   3.697   9.318   1.00 43.60  ? 171 LEU A CB  1 
ATOM   898  C CG  . LEU A 1 116 ? 0.537   4.942   9.785   1.00 44.41  ? 171 LEU A CG  1 
ATOM   899  C CD1 . LEU A 1 116 ? -0.014  5.727   8.605   1.00 44.22  ? 171 LEU A CD1 1 
ATOM   900  C CD2 . LEU A 1 116 ? -0.589  4.541   10.721  1.00 46.19  ? 171 LEU A CD2 1 
ATOM   901  N N   . GLU A 1 117 ? 4.452   5.376   8.805   1.00 41.92  ? 172 GLU A N   1 
ATOM   902  C CA  . GLU A 1 117 ? 5.676   5.840   9.450   1.00 41.80  ? 172 GLU A CA  1 
ATOM   903  C C   . GLU A 1 117 ? 5.397   6.772   10.630  1.00 40.17  ? 172 GLU A C   1 
ATOM   904  O O   . GLU A 1 117 ? 6.163   6.805   11.594  1.00 40.03  ? 172 GLU A O   1 
ATOM   905  C CB  . GLU A 1 117 ? 6.571   6.544   8.425   1.00 45.14  ? 172 GLU A CB  1 
ATOM   906  C CG  . GLU A 1 117 ? 7.956   6.897   8.950   1.00 50.52  ? 172 GLU A CG  1 
ATOM   907  C CD  . GLU A 1 117 ? 8.888   7.410   7.865   1.00 49.66  ? 172 GLU A CD  1 
ATOM   908  O OE1 . GLU A 1 117 ? 8.777   6.949   6.709   1.00 41.88  ? 172 GLU A OE1 1 
ATOM   909  O OE2 . GLU A 1 117 ? 9.733   8.278   8.168   1.00 53.87  ? 172 GLU A OE2 1 
ATOM   910  N N   . ARG A 1 118 ? 4.303   7.526   10.548  1.00 42.09  ? 173 ARG A N   1 
ATOM   911  C CA  . ARG A 1 118 ? 3.886   8.413   11.634  1.00 43.96  ? 173 ARG A CA  1 
ATOM   912  C C   . ARG A 1 118 ? 2.376   8.372   11.823  1.00 38.34  ? 173 ARG A C   1 
ATOM   913  O O   . ARG A 1 118 ? 1.632   8.078   10.888  1.00 35.37  ? 173 ARG A O   1 
ATOM   914  C CB  . ARG A 1 118 ? 4.332   9.853   11.365  1.00 51.66  ? 173 ARG A CB  1 
ATOM   915  C CG  . ARG A 1 118 ? 5.820   10.090  11.565  1.00 63.60  ? 173 ARG A CG  1 
ATOM   916  C CD  . ARG A 1 118 ? 6.223   11.528  11.273  1.00 78.20  ? 173 ARG A CD  1 
ATOM   917  N NE  . ARG A 1 118 ? 5.660   12.475  12.238  1.00 90.86  ? 173 ARG A NE  1 
ATOM   918  C CZ  . ARG A 1 118 ? 4.641   13.299  11.998  1.00 95.88  ? 173 ARG A CZ  1 
ATOM   919  N NH1 . ARG A 1 118 ? 4.043   13.319  10.813  1.00 96.13  ? 173 ARG A NH1 1 
ATOM   920  N NH2 . ARG A 1 118 ? 4.218   14.117  12.953  1.00 96.81  ? 173 ARG A NH2 1 
ATOM   921  N N   . GLY A 1 119 ? 1.932   8.672   13.038  1.00 40.16  ? 174 GLY A N   1 
ATOM   922  C CA  . GLY A 1 119 ? 0.515   8.691   13.353  1.00 37.14  ? 174 GLY A CA  1 
ATOM   923  C C   . GLY A 1 119 ? -0.101  7.307   13.347  1.00 35.65  ? 174 GLY A C   1 
ATOM   924  O O   . GLY A 1 119 ? 0.592   6.309   13.138  1.00 36.73  ? 174 GLY A O   1 
ATOM   925  N N   . ASN A 1 120 ? -1.408  7.250   13.582  1.00 35.21  ? 175 ASN A N   1 
ATOM   926  C CA  . ASN A 1 120 ? -2.150  5.994   13.569  1.00 40.54  ? 175 ASN A CA  1 
ATOM   927  C C   . ASN A 1 120 ? -3.404  6.109   12.713  1.00 40.93  ? 175 ASN A C   1 
ATOM   928  O O   . ASN A 1 120 ? -3.781  7.205   12.297  1.00 39.08  ? 175 ASN A O   1 
ATOM   929  C CB  . ASN A 1 120 ? -2.527  5.571   14.990  1.00 42.76  ? 175 ASN A CB  1 
ATOM   930  C CG  . ASN A 1 120 ? -3.347  6.621   15.715  1.00 52.05  ? 175 ASN A CG  1 
ATOM   931  O OD1 . ASN A 1 120 ? -4.502  6.874   15.370  1.00 52.50  ? 175 ASN A OD1 1 
ATOM   932  N ND2 . ASN A 1 120 ? -2.758  7.228   16.738  1.00 58.41  ? 175 ASN A ND2 1 
ATOM   933  N N   . LEU A 1 121 ? -4.042  4.972   12.460  1.00 37.22  ? 176 LEU A N   1 
ATOM   934  C CA  . LEU A 1 121 ? -5.269  4.931   11.672  1.00 37.21  ? 176 LEU A CA  1 
ATOM   935  C C   . LEU A 1 121 ? -6.453  4.512   12.536  1.00 38.10  ? 176 LEU A C   1 
ATOM   936  O O   . LEU A 1 121 ? -7.334  3.774   12.092  1.00 35.27  ? 176 LEU A O   1 
ATOM   937  C CB  . LEU A 1 121 ? -5.107  3.982   10.482  1.00 43.49  ? 176 LEU A CB  1 
ATOM   938  C CG  . LEU A 1 121 ? -4.137  4.468   9.402   1.00 47.80  ? 176 LEU A CG  1 
ATOM   939  C CD1 . LEU A 1 121 ? -3.807  3.348   8.428   1.00 45.04  ? 176 LEU A CD1 1 
ATOM   940  C CD2 . LEU A 1 121 ? -4.713  5.670   8.659   1.00 44.56  ? 176 LEU A CD2 1 
ATOM   941  N N   . MET A 1 122 ? -6.465  4.986   13.779  1.00 42.05  ? 177 MET A N   1 
ATOM   942  C CA  . MET A 1 122 ? -7.611  4.788   14.653  1.00 43.38  ? 177 MET A CA  1 
ATOM   943  C C   . MET A 1 122 ? -8.801  5.537   14.068  1.00 39.73  ? 177 MET A C   1 
ATOM   944  O O   . MET A 1 122 ? -8.694  6.715   13.724  1.00 42.24  ? 177 MET A O   1 
ATOM   945  C CB  . MET A 1 122 ? -7.309  5.271   16.073  1.00 51.55  ? 177 MET A CB  1 
ATOM   946  C CG  . MET A 1 122 ? -6.167  4.523   16.755  1.00 56.71  ? 177 MET A CG  1 
ATOM   947  S SD  . MET A 1 122 ? -6.485  2.759   16.962  1.00 88.88  ? 177 MET A SD  1 
ATOM   948  C CE  . MET A 1 122 ? -7.830  2.783   18.146  1.00 104.91 ? 177 MET A CE  1 
ATOM   949  N N   . GLY A 1 123 ? -9.929  4.842   13.952  1.00 40.60  ? 178 GLY A N   1 
ATOM   950  C CA  . GLY A 1 123 ? -11.099 5.370   13.276  1.00 39.56  ? 178 GLY A CA  1 
ATOM   951  C C   . GLY A 1 123 ? -11.266 4.723   11.913  1.00 42.81  ? 178 GLY A C   1 
ATOM   952  O O   . GLY A 1 123 ? -12.174 5.072   11.156  1.00 46.83  ? 178 GLY A O   1 
ATOM   953  N N   . GLY A 1 124 ? -10.382 3.779   11.601  1.00 44.05  ? 179 GLY A N   1 
ATOM   954  C CA  . GLY A 1 124 ? -10.432 3.065   10.339  1.00 41.69  ? 179 GLY A CA  1 
ATOM   955  C C   . GLY A 1 124 ? -9.790  3.844   9.208   1.00 36.64  ? 179 GLY A C   1 
ATOM   956  O O   . GLY A 1 124 ? -9.536  5.042   9.335   1.00 31.60  ? 179 GLY A O   1 
ATOM   957  N N   . TRP A 1 125 ? -9.522  3.155   8.103   1.00 37.30  ? 180 TRP A N   1 
ATOM   958  C CA  . TRP A 1 125 ? -8.973  3.789   6.910   1.00 32.51  ? 180 TRP A CA  1 
ATOM   959  C C   . TRP A 1 125 ? -9.734  3.313   5.677   1.00 32.51  ? 180 TRP A C   1 
ATOM   960  O O   . TRP A 1 125 ? -9.144  2.968   4.653   1.00 36.45  ? 180 TRP A O   1 
ATOM   961  C CB  . TRP A 1 125 ? -7.472  3.495   6.779   1.00 31.72  ? 180 TRP A CB  1 
ATOM   962  C CG  . TRP A 1 125 ? -7.123  2.037   6.682   1.00 33.27  ? 180 TRP A CG  1 
ATOM   963  C CD1 . TRP A 1 125 ? -6.749  1.358   5.558   1.00 33.48  ? 180 TRP A CD1 1 
ATOM   964  C CD2 . TRP A 1 125 ? -7.108  1.082   7.750   1.00 32.71  ? 180 TRP A CD2 1 
ATOM   965  N NE1 . TRP A 1 125 ? -6.507  0.040   5.858   1.00 29.47  ? 180 TRP A NE1 1 
ATOM   966  C CE2 . TRP A 1 125 ? -6.719  -0.154  7.198   1.00 30.26  ? 180 TRP A CE2 1 
ATOM   967  C CE3 . TRP A 1 125 ? -7.386  1.153   9.119   1.00 37.25  ? 180 TRP A CE3 1 
ATOM   968  C CZ2 . TRP A 1 125 ? -6.602  -1.310  7.967   1.00 32.68  ? 180 TRP A CZ2 1 
ATOM   969  C CZ3 . TRP A 1 125 ? -7.270  0.005   9.879   1.00 39.35  ? 180 TRP A CZ3 1 
ATOM   970  C CH2 . TRP A 1 125 ? -6.882  -1.210  9.301   1.00 37.15  ? 180 TRP A CH2 1 
ATOM   971  N N   . LYS A 1 126 ? -11.058 3.306   5.794   1.00 32.12  ? 181 LYS A N   1 
ATOM   972  C CA  . LYS A 1 126 ? -11.942 2.907   4.705   1.00 33.29  ? 181 LYS A CA  1 
ATOM   973  C C   . LYS A 1 126 ? -11.662 3.727   3.447   1.00 32.83  ? 181 LYS A C   1 
ATOM   974  O O   . LYS A 1 126 ? -11.147 4.840   3.531   1.00 37.58  ? 181 LYS A O   1 
ATOM   975  C CB  . LYS A 1 126 ? -13.402 3.066   5.135   1.00 34.04  ? 181 LYS A CB  1 
ATOM   976  C CG  . LYS A 1 126 ? -14.425 2.540   4.143   1.00 38.07  ? 181 LYS A CG  1 
ATOM   977  C CD  . LYS A 1 126 ? -15.830 2.623   4.724   1.00 42.97  ? 181 LYS A CD  1 
ATOM   978  C CE  . LYS A 1 126 ? -16.885 2.180   3.724   1.00 48.08  ? 181 LYS A CE  1 
ATOM   979  N NZ  . LYS A 1 126 ? -18.265 2.349   4.260   1.00 48.70  ? 181 LYS A NZ  1 
ATOM   980  N N   . TYR A 1 127 ? -11.993 3.153   2.290   1.00 37.47  ? 182 TYR A N   1 
ATOM   981  C CA  . TYR A 1 127 ? -11.794 3.777   0.976   1.00 41.48  ? 182 TYR A CA  1 
ATOM   982  C C   . TYR A 1 127 ? -10.320 3.875   0.567   1.00 37.66  ? 182 TYR A C   1 
ATOM   983  O O   . TYR A 1 127 ? -10.007 4.438   -0.482  1.00 36.70  ? 182 TYR A O   1 
ATOM   984  C CB  . TYR A 1 127 ? -12.424 5.177   0.924   1.00 43.21  ? 182 TYR A CB  1 
ATOM   985  C CG  . TYR A 1 127 ? -13.911 5.204   1.196   1.00 47.48  ? 182 TYR A CG  1 
ATOM   986  C CD1 . TYR A 1 127 ? -14.810 4.686   0.275   1.00 47.19  ? 182 TYR A CD1 1 
ATOM   987  C CD2 . TYR A 1 127 ? -14.416 5.760   2.365   1.00 48.63  ? 182 TYR A CD2 1 
ATOM   988  C CE1 . TYR A 1 127 ? -16.170 4.710   0.512   1.00 47.33  ? 182 TYR A CE1 1 
ATOM   989  C CE2 . TYR A 1 127 ? -15.777 5.789   2.612   1.00 47.29  ? 182 TYR A CE2 1 
ATOM   990  C CZ  . TYR A 1 127 ? -16.649 5.263   1.682   1.00 47.04  ? 182 TYR A CZ  1 
ATOM   991  O OH  . TYR A 1 127 ? -18.004 5.289   1.922   1.00 46.45  ? 182 TYR A OH  1 
ATOM   992  N N   . SER A 1 128 ? -9.419  3.323   1.375   1.00 38.82  ? 183 SER A N   1 
ATOM   993  C CA  . SER A 1 128 ? -7.999  3.335   1.031   1.00 32.07  ? 183 SER A CA  1 
ATOM   994  C C   . SER A 1 128 ? -7.731  2.389   -0.135  1.00 29.00  ? 183 SER A C   1 
ATOM   995  O O   . SER A 1 128 ? -8.406  1.372   -0.277  1.00 27.40  ? 183 SER A O   1 
ATOM   996  C CB  . SER A 1 128 ? -7.142  2.946   2.236   1.00 30.62  ? 183 SER A CB  1 
ATOM   997  O OG  . SER A 1 128 ? -7.258  3.901   3.277   1.00 30.05  ? 183 SER A OG  1 
ATOM   998  N N   . THR A 1 129 ? -6.745  2.729   -0.964  1.00 29.64  ? 184 THR A N   1 
ATOM   999  C CA  . THR A 1 129 ? -6.434  1.943   -2.157  1.00 30.74  ? 184 THR A CA  1 
ATOM   1000 C C   . THR A 1 129 ? -4.937  1.686   -2.306  1.00 26.40  ? 184 THR A C   1 
ATOM   1001 O O   . THR A 1 129 ? -4.108  2.480   -1.859  1.00 24.11  ? 184 THR A O   1 
ATOM   1002 C CB  . THR A 1 129 ? -6.932  2.643   -3.438  1.00 38.88  ? 184 THR A CB  1 
ATOM   1003 O OG1 . THR A 1 129 ? -6.168  3.833   -3.665  1.00 41.47  ? 184 THR A OG1 1 
ATOM   1004 C CG2 . THR A 1 129 ? -8.408  2.998   -3.324  1.00 44.49  ? 184 THR A CG2 1 
ATOM   1005 N N   . PHE A 1 130 ? -4.608  0.570   -2.948  1.00 23.47  ? 185 PHE A N   1 
ATOM   1006 C CA  . PHE A 1 130 ? -3.223  0.198   -3.209  1.00 27.18  ? 185 PHE A CA  1 
ATOM   1007 C C   . PHE A 1 130 ? -3.173  -0.746  -4.404  1.00 24.32  ? 185 PHE A C   1 
ATOM   1008 O O   . PHE A 1 130 ? -3.666  -1.872  -4.333  1.00 27.58  ? 185 PHE A O   1 
ATOM   1009 C CB  . PHE A 1 130 ? -2.597  -0.462  -1.976  1.00 34.31  ? 185 PHE A CB  1 
ATOM   1010 C CG  . PHE A 1 130 ? -1.135  -0.806  -2.133  1.00 33.06  ? 185 PHE A CG  1 
ATOM   1011 C CD1 . PHE A 1 130 ? -0.315  -0.067  -2.970  1.00 31.57  ? 185 PHE A CD1 1 
ATOM   1012 C CD2 . PHE A 1 130 ? -0.586  -1.872  -1.437  1.00 33.32  ? 185 PHE A CD2 1 
ATOM   1013 C CE1 . PHE A 1 130 ? 1.026   -0.384  -3.110  1.00 30.06  ? 185 PHE A CE1 1 
ATOM   1014 C CE2 . PHE A 1 130 ? 0.754   -2.195  -1.575  1.00 31.76  ? 185 PHE A CE2 1 
ATOM   1015 C CZ  . PHE A 1 130 ? 1.559   -1.449  -2.411  1.00 32.42  ? 185 PHE A CZ  1 
ATOM   1016 N N   . SER A 1 131 ? -2.587  -0.281  -5.503  1.00 24.86  ? 186 SER A N   1 
ATOM   1017 C CA  . SER A 1 131 ? -2.524  -1.070  -6.728  1.00 29.42  ? 186 SER A CA  1 
ATOM   1018 C C   . SER A 1 131 ? -1.182  -0.904  -7.429  1.00 28.89  ? 186 SER A C   1 
ATOM   1019 O O   . SER A 1 131 ? -0.445  0.047   -7.171  1.00 27.41  ? 186 SER A O   1 
ATOM   1020 C CB  . SER A 1 131 ? -3.660  -0.674  -7.674  1.00 31.41  ? 186 SER A CB  1 
ATOM   1021 O OG  . SER A 1 131 ? -3.584  0.698   -8.017  1.00 34.97  ? 186 SER A OG  1 
ATOM   1022 N N   . GLY A 1 132 ? -0.871  -1.846  -8.313  1.00 29.85  ? 187 GLY A N   1 
ATOM   1023 C CA  . GLY A 1 132 ? 0.359   -1.800  -9.080  1.00 27.23  ? 187 GLY A CA  1 
ATOM   1024 C C   . GLY A 1 132 ? 0.330   -2.780  -10.234 1.00 27.32  ? 187 GLY A C   1 
ATOM   1025 O O   . GLY A 1 132 ? -0.509  -3.680  -10.271 1.00 24.62  ? 187 GLY A O   1 
ATOM   1026 N N   . PHE A 1 133 ? 1.245   -2.607  -11.181 1.00 29.89  ? 188 PHE A N   1 
ATOM   1027 C CA  . PHE A 1 133 ? 1.320   -3.492  -12.335 1.00 30.91  ? 188 PHE A CA  1 
ATOM   1028 C C   . PHE A 1 133 ? 2.701   -3.454  -12.978 1.00 29.42  ? 188 PHE A C   1 
ATOM   1029 O O   . PHE A 1 133 ? 3.461   -2.504  -12.792 1.00 29.49  ? 188 PHE A O   1 
ATOM   1030 C CB  . PHE A 1 133 ? 0.251   -3.118  -13.367 1.00 33.50  ? 188 PHE A CB  1 
ATOM   1031 C CG  . PHE A 1 133 ? 0.463   -1.771  -14.001 1.00 33.86  ? 188 PHE A CG  1 
ATOM   1032 C CD1 . PHE A 1 133 ? -0.073  -0.629  -13.430 1.00 35.37  ? 188 PHE A CD1 1 
ATOM   1033 C CD2 . PHE A 1 133 ? 1.193   -1.649  -15.172 1.00 34.44  ? 188 PHE A CD2 1 
ATOM   1034 C CE1 . PHE A 1 133 ? 0.120   0.610   -14.013 1.00 38.28  ? 188 PHE A CE1 1 
ATOM   1035 C CE2 . PHE A 1 133 ? 1.389   -0.413  -15.757 1.00 33.22  ? 188 PHE A CE2 1 
ATOM   1036 C CZ  . PHE A 1 133 ? 0.851   0.716   -15.178 1.00 32.31  ? 188 PHE A CZ  1 
ATOM   1037 N N   . LEU A 1 134 ? 3.017   -4.503  -13.732 1.00 35.26  ? 189 LEU A N   1 
ATOM   1038 C CA  . LEU A 1 134 ? 4.269   -4.579  -14.473 1.00 36.04  ? 189 LEU A CA  1 
ATOM   1039 C C   . LEU A 1 134 ? 4.166   -3.777  -15.765 1.00 37.74  ? 189 LEU A C   1 
ATOM   1040 O O   . LEU A 1 134 ? 3.356   -4.093  -16.638 1.00 38.66  ? 189 LEU A O   1 
ATOM   1041 C CB  . LEU A 1 134 ? 4.624   -6.037  -14.779 1.00 36.97  ? 189 LEU A CB  1 
ATOM   1042 C CG  . LEU A 1 134 ? 5.847   -6.287  -15.668 1.00 37.23  ? 189 LEU A CG  1 
ATOM   1043 C CD1 . LEU A 1 134 ? 7.116   -5.760  -15.017 1.00 36.75  ? 189 LEU A CD1 1 
ATOM   1044 C CD2 . LEU A 1 134 ? 5.982   -7.769  -15.979 1.00 39.56  ? 189 LEU A CD2 1 
ATOM   1045 N N   . VAL A 1 135 ? 4.986   -2.739  -15.880 1.00 35.08  ? 190 VAL A N   1 
ATOM   1046 C CA  . VAL A 1 135 ? 5.003   -1.906  -17.076 1.00 31.70  ? 190 VAL A CA  1 
ATOM   1047 C C   . VAL A 1 135 ? 5.681   -2.666  -18.212 1.00 34.14  ? 190 VAL A C   1 
ATOM   1048 O O   . VAL A 1 135 ? 5.139   -2.772  -19.312 1.00 36.24  ? 190 VAL A O   1 
ATOM   1049 C CB  . VAL A 1 135 ? 5.729   -0.569  -16.830 1.00 31.02  ? 190 VAL A CB  1 
ATOM   1050 C CG1 . VAL A 1 135 ? 5.551   0.361   -18.021 1.00 29.84  ? 190 VAL A CG1 1 
ATOM   1051 C CG2 . VAL A 1 135 ? 5.209   0.099   -15.560 1.00 31.72  ? 190 VAL A CG2 1 
ATOM   1052 N N   . PHE A 1 136 ? 6.870   -3.192  -17.937 1.00 33.11  ? 191 PHE A N   1 
ATOM   1053 C CA  . PHE A 1 136 ? 7.554   -4.083  -18.867 1.00 32.34  ? 191 PHE A CA  1 
ATOM   1054 C C   . PHE A 1 136 ? 8.715   -4.787  -18.168 1.00 29.71  ? 191 PHE A C   1 
ATOM   1055 O O   . PHE A 1 136 ? 9.309   -4.232  -17.244 1.00 28.73  ? 191 PHE A O   1 
ATOM   1056 C CB  . PHE A 1 136 ? 8.060   -3.320  -20.097 1.00 36.49  ? 191 PHE A CB  1 
ATOM   1057 C CG  . PHE A 1 136 ? 8.842   -2.079  -19.769 1.00 32.88  ? 191 PHE A CG  1 
ATOM   1058 C CD1 . PHE A 1 136 ? 10.137  -2.163  -19.290 1.00 30.44  ? 191 PHE A CD1 1 
ATOM   1059 C CD2 . PHE A 1 136 ? 8.285   -0.827  -19.961 1.00 37.54  ? 191 PHE A CD2 1 
ATOM   1060 C CE1 . PHE A 1 136 ? 10.857  -1.023  -18.994 1.00 31.85  ? 191 PHE A CE1 1 
ATOM   1061 C CE2 . PHE A 1 136 ? 9.000   0.317   -19.668 1.00 37.34  ? 191 PHE A CE2 1 
ATOM   1062 C CZ  . PHE A 1 136 ? 10.288  0.219   -19.184 1.00 34.73  ? 191 PHE A CZ  1 
ATOM   1063 N N   . PRO A 1 137 ? 9.037   -6.017  -18.598 1.00 31.79  ? 192 PRO A N   1 
ATOM   1064 C CA  . PRO A 1 137 ? 10.164  -6.742  -18.002 1.00 29.71  ? 192 PRO A CA  1 
ATOM   1065 C C   . PRO A 1 137 ? 11.515  -6.271  -18.536 1.00 37.85  ? 192 PRO A C   1 
ATOM   1066 O O   . PRO A 1 137 ? 11.563  -5.534  -19.522 1.00 38.85  ? 192 PRO A O   1 
ATOM   1067 C CB  . PRO A 1 137 ? 9.895   -8.190  -18.403 1.00 33.00  ? 192 PRO A CB  1 
ATOM   1068 C CG  . PRO A 1 137 ? 9.168   -8.079  -19.697 1.00 35.58  ? 192 PRO A CG  1 
ATOM   1069 C CD  . PRO A 1 137 ? 8.326   -6.837  -19.597 1.00 35.16  ? 192 PRO A CD  1 
ATOM   1070 N N   . LEU A 1 138 ? 12.593  -6.700  -17.884 1.00 45.51  ? 193 LEU A N   1 
ATOM   1071 C CA  . LEU A 1 138 ? 13.949  -6.369  -18.311 1.00 45.64  ? 193 LEU A CA  1 
ATOM   1072 C C   . LEU A 1 138 ? 14.805  -7.629  -18.379 1.00 53.99  ? 193 LEU A C   1 
ATOM   1073 O O   . LEU A 1 138 ? 14.730  -8.490  -17.502 1.00 56.11  ? 193 LEU A O   1 
ATOM   1074 C CB  . LEU A 1 138 ? 14.583  -5.354  -17.358 1.00 40.56  ? 193 LEU A CB  1 
ATOM   1075 C CG  . LEU A 1 138 ? 13.926  -3.974  -17.299 1.00 37.20  ? 193 LEU A CG  1 
ATOM   1076 C CD1 . LEU A 1 138 ? 14.467  -3.183  -16.118 1.00 32.48  ? 193 LEU A CD1 1 
ATOM   1077 C CD2 . LEU A 1 138 ? 14.144  -3.212  -18.596 1.00 37.56  ? 193 LEU A CD2 1 
ATOM   1078 N N   . GLY A 1 139 ? 15.616  -7.731  -19.427 1.00 61.38  ? 194 GLY A N   1 
ATOM   1079 C CA  . GLY A 1 139 ? 16.474  -8.886  -19.616 1.00 66.31  ? 194 GLY A CA  1 
ATOM   1080 C C   . GLY A 1 139 ? 17.652  -8.881  -18.662 1.00 70.04  ? 194 GLY A C   1 
ATOM   1081 O O   . GLY A 1 139 ? 18.059  -7.828  -18.170 1.00 72.56  ? 194 GLY A O   1 
HETATM 1082 C C1  . NAG B 2 .   ? -3.490  -0.165  18.728  1.00 83.93  ? 301 NAG A C1  1 
HETATM 1083 C C2  . NAG B 2 .   ? -4.523  -0.816  19.653  1.00 81.89  ? 301 NAG A C2  1 
HETATM 1084 C C3  . NAG B 2 .   ? -5.555  0.212   20.110  1.00 87.77  ? 301 NAG A C3  1 
HETATM 1085 C C4  . NAG B 2 .   ? -4.866  1.421   20.725  1.00 90.02  ? 301 NAG A C4  1 
HETATM 1086 C C5  . NAG B 2 .   ? -3.857  1.992   19.737  1.00 91.38  ? 301 NAG A C5  1 
HETATM 1087 C C6  . NAG B 2 .   ? -3.060  3.145   20.303  1.00 95.41  ? 301 NAG A C6  1 
HETATM 1088 C C7  . NAG B 2 .   ? -5.107  -3.196  19.432  1.00 74.47  ? 301 NAG A C7  1 
HETATM 1089 C C8  . NAG B 2 .   ? -5.854  -4.214  18.623  1.00 73.23  ? 301 NAG A C8  1 
HETATM 1090 N N2  . NAG B 2 .   ? -5.178  -1.934  18.994  1.00 76.93  ? 301 NAG A N2  1 
HETATM 1091 O O3  . NAG B 2 .   ? -6.427  -0.385  21.063  1.00 91.13  ? 301 NAG A O3  1 
HETATM 1092 O O4  . NAG B 2 .   ? -5.825  2.419   21.056  1.00 89.43  ? 301 NAG A O4  1 
HETATM 1093 O O5  . NAG B 2 .   ? -2.912  0.976   19.374  1.00 87.75  ? 301 NAG A O5  1 
HETATM 1094 O O6  . NAG B 2 .   ? -2.427  3.892   19.273  1.00 98.54  ? 301 NAG A O6  1 
HETATM 1095 O O7  . NAG B 2 .   ? -4.468  -3.504  20.434  1.00 73.49  ? 301 NAG A O7  1 
HETATM 1096 O O   . HOH C 3 .   ? 16.159  -4.477  3.634   1.00 39.92  ? 401 HOH A O   1 
HETATM 1097 O O   . HOH C 3 .   ? 4.412   -13.420 1.693   1.00 69.52  ? 402 HOH A O   1 
HETATM 1098 O O   . HOH C 3 .   ? -3.917  -6.954  1.913   1.00 51.78  ? 403 HOH A O   1 
HETATM 1099 O O   . HOH C 3 .   ? -1.220  7.717   -6.433  1.00 51.87  ? 404 HOH A O   1 
HETATM 1100 O O   . HOH C 3 .   ? -12.634 4.550   8.136   1.00 33.67  ? 405 HOH A O   1 
HETATM 1101 O O   . HOH C 3 .   ? -10.549 0.413   8.202   1.00 30.45  ? 406 HOH A O   1 
HETATM 1102 O O   . HOH C 3 .   ? 5.638   -12.959 -6.530  1.00 45.50  ? 407 HOH A O   1 
HETATM 1103 O O   . HOH C 3 .   ? 10.988  9.626   -1.015  1.00 36.31  ? 408 HOH A O   1 
HETATM 1104 O O   . HOH C 3 .   ? 1.698   -6.068  -16.789 1.00 35.02  ? 409 HOH A O   1 
HETATM 1105 O O   . HOH C 3 .   ? -0.221  -10.289 -8.978  1.00 39.96  ? 410 HOH A O   1 
HETATM 1106 O O   . HOH C 3 .   ? -8.387  7.079   10.477  1.00 37.47  ? 411 HOH A O   1 
HETATM 1107 O O   . HOH C 3 .   ? 12.144  -10.207 -16.466 1.00 43.65  ? 412 HOH A O   1 
HETATM 1108 O O   . HOH C 3 .   ? -15.543 13.118  4.679   1.00 50.58  ? 413 HOH A O   1 
HETATM 1109 O O   . HOH C 3 .   ? 10.960  -11.765 -0.666  1.00 38.95  ? 414 HOH A O   1 
HETATM 1110 O O   . HOH C 3 .   ? -4.595  2.571   -6.401  1.00 43.25  ? 415 HOH A O   1 
HETATM 1111 O O   . HOH C 3 .   ? 2.552   5.440   -11.197 1.00 55.47  ? 416 HOH A O   1 
HETATM 1112 O O   . HOH C 3 .   ? 7.924   10.743  -1.836  1.00 30.25  ? 417 HOH A O   1 
HETATM 1113 O O   . HOH C 3 .   ? 15.745  -5.599  -21.187 1.00 59.05  ? 418 HOH A O   1 
HETATM 1114 O O   . HOH C 3 .   ? -0.890  -5.330  8.451   1.00 58.77  ? 419 HOH A O   1 
HETATM 1115 O O   . HOH C 3 .   ? 1.356   13.855  0.475   1.00 33.77  ? 420 HOH A O   1 
HETATM 1116 O O   . HOH C 3 .   ? 10.475  8.484   1.260   1.00 41.77  ? 421 HOH A O   1 
HETATM 1117 O O   . HOH C 3 .   ? -13.667 10.774  13.504  1.00 46.01  ? 422 HOH A O   1 
HETATM 1118 O O   . HOH C 3 .   ? 14.064  1.919   -9.209  1.00 34.63  ? 423 HOH A O   1 
HETATM 1119 O O   . HOH C 3 .   ? -7.379  -10.020 2.338   1.00 60.45  ? 424 HOH A O   1 
HETATM 1120 O O   . HOH C 3 .   ? -13.308 -2.366  14.494  1.00 48.05  ? 425 HOH A O   1 
HETATM 1121 O O   . HOH C 3 .   ? 0.611   -2.582  2.463   1.00 32.97  ? 426 HOH A O   1 
HETATM 1122 O O   . HOH C 3 .   ? -5.520  -4.210  10.317  1.00 34.79  ? 427 HOH A O   1 
HETATM 1123 O O   . HOH C 3 .   ? 14.005  -11.964 -13.664 1.00 35.02  ? 428 HOH A O   1 
HETATM 1124 O O   . HOH C 3 .   ? -9.972  -10.283 -1.087  1.00 42.49  ? 429 HOH A O   1 
HETATM 1125 O O   . HOH C 3 .   ? -2.753  2.336   12.950  1.00 37.67  ? 430 HOH A O   1 
HETATM 1126 O O   . HOH C 3 .   ? 6.419   -13.683 -14.341 1.00 67.49  ? 431 HOH A O   1 
HETATM 1127 O O   . HOH C 3 .   ? -1.282  -7.091  6.136   1.00 40.05  ? 432 HOH A O   1 
HETATM 1128 O O   . HOH C 3 .   ? 20.075  -9.684  -16.923 1.00 48.51  ? 433 HOH A O   1 
HETATM 1129 O O   . HOH C 3 .   ? -3.136  2.172   15.490  1.00 56.61  ? 434 HOH A O   1 
HETATM 1130 O O   . HOH C 3 .   ? 7.214   -13.930 9.069   1.00 48.31  ? 435 HOH A O   1 
HETATM 1131 O O   . HOH C 3 .   ? -7.677  -11.294 -10.277 1.00 43.39  ? 436 HOH A O   1 
HETATM 1132 O O   . HOH C 3 .   ? 1.764   -10.033 19.249  1.00 58.92  ? 437 HOH A O   1 
HETATM 1133 O O   . HOH C 3 .   ? 15.545  -10.999 -11.606 1.00 66.31  ? 438 HOH A O   1 
HETATM 1134 O O   . HOH C 3 .   ? 3.990   8.312   15.429  1.00 56.89  ? 439 HOH A O   1 
HETATM 1135 O O   . HOH C 3 .   ? -1.356  13.630  -0.094  1.00 45.33  ? 440 HOH A O   1 
HETATM 1136 O O   . HOH C 3 .   ? -3.520  -15.208 -12.674 1.00 43.81  ? 441 HOH A O   1 
HETATM 1137 O O   . HOH C 3 .   ? -6.179  -12.700 -4.028  1.00 43.15  ? 442 HOH A O   1 
HETATM 1138 O O   . HOH C 3 .   ? 3.166   -16.748 -11.100 1.00 54.23  ? 443 HOH A O   1 
HETATM 1139 O O   . HOH C 3 .   ? -3.464  -1.464  8.971   1.00 36.96  ? 444 HOH A O   1 
HETATM 1140 O O   . HOH C 3 .   ? 3.091   -13.915 -12.869 1.00 55.10  ? 445 HOH A O   1 
HETATM 1141 O O   . HOH C 3 .   ? -0.541  1.376   -10.225 1.00 49.65  ? 446 HOH A O   1 
HETATM 1142 O O   . HOH C 3 .   ? -10.859 -6.990  8.052   1.00 59.32  ? 447 HOH A O   1 
HETATM 1143 O O   . HOH C 3 .   ? -10.723 -9.318  6.249   1.00 45.16  ? 448 HOH A O   1 
HETATM 1144 O O   . HOH C 3 .   ? 18.330  -1.473  -16.558 1.00 53.12  ? 449 HOH A O   1 
HETATM 1145 O O   . HOH C 3 .   ? 2.456   -12.769 -21.596 1.00 41.00  ? 450 HOH A O   1 
HETATM 1146 O O   . HOH C 3 .   ? 4.420   -14.208 -4.737  1.00 41.85  ? 451 HOH A O   1 
HETATM 1147 O O   . HOH C 3 .   ? 10.270  -15.589 -20.108 1.00 59.67  ? 452 HOH A O   1 
HETATM 1148 O O   . HOH C 3 .   ? -15.271 12.849  8.703   1.00 55.15  ? 453 HOH A O   1 
HETATM 1149 O O   . HOH C 3 .   ? 15.237  1.470   -6.996  1.00 44.82  ? 454 HOH A O   1 
HETATM 1150 O O   . HOH C 3 .   ? -14.957 18.156  19.086  1.00 62.82  ? 455 HOH A O   1 
# 
